data_1SRA
# 
_entry.id   1SRA 
# 
_audit_conform.dict_name       mmcif_pdbx.dic 
_audit_conform.dict_version    5.399 
_audit_conform.dict_location   http://mmcif.pdb.org/dictionaries/ascii/mmcif_pdbx.dic 
# 
loop_
_database_2.database_id 
_database_2.database_code 
_database_2.pdbx_database_accession 
_database_2.pdbx_DOI 
PDB   1SRA         pdb_00001sra 10.2210/pdb1sra/pdb 
WWPDB D_1000176473 ?            ?                   
# 
loop_
_pdbx_audit_revision_history.ordinal 
_pdbx_audit_revision_history.data_content_type 
_pdbx_audit_revision_history.major_revision 
_pdbx_audit_revision_history.minor_revision 
_pdbx_audit_revision_history.revision_date 
1 'Structure model' 1 0 1996-03-08 
2 'Structure model' 1 1 2008-03-03 
3 'Structure model' 1 2 2011-07-13 
4 'Structure model' 1 3 2024-11-20 
# 
_pdbx_audit_revision_details.ordinal             1 
_pdbx_audit_revision_details.revision_ordinal    1 
_pdbx_audit_revision_details.data_content_type   'Structure model' 
_pdbx_audit_revision_details.provider            repository 
_pdbx_audit_revision_details.type                'Initial release' 
_pdbx_audit_revision_details.description         ? 
_pdbx_audit_revision_details.details             ? 
# 
loop_
_pdbx_audit_revision_group.ordinal 
_pdbx_audit_revision_group.revision_ordinal 
_pdbx_audit_revision_group.data_content_type 
_pdbx_audit_revision_group.group 
1 2 'Structure model' 'Version format compliance' 
2 3 'Structure model' 'Version format compliance' 
3 4 'Structure model' 'Data collection'           
4 4 'Structure model' 'Database references'       
5 4 'Structure model' 'Derived calculations'      
6 4 'Structure model' 'Structure summary'         
# 
loop_
_pdbx_audit_revision_category.ordinal 
_pdbx_audit_revision_category.revision_ordinal 
_pdbx_audit_revision_category.data_content_type 
_pdbx_audit_revision_category.category 
1 4 'Structure model' chem_comp_atom            
2 4 'Structure model' chem_comp_bond            
3 4 'Structure model' database_2                
4 4 'Structure model' pdbx_entry_details        
5 4 'Structure model' pdbx_modification_feature 
6 4 'Structure model' pdbx_struct_conn_angle    
7 4 'Structure model' struct_conn               
8 4 'Structure model' struct_site               
# 
loop_
_pdbx_audit_revision_item.ordinal 
_pdbx_audit_revision_item.revision_ordinal 
_pdbx_audit_revision_item.data_content_type 
_pdbx_audit_revision_item.item 
1  4 'Structure model' '_database_2.pdbx_DOI'                         
2  4 'Structure model' '_database_2.pdbx_database_accession'          
3  4 'Structure model' '_pdbx_entry_details.has_protein_modification' 
4  4 'Structure model' '_pdbx_struct_conn_angle.ptnr1_auth_comp_id'   
5  4 'Structure model' '_pdbx_struct_conn_angle.ptnr1_auth_seq_id'    
6  4 'Structure model' '_pdbx_struct_conn_angle.ptnr1_label_asym_id'  
7  4 'Structure model' '_pdbx_struct_conn_angle.ptnr1_label_atom_id'  
8  4 'Structure model' '_pdbx_struct_conn_angle.ptnr1_label_comp_id'  
9  4 'Structure model' '_pdbx_struct_conn_angle.ptnr1_label_seq_id'   
10 4 'Structure model' '_pdbx_struct_conn_angle.ptnr2_auth_seq_id'    
11 4 'Structure model' '_pdbx_struct_conn_angle.ptnr2_label_asym_id'  
12 4 'Structure model' '_pdbx_struct_conn_angle.ptnr3_auth_comp_id'   
13 4 'Structure model' '_pdbx_struct_conn_angle.ptnr3_auth_seq_id'    
14 4 'Structure model' '_pdbx_struct_conn_angle.ptnr3_label_asym_id'  
15 4 'Structure model' '_pdbx_struct_conn_angle.ptnr3_label_atom_id'  
16 4 'Structure model' '_pdbx_struct_conn_angle.ptnr3_label_comp_id'  
17 4 'Structure model' '_pdbx_struct_conn_angle.ptnr3_label_seq_id'   
18 4 'Structure model' '_pdbx_struct_conn_angle.value'                
19 4 'Structure model' '_struct_conn.pdbx_dist_value'                 
20 4 'Structure model' '_struct_conn.ptnr1_auth_comp_id'              
21 4 'Structure model' '_struct_conn.ptnr1_auth_seq_id'               
22 4 'Structure model' '_struct_conn.ptnr1_label_asym_id'             
23 4 'Structure model' '_struct_conn.ptnr1_label_atom_id'             
24 4 'Structure model' '_struct_conn.ptnr1_label_comp_id'             
25 4 'Structure model' '_struct_conn.ptnr1_label_seq_id'              
26 4 'Structure model' '_struct_conn.ptnr2_auth_comp_id'              
27 4 'Structure model' '_struct_conn.ptnr2_auth_seq_id'               
28 4 'Structure model' '_struct_conn.ptnr2_label_asym_id'             
29 4 'Structure model' '_struct_conn.ptnr2_label_atom_id'             
30 4 'Structure model' '_struct_conn.ptnr2_label_comp_id'             
31 4 'Structure model' '_struct_conn.ptnr2_label_seq_id'              
32 4 'Structure model' '_struct_site.pdbx_auth_asym_id'               
33 4 'Structure model' '_struct_site.pdbx_auth_comp_id'               
34 4 'Structure model' '_struct_site.pdbx_auth_seq_id'                
# 
_pdbx_database_status.status_code                     REL 
_pdbx_database_status.entry_id                        1SRA 
_pdbx_database_status.recvd_initial_deposition_date   1995-08-21 
_pdbx_database_status.deposit_site                    ? 
_pdbx_database_status.process_site                    BNL 
_pdbx_database_status.SG_entry                        . 
_pdbx_database_status.pdb_format_compatible           Y 
_pdbx_database_status.status_code_mr                  ? 
_pdbx_database_status.status_code_sf                  ? 
_pdbx_database_status.status_code_cs                  ? 
_pdbx_database_status.status_code_nmr_data            ? 
_pdbx_database_status.methods_development_category    ? 
# 
loop_
_audit_author.name 
_audit_author.pdbx_ordinal 
'Hohenester, E.'  1 
'Maurer, P.'      2 
'Hohenadl, C.'    3 
'Timpl, R.'       4 
'Jansonius, J.N.' 5 
'Engel, J.'       6 
# 
loop_
_citation.id 
_citation.title 
_citation.journal_abbrev 
_citation.journal_volume 
_citation.page_first 
_citation.page_last 
_citation.year 
_citation.journal_id_ASTM 
_citation.country 
_citation.journal_id_ISSN 
_citation.journal_id_CSD 
_citation.book_publisher 
_citation.pdbx_database_id_PubMed 
_citation.pdbx_database_id_DOI 
primary 'Structure of a novel extracellular Ca(2+)-binding module in BM-40.' Nat.Struct.Biol. 3   67  73 1996 NSBIEW US 1072-8368 
2024 ? 8548457 10.1038/nsb0196-67 
1       
;The C-Terminal Portion of Bm-40 (Sparc(Slash)Osteonectin) is an Autonomously Folding and Crystallisable Domain that Binds Calcium and Collagen Iv
;
J.Mol.Biol.      253 347 ?  1995 JMOBAK UK 0022-2836 0070 ? ?       ?                  
2       'The Biology of Sparc, a Protein that Modulates Cell-Matrix Interactions' 'Faseb J.'       8   163 ?  1994 FAJOEC US 
0892-6638 2074 ? ?       ?                  
# 
loop_
_citation_author.citation_id 
_citation_author.name 
_citation_author.ordinal 
_citation_author.identifier_ORCID 
primary 'Hohenester, E.'  1  ? 
primary 'Maurer, P.'      2  ? 
primary 'Hohenadl, C.'    3  ? 
primary 'Timpl, R.'       4  ? 
primary 'Jansonius, J.N.' 5  ? 
primary 'Engel, J.'       6  ? 
1       'Maurer, P.'      7  ? 
1       'Hohenadl, C.'    8  ? 
1       'Hohenester, E.'  9  ? 
1       'Gohring, W.'     10 ? 
1       'Timpl, R.'       11 ? 
1       'Engel, J.'       12 ? 
2       'Lane, T.F.'      13 ? 
2       'Sage, E.H.'      14 ? 
# 
loop_
_entity.id 
_entity.type 
_entity.src_method 
_entity.pdbx_description 
_entity.formula_weight 
_entity.pdbx_number_of_molecules 
_entity.pdbx_ec 
_entity.pdbx_mutation 
_entity.pdbx_fragment 
_entity.details 
1 polymer     man SPARC         17940.428 1   ? ? 'CARBOXY-TERMINAL DOMAIN (RESIDUES 136 - 286)' 
'CRYSTALLIZED FROM 0.7 M K, NA-TARTRATE, PH 7.5 + 2 MM CACL2' 
2 non-polymer syn 'CALCIUM ION' 40.078    3   ? ? ?                                              ? 
3 water       nat water         18.015    112 ? ? ?                                              ? 
# 
_entity_name_com.entity_id   1 
_entity_name_com.name        'BM-40, OSTEONECTIN' 
# 
_entity_poly.entity_id                      1 
_entity_poly.type                           'polypeptide(L)' 
_entity_poly.nstd_linkage                   no 
_entity_poly.nstd_monomer                   no 
_entity_poly.pdbx_seq_one_letter_code       
;PPCLDSELTEFPLRMRDWLKNVLVTLYERDEDNNLLTEKQKLRVKKIHENEKRLEAGDHPVELLARDFEKNYNMYIFPVH
WQFGQLDQHPIDGYLSHTELAPLRAPLIPMEHCTTRFFETCDLDNDKYIALDEWAGCFGIKQKDIDKDLVI
;
_entity_poly.pdbx_seq_one_letter_code_can   
;PPCLDSELTEFPLRMRDWLKNVLVTLYERDEDNNLLTEKQKLRVKKIHENEKRLEAGDHPVELLARDFEKNYNMYIFPVH
WQFGQLDQHPIDGYLSHTELAPLRAPLIPMEHCTTRFFETCDLDNDKYIALDEWAGCFGIKQKDIDKDLVI
;
_entity_poly.pdbx_strand_id                 A 
_entity_poly.pdbx_target_identifier         ? 
# 
loop_
_pdbx_entity_nonpoly.entity_id 
_pdbx_entity_nonpoly.name 
_pdbx_entity_nonpoly.comp_id 
2 'CALCIUM ION' CA  
3 water         HOH 
# 
loop_
_entity_poly_seq.entity_id 
_entity_poly_seq.num 
_entity_poly_seq.mon_id 
_entity_poly_seq.hetero 
1 1   PRO n 
1 2   PRO n 
1 3   CYS n 
1 4   LEU n 
1 5   ASP n 
1 6   SER n 
1 7   GLU n 
1 8   LEU n 
1 9   THR n 
1 10  GLU n 
1 11  PHE n 
1 12  PRO n 
1 13  LEU n 
1 14  ARG n 
1 15  MET n 
1 16  ARG n 
1 17  ASP n 
1 18  TRP n 
1 19  LEU n 
1 20  LYS n 
1 21  ASN n 
1 22  VAL n 
1 23  LEU n 
1 24  VAL n 
1 25  THR n 
1 26  LEU n 
1 27  TYR n 
1 28  GLU n 
1 29  ARG n 
1 30  ASP n 
1 31  GLU n 
1 32  ASP n 
1 33  ASN n 
1 34  ASN n 
1 35  LEU n 
1 36  LEU n 
1 37  THR n 
1 38  GLU n 
1 39  LYS n 
1 40  GLN n 
1 41  LYS n 
1 42  LEU n 
1 43  ARG n 
1 44  VAL n 
1 45  LYS n 
1 46  LYS n 
1 47  ILE n 
1 48  HIS n 
1 49  GLU n 
1 50  ASN n 
1 51  GLU n 
1 52  LYS n 
1 53  ARG n 
1 54  LEU n 
1 55  GLU n 
1 56  ALA n 
1 57  GLY n 
1 58  ASP n 
1 59  HIS n 
1 60  PRO n 
1 61  VAL n 
1 62  GLU n 
1 63  LEU n 
1 64  LEU n 
1 65  ALA n 
1 66  ARG n 
1 67  ASP n 
1 68  PHE n 
1 69  GLU n 
1 70  LYS n 
1 71  ASN n 
1 72  TYR n 
1 73  ASN n 
1 74  MET n 
1 75  TYR n 
1 76  ILE n 
1 77  PHE n 
1 78  PRO n 
1 79  VAL n 
1 80  HIS n 
1 81  TRP n 
1 82  GLN n 
1 83  PHE n 
1 84  GLY n 
1 85  GLN n 
1 86  LEU n 
1 87  ASP n 
1 88  GLN n 
1 89  HIS n 
1 90  PRO n 
1 91  ILE n 
1 92  ASP n 
1 93  GLY n 
1 94  TYR n 
1 95  LEU n 
1 96  SER n 
1 97  HIS n 
1 98  THR n 
1 99  GLU n 
1 100 LEU n 
1 101 ALA n 
1 102 PRO n 
1 103 LEU n 
1 104 ARG n 
1 105 ALA n 
1 106 PRO n 
1 107 LEU n 
1 108 ILE n 
1 109 PRO n 
1 110 MET n 
1 111 GLU n 
1 112 HIS n 
1 113 CYS n 
1 114 THR n 
1 115 THR n 
1 116 ARG n 
1 117 PHE n 
1 118 PHE n 
1 119 GLU n 
1 120 THR n 
1 121 CYS n 
1 122 ASP n 
1 123 LEU n 
1 124 ASP n 
1 125 ASN n 
1 126 ASP n 
1 127 LYS n 
1 128 TYR n 
1 129 ILE n 
1 130 ALA n 
1 131 LEU n 
1 132 ASP n 
1 133 GLU n 
1 134 TRP n 
1 135 ALA n 
1 136 GLY n 
1 137 CYS n 
1 138 PHE n 
1 139 GLY n 
1 140 ILE n 
1 141 LYS n 
1 142 GLN n 
1 143 LYS n 
1 144 ASP n 
1 145 ILE n 
1 146 ASP n 
1 147 LYS n 
1 148 ASP n 
1 149 LEU n 
1 150 VAL n 
1 151 ILE n 
# 
_entity_src_gen.entity_id                          1 
_entity_src_gen.pdbx_src_id                        1 
_entity_src_gen.pdbx_alt_source_flag               sample 
_entity_src_gen.pdbx_seq_type                      ? 
_entity_src_gen.pdbx_beg_seq_num                   ? 
_entity_src_gen.pdbx_end_seq_num                   ? 
_entity_src_gen.gene_src_common_name               human 
_entity_src_gen.gene_src_genus                     Homo 
_entity_src_gen.pdbx_gene_src_gene                 'HUMAN BM-40' 
_entity_src_gen.gene_src_species                   ? 
_entity_src_gen.gene_src_strain                    ? 
_entity_src_gen.gene_src_tissue                    ? 
_entity_src_gen.gene_src_tissue_fraction           ? 
_entity_src_gen.gene_src_details                   ? 
_entity_src_gen.pdbx_gene_src_fragment             ? 
_entity_src_gen.pdbx_gene_src_scientific_name      'Homo sapiens' 
_entity_src_gen.pdbx_gene_src_ncbi_taxonomy_id     9606 
_entity_src_gen.pdbx_gene_src_variant              ? 
_entity_src_gen.pdbx_gene_src_cell_line            ? 
_entity_src_gen.pdbx_gene_src_atcc                 ? 
_entity_src_gen.pdbx_gene_src_organ                KIDNEY 
_entity_src_gen.pdbx_gene_src_organelle            ? 
_entity_src_gen.pdbx_gene_src_cell                 ? 
_entity_src_gen.pdbx_gene_src_cellular_location    ? 
_entity_src_gen.host_org_common_name               human 
_entity_src_gen.pdbx_host_org_scientific_name      'Homo sapiens' 
_entity_src_gen.pdbx_host_org_ncbi_taxonomy_id     9606 
_entity_src_gen.host_org_genus                     Homo 
_entity_src_gen.pdbx_host_org_gene                 'HUMAN BM-40' 
_entity_src_gen.pdbx_host_org_organ                ? 
_entity_src_gen.host_org_species                   ? 
_entity_src_gen.pdbx_host_org_tissue               ? 
_entity_src_gen.pdbx_host_org_tissue_fraction      ? 
_entity_src_gen.pdbx_host_org_strain               ? 
_entity_src_gen.pdbx_host_org_variant              ? 
_entity_src_gen.pdbx_host_org_cell_line            'HUMAN EMBRYONIC KIDNEY CELLS (293, ATCC CRL 1573)' 
_entity_src_gen.pdbx_host_org_atcc                 1573 
_entity_src_gen.pdbx_host_org_culture_collection   ? 
_entity_src_gen.pdbx_host_org_cell                 ? 
_entity_src_gen.pdbx_host_org_organelle            ? 
_entity_src_gen.pdbx_host_org_cellular_location    ? 
_entity_src_gen.pdbx_host_org_vector_type          ? 
_entity_src_gen.pdbx_host_org_vector               ? 
_entity_src_gen.host_org_details                   ? 
_entity_src_gen.expression_system_id               ? 
_entity_src_gen.plasmid_name                       'BLUESCRIPT, PCIS' 
_entity_src_gen.plasmid_details                    ? 
_entity_src_gen.pdbx_description                   ? 
# 
loop_
_chem_comp.id 
_chem_comp.type 
_chem_comp.mon_nstd_flag 
_chem_comp.name 
_chem_comp.pdbx_synonyms 
_chem_comp.formula 
_chem_comp.formula_weight 
ALA 'L-peptide linking' y ALANINE         ? 'C3 H7 N O2'     89.093  
ARG 'L-peptide linking' y ARGININE        ? 'C6 H15 N4 O2 1' 175.209 
ASN 'L-peptide linking' y ASPARAGINE      ? 'C4 H8 N2 O3'    132.118 
ASP 'L-peptide linking' y 'ASPARTIC ACID' ? 'C4 H7 N O4'     133.103 
CA  non-polymer         . 'CALCIUM ION'   ? 'Ca 2'           40.078  
CYS 'L-peptide linking' y CYSTEINE        ? 'C3 H7 N O2 S'   121.158 
GLN 'L-peptide linking' y GLUTAMINE       ? 'C5 H10 N2 O3'   146.144 
GLU 'L-peptide linking' y 'GLUTAMIC ACID' ? 'C5 H9 N O4'     147.129 
GLY 'peptide linking'   y GLYCINE         ? 'C2 H5 N O2'     75.067  
HIS 'L-peptide linking' y HISTIDINE       ? 'C6 H10 N3 O2 1' 156.162 
HOH non-polymer         . WATER           ? 'H2 O'           18.015  
ILE 'L-peptide linking' y ISOLEUCINE      ? 'C6 H13 N O2'    131.173 
LEU 'L-peptide linking' y LEUCINE         ? 'C6 H13 N O2'    131.173 
LYS 'L-peptide linking' y LYSINE          ? 'C6 H15 N2 O2 1' 147.195 
MET 'L-peptide linking' y METHIONINE      ? 'C5 H11 N O2 S'  149.211 
PHE 'L-peptide linking' y PHENYLALANINE   ? 'C9 H11 N O2'    165.189 
PRO 'L-peptide linking' y PROLINE         ? 'C5 H9 N O2'     115.130 
SER 'L-peptide linking' y SERINE          ? 'C3 H7 N O3'     105.093 
THR 'L-peptide linking' y THREONINE       ? 'C4 H9 N O3'     119.119 
TRP 'L-peptide linking' y TRYPTOPHAN      ? 'C11 H12 N2 O2'  204.225 
TYR 'L-peptide linking' y TYROSINE        ? 'C9 H11 N O3'    181.189 
VAL 'L-peptide linking' y VALINE          ? 'C5 H11 N O2'    117.146 
# 
loop_
_pdbx_poly_seq_scheme.asym_id 
_pdbx_poly_seq_scheme.entity_id 
_pdbx_poly_seq_scheme.seq_id 
_pdbx_poly_seq_scheme.mon_id 
_pdbx_poly_seq_scheme.ndb_seq_num 
_pdbx_poly_seq_scheme.pdb_seq_num 
_pdbx_poly_seq_scheme.auth_seq_num 
_pdbx_poly_seq_scheme.pdb_mon_id 
_pdbx_poly_seq_scheme.auth_mon_id 
_pdbx_poly_seq_scheme.pdb_strand_id 
_pdbx_poly_seq_scheme.pdb_ins_code 
_pdbx_poly_seq_scheme.hetero 
A 1 1   PRO 1   136 136 PRO PRO A . n 
A 1 2   PRO 2   137 137 PRO PRO A . n 
A 1 3   CYS 3   138 138 CYS CYS A . n 
A 1 4   LEU 4   139 139 LEU LEU A . n 
A 1 5   ASP 5   140 140 ASP ASP A . n 
A 1 6   SER 6   141 141 SER SER A . n 
A 1 7   GLU 7   142 142 GLU GLU A . n 
A 1 8   LEU 8   143 143 LEU LEU A . n 
A 1 9   THR 9   144 144 THR THR A . n 
A 1 10  GLU 10  145 145 GLU GLU A . n 
A 1 11  PHE 11  146 146 PHE PHE A . n 
A 1 12  PRO 12  147 147 PRO PRO A . n 
A 1 13  LEU 13  148 148 LEU LEU A . n 
A 1 14  ARG 14  149 149 ARG ARG A . n 
A 1 15  MET 15  150 150 MET MET A . n 
A 1 16  ARG 16  151 151 ARG ARG A . n 
A 1 17  ASP 17  152 152 ASP ASP A . n 
A 1 18  TRP 18  153 153 TRP TRP A . n 
A 1 19  LEU 19  154 154 LEU LEU A . n 
A 1 20  LYS 20  155 155 LYS LYS A . n 
A 1 21  ASN 21  156 156 ASN ASN A . n 
A 1 22  VAL 22  157 157 VAL VAL A . n 
A 1 23  LEU 23  158 158 LEU LEU A . n 
A 1 24  VAL 24  159 159 VAL VAL A . n 
A 1 25  THR 25  160 160 THR THR A . n 
A 1 26  LEU 26  161 161 LEU LEU A . n 
A 1 27  TYR 27  162 162 TYR TYR A . n 
A 1 28  GLU 28  163 163 GLU GLU A . n 
A 1 29  ARG 29  164 164 ARG ARG A . n 
A 1 30  ASP 30  165 165 ASP ASP A . n 
A 1 31  GLU 31  166 166 GLU GLU A . n 
A 1 32  ASP 32  167 167 ASP ASP A . n 
A 1 33  ASN 33  168 168 ASN ASN A . n 
A 1 34  ASN 34  169 169 ASN ASN A . n 
A 1 35  LEU 35  170 170 LEU LEU A . n 
A 1 36  LEU 36  171 171 LEU LEU A . n 
A 1 37  THR 37  172 172 THR THR A . n 
A 1 38  GLU 38  173 173 GLU GLU A . n 
A 1 39  LYS 39  174 174 LYS LYS A . n 
A 1 40  GLN 40  175 175 GLN GLN A . n 
A 1 41  LYS 41  176 176 LYS LYS A . n 
A 1 42  LEU 42  177 177 LEU LEU A . n 
A 1 43  ARG 43  178 178 ARG ARG A . n 
A 1 44  VAL 44  179 179 VAL VAL A . n 
A 1 45  LYS 45  180 180 LYS LYS A . n 
A 1 46  LYS 46  181 181 LYS LYS A . n 
A 1 47  ILE 47  182 182 ILE ILE A . n 
A 1 48  HIS 48  183 183 HIS HIS A . n 
A 1 49  GLU 49  184 184 GLU GLU A . n 
A 1 50  ASN 50  185 185 ASN ASN A . n 
A 1 51  GLU 51  186 186 GLU GLU A . n 
A 1 52  LYS 52  187 187 LYS LYS A . n 
A 1 53  ARG 53  188 188 ARG ARG A . n 
A 1 54  LEU 54  189 189 LEU LEU A . n 
A 1 55  GLU 55  190 190 GLU GLU A . n 
A 1 56  ALA 56  191 191 ALA ALA A . n 
A 1 57  GLY 57  192 192 GLY GLY A . n 
A 1 58  ASP 58  193 193 ASP ASP A . n 
A 1 59  HIS 59  194 194 HIS HIS A . n 
A 1 60  PRO 60  195 195 PRO PRO A . n 
A 1 61  VAL 61  196 196 VAL VAL A . n 
A 1 62  GLU 62  197 197 GLU GLU A . n 
A 1 63  LEU 63  198 198 LEU LEU A . n 
A 1 64  LEU 64  199 199 LEU LEU A . n 
A 1 65  ALA 65  200 200 ALA ALA A . n 
A 1 66  ARG 66  201 201 ARG ARG A . n 
A 1 67  ASP 67  202 202 ASP ASP A . n 
A 1 68  PHE 68  203 203 PHE PHE A . n 
A 1 69  GLU 69  204 204 GLU GLU A . n 
A 1 70  LYS 70  205 205 LYS LYS A . n 
A 1 71  ASN 71  206 206 ASN ASN A . n 
A 1 72  TYR 72  207 207 TYR TYR A . n 
A 1 73  ASN 73  208 208 ASN ASN A . n 
A 1 74  MET 74  209 209 MET MET A . n 
A 1 75  TYR 75  210 210 TYR TYR A . n 
A 1 76  ILE 76  211 211 ILE ILE A . n 
A 1 77  PHE 77  212 212 PHE PHE A . n 
A 1 78  PRO 78  213 213 PRO PRO A . n 
A 1 79  VAL 79  214 214 VAL VAL A . n 
A 1 80  HIS 80  215 215 HIS HIS A . n 
A 1 81  TRP 81  216 216 TRP TRP A . n 
A 1 82  GLN 82  217 217 GLN GLN A . n 
A 1 83  PHE 83  218 218 PHE PHE A . n 
A 1 84  GLY 84  219 219 GLY GLY A . n 
A 1 85  GLN 85  220 220 GLN GLN A . n 
A 1 86  LEU 86  221 221 LEU LEU A . n 
A 1 87  ASP 87  222 222 ASP ASP A . n 
A 1 88  GLN 88  223 223 GLN GLN A . n 
A 1 89  HIS 89  224 224 HIS HIS A . n 
A 1 90  PRO 90  225 225 PRO PRO A . n 
A 1 91  ILE 91  226 226 ILE ILE A . n 
A 1 92  ASP 92  227 227 ASP ASP A . n 
A 1 93  GLY 93  228 228 GLY GLY A . n 
A 1 94  TYR 94  229 229 TYR TYR A . n 
A 1 95  LEU 95  230 230 LEU LEU A . n 
A 1 96  SER 96  231 231 SER SER A . n 
A 1 97  HIS 97  232 232 HIS HIS A . n 
A 1 98  THR 98  233 233 THR THR A . n 
A 1 99  GLU 99  234 234 GLU GLU A . n 
A 1 100 LEU 100 235 235 LEU LEU A . n 
A 1 101 ALA 101 236 236 ALA ALA A . n 
A 1 102 PRO 102 237 237 PRO PRO A . n 
A 1 103 LEU 103 238 238 LEU LEU A . n 
A 1 104 ARG 104 239 239 ARG ARG A . n 
A 1 105 ALA 105 240 240 ALA ALA A . n 
A 1 106 PRO 106 241 241 PRO PRO A . n 
A 1 107 LEU 107 242 242 LEU LEU A . n 
A 1 108 ILE 108 243 243 ILE ILE A . n 
A 1 109 PRO 109 244 244 PRO PRO A . n 
A 1 110 MET 110 245 245 MET MET A . n 
A 1 111 GLU 111 246 246 GLU GLU A . n 
A 1 112 HIS 112 247 247 HIS HIS A . n 
A 1 113 CYS 113 248 248 CYS CYS A . n 
A 1 114 THR 114 249 249 THR THR A . n 
A 1 115 THR 115 250 250 THR THR A . n 
A 1 116 ARG 116 251 251 ARG ARG A . n 
A 1 117 PHE 117 252 252 PHE PHE A . n 
A 1 118 PHE 118 253 253 PHE PHE A . n 
A 1 119 GLU 119 254 254 GLU GLU A . n 
A 1 120 THR 120 255 255 THR THR A . n 
A 1 121 CYS 121 256 256 CYS CYS A . n 
A 1 122 ASP 122 257 257 ASP ASP A . n 
A 1 123 LEU 123 258 258 LEU LEU A . n 
A 1 124 ASP 124 259 259 ASP ASP A . n 
A 1 125 ASN 125 260 260 ASN ASN A . n 
A 1 126 ASP 126 261 261 ASP ASP A . n 
A 1 127 LYS 127 262 262 LYS LYS A . n 
A 1 128 TYR 128 263 263 TYR TYR A . n 
A 1 129 ILE 129 264 264 ILE ILE A . n 
A 1 130 ALA 130 265 265 ALA ALA A . n 
A 1 131 LEU 131 266 266 LEU LEU A . n 
A 1 132 ASP 132 267 267 ASP ASP A . n 
A 1 133 GLU 133 268 268 GLU GLU A . n 
A 1 134 TRP 134 269 269 TRP TRP A . n 
A 1 135 ALA 135 270 270 ALA ALA A . n 
A 1 136 GLY 136 271 271 GLY GLY A . n 
A 1 137 CYS 137 272 272 CYS CYS A . n 
A 1 138 PHE 138 273 273 PHE PHE A . n 
A 1 139 GLY 139 274 274 GLY GLY A . n 
A 1 140 ILE 140 275 275 ILE ILE A . n 
A 1 141 LYS 141 276 276 LYS LYS A . n 
A 1 142 GLN 142 277 277 GLN GLN A . n 
A 1 143 LYS 143 278 278 LYS LYS A . n 
A 1 144 ASP 144 279 279 ASP ASP A . n 
A 1 145 ILE 145 280 280 ILE ILE A . n 
A 1 146 ASP 146 281 281 ASP ASP A . n 
A 1 147 LYS 147 282 282 LYS LYS A . n 
A 1 148 ASP 148 283 283 ASP ASP A . n 
A 1 149 LEU 149 284 284 LEU LEU A . n 
A 1 150 VAL 150 285 285 VAL VAL A . n 
A 1 151 ILE 151 286 286 ILE ILE A . n 
# 
loop_
_pdbx_nonpoly_scheme.asym_id 
_pdbx_nonpoly_scheme.entity_id 
_pdbx_nonpoly_scheme.mon_id 
_pdbx_nonpoly_scheme.ndb_seq_num 
_pdbx_nonpoly_scheme.pdb_seq_num 
_pdbx_nonpoly_scheme.auth_seq_num 
_pdbx_nonpoly_scheme.pdb_mon_id 
_pdbx_nonpoly_scheme.auth_mon_id 
_pdbx_nonpoly_scheme.pdb_strand_id 
_pdbx_nonpoly_scheme.pdb_ins_code 
B 2 CA  1   301 301 CA  CA  A . 
C 2 CA  1   302 302 CA  CA  A . 
D 2 CA  1   303 303 CA  CA  A . 
E 3 HOH 1   401 401 HOH HOH A . 
E 3 HOH 2   402 402 HOH HOH A . 
E 3 HOH 3   403 403 HOH HOH A . 
E 3 HOH 4   404 404 HOH HOH A . 
E 3 HOH 5   405 405 HOH HOH A . 
E 3 HOH 6   406 406 HOH HOH A . 
E 3 HOH 7   407 407 HOH HOH A . 
E 3 HOH 8   408 408 HOH HOH A . 
E 3 HOH 9   409 409 HOH HOH A . 
E 3 HOH 10  410 410 HOH HOH A . 
E 3 HOH 11  411 411 HOH HOH A . 
E 3 HOH 12  412 412 HOH HOH A . 
E 3 HOH 13  413 413 HOH HOH A . 
E 3 HOH 14  414 414 HOH HOH A . 
E 3 HOH 15  415 415 HOH HOH A . 
E 3 HOH 16  416 416 HOH HOH A . 
E 3 HOH 17  417 417 HOH HOH A . 
E 3 HOH 18  418 418 HOH HOH A . 
E 3 HOH 19  419 419 HOH HOH A . 
E 3 HOH 20  420 420 HOH HOH A . 
E 3 HOH 21  421 421 HOH HOH A . 
E 3 HOH 22  422 422 HOH HOH A . 
E 3 HOH 23  423 423 HOH HOH A . 
E 3 HOH 24  424 424 HOH HOH A . 
E 3 HOH 25  425 425 HOH HOH A . 
E 3 HOH 26  426 426 HOH HOH A . 
E 3 HOH 27  427 427 HOH HOH A . 
E 3 HOH 28  428 428 HOH HOH A . 
E 3 HOH 29  429 429 HOH HOH A . 
E 3 HOH 30  430 430 HOH HOH A . 
E 3 HOH 31  431 431 HOH HOH A . 
E 3 HOH 32  432 432 HOH HOH A . 
E 3 HOH 33  433 433 HOH HOH A . 
E 3 HOH 34  434 434 HOH HOH A . 
E 3 HOH 35  435 435 HOH HOH A . 
E 3 HOH 36  436 436 HOH HOH A . 
E 3 HOH 37  437 437 HOH HOH A . 
E 3 HOH 38  438 438 HOH HOH A . 
E 3 HOH 39  439 439 HOH HOH A . 
E 3 HOH 40  440 440 HOH HOH A . 
E 3 HOH 41  441 441 HOH HOH A . 
E 3 HOH 42  442 442 HOH HOH A . 
E 3 HOH 43  443 443 HOH HOH A . 
E 3 HOH 44  444 444 HOH HOH A . 
E 3 HOH 45  445 445 HOH HOH A . 
E 3 HOH 46  446 446 HOH HOH A . 
E 3 HOH 47  447 447 HOH HOH A . 
E 3 HOH 48  448 448 HOH HOH A . 
E 3 HOH 49  449 449 HOH HOH A . 
E 3 HOH 50  450 450 HOH HOH A . 
E 3 HOH 51  451 451 HOH HOH A . 
E 3 HOH 52  452 452 HOH HOH A . 
E 3 HOH 53  453 453 HOH HOH A . 
E 3 HOH 54  454 454 HOH HOH A . 
E 3 HOH 55  455 455 HOH HOH A . 
E 3 HOH 56  456 456 HOH HOH A . 
E 3 HOH 57  457 457 HOH HOH A . 
E 3 HOH 58  458 458 HOH HOH A . 
E 3 HOH 59  459 459 HOH HOH A . 
E 3 HOH 60  460 460 HOH HOH A . 
E 3 HOH 61  461 461 HOH HOH A . 
E 3 HOH 62  462 462 HOH HOH A . 
E 3 HOH 63  463 463 HOH HOH A . 
E 3 HOH 64  464 464 HOH HOH A . 
E 3 HOH 65  465 465 HOH HOH A . 
E 3 HOH 66  466 466 HOH HOH A . 
E 3 HOH 67  467 467 HOH HOH A . 
E 3 HOH 68  468 468 HOH HOH A . 
E 3 HOH 69  469 469 HOH HOH A . 
E 3 HOH 70  470 470 HOH HOH A . 
E 3 HOH 71  471 471 HOH HOH A . 
E 3 HOH 72  472 472 HOH HOH A . 
E 3 HOH 73  473 473 HOH HOH A . 
E 3 HOH 74  474 474 HOH HOH A . 
E 3 HOH 75  475 475 HOH HOH A . 
E 3 HOH 76  476 476 HOH HOH A . 
E 3 HOH 77  477 477 HOH HOH A . 
E 3 HOH 78  478 478 HOH HOH A . 
E 3 HOH 79  479 479 HOH HOH A . 
E 3 HOH 80  480 480 HOH HOH A . 
E 3 HOH 81  481 481 HOH HOH A . 
E 3 HOH 82  482 482 HOH HOH A . 
E 3 HOH 83  483 483 HOH HOH A . 
E 3 HOH 84  484 484 HOH HOH A . 
E 3 HOH 85  485 485 HOH HOH A . 
E 3 HOH 86  486 486 HOH HOH A . 
E 3 HOH 87  487 487 HOH HOH A . 
E 3 HOH 88  488 488 HOH HOH A . 
E 3 HOH 89  489 489 HOH HOH A . 
E 3 HOH 90  490 490 HOH HOH A . 
E 3 HOH 91  491 491 HOH HOH A . 
E 3 HOH 92  492 492 HOH HOH A . 
E 3 HOH 93  493 493 HOH HOH A . 
E 3 HOH 94  494 494 HOH HOH A . 
E 3 HOH 95  495 495 HOH HOH A . 
E 3 HOH 96  496 496 HOH HOH A . 
E 3 HOH 97  497 497 HOH HOH A . 
E 3 HOH 98  498 498 HOH HOH A . 
E 3 HOH 99  499 499 HOH HOH A . 
E 3 HOH 100 500 500 HOH HOH A . 
E 3 HOH 101 501 501 HOH HOH A . 
E 3 HOH 102 502 502 HOH HOH A . 
E 3 HOH 103 503 503 HOH HOH A . 
E 3 HOH 104 504 504 HOH HOH A . 
E 3 HOH 105 505 505 HOH HOH A . 
E 3 HOH 106 506 506 HOH HOH A . 
E 3 HOH 107 507 507 HOH HOH A . 
E 3 HOH 108 508 508 HOH HOH A . 
E 3 HOH 109 509 509 HOH HOH A . 
E 3 HOH 110 510 510 HOH HOH A . 
E 3 HOH 111 511 511 HOH HOH A . 
E 3 HOH 112 512 512 HOH HOH A . 
# 
loop_
_pdbx_unobs_or_zero_occ_atoms.id 
_pdbx_unobs_or_zero_occ_atoms.PDB_model_num 
_pdbx_unobs_or_zero_occ_atoms.polymer_flag 
_pdbx_unobs_or_zero_occ_atoms.occupancy_flag 
_pdbx_unobs_or_zero_occ_atoms.auth_asym_id 
_pdbx_unobs_or_zero_occ_atoms.auth_comp_id 
_pdbx_unobs_or_zero_occ_atoms.auth_seq_id 
_pdbx_unobs_or_zero_occ_atoms.PDB_ins_code 
_pdbx_unobs_or_zero_occ_atoms.auth_atom_id 
_pdbx_unobs_or_zero_occ_atoms.label_alt_id 
_pdbx_unobs_or_zero_occ_atoms.label_asym_id 
_pdbx_unobs_or_zero_occ_atoms.label_comp_id 
_pdbx_unobs_or_zero_occ_atoms.label_seq_id 
_pdbx_unobs_or_zero_occ_atoms.label_atom_id 
1  1 Y 0 A GLU 173 ? CG  ? A GLU 38  CG  
2  1 Y 0 A GLU 173 ? CD  ? A GLU 38  CD  
3  1 Y 0 A GLU 173 ? OE1 ? A GLU 38  OE1 
4  1 Y 0 A GLU 173 ? OE2 ? A GLU 38  OE2 
5  1 Y 0 A LYS 174 ? CG  ? A LYS 39  CG  
6  1 Y 0 A LYS 174 ? CD  ? A LYS 39  CD  
7  1 Y 0 A LYS 174 ? CE  ? A LYS 39  CE  
8  1 Y 0 A LYS 174 ? NZ  ? A LYS 39  NZ  
9  1 Y 0 A LYS 181 ? CG  ? A LYS 46  CG  
10 1 Y 0 A LYS 181 ? CD  ? A LYS 46  CD  
11 1 Y 0 A LYS 181 ? CE  ? A LYS 46  CE  
12 1 Y 0 A LYS 181 ? NZ  ? A LYS 46  NZ  
13 1 Y 0 A GLU 186 ? CG  ? A GLU 51  CG  
14 1 Y 0 A GLU 186 ? CD  ? A GLU 51  CD  
15 1 Y 0 A GLU 186 ? OE1 ? A GLU 51  OE1 
16 1 Y 0 A GLU 186 ? OE2 ? A GLU 51  OE2 
17 1 Y 0 A GLU 190 ? CG  ? A GLU 55  CG  
18 1 Y 0 A GLU 190 ? CD  ? A GLU 55  CD  
19 1 Y 0 A GLU 190 ? OE1 ? A GLU 55  OE1 
20 1 Y 0 A GLU 190 ? OE2 ? A GLU 55  OE2 
21 1 Y 0 A ASP 193 ? CB  ? A ASP 58  CB  
22 1 Y 0 A ASP 193 ? CG  ? A ASP 58  CG  
23 1 Y 0 A ASP 193 ? OD1 ? A ASP 58  OD1 
24 1 Y 0 A ASP 193 ? OD2 ? A ASP 58  OD2 
25 1 Y 0 A ASN 208 ? CG  ? A ASN 73  CG  
26 1 Y 0 A ASN 208 ? OD1 ? A ASN 73  OD1 
27 1 Y 0 A ASN 208 ? ND2 ? A ASN 73  ND2 
28 1 Y 0 A GLU 254 ? CG  ? A GLU 119 CG  
29 1 Y 0 A GLU 254 ? CD  ? A GLU 119 CD  
30 1 Y 0 A GLU 254 ? OE1 ? A GLU 119 OE1 
31 1 Y 0 A GLU 254 ? OE2 ? A GLU 119 OE2 
32 1 Y 0 A LYS 276 ? CE  ? A LYS 141 CE  
33 1 Y 0 A LYS 276 ? NZ  ? A LYS 141 NZ  
34 1 Y 0 A GLN 277 ? CG  ? A GLN 142 CG  
35 1 Y 0 A GLN 277 ? CD  ? A GLN 142 CD  
36 1 Y 0 A GLN 277 ? OE1 ? A GLN 142 OE1 
37 1 Y 0 A GLN 277 ? NE2 ? A GLN 142 NE2 
38 1 Y 0 A LYS 278 ? CE  ? A LYS 143 CE  
39 1 Y 0 A LYS 278 ? NZ  ? A LYS 143 NZ  
40 1 Y 0 A LYS 282 ? CE  ? A LYS 147 CE  
41 1 Y 0 A LYS 282 ? NZ  ? A LYS 147 NZ  
42 1 Y 0 A ASP 283 ? OD1 ? A ASP 148 OD1 
43 1 Y 0 A ASP 283 ? OD2 ? A ASP 148 OD2 
# 
loop_
_software.name 
_software.classification 
_software.version 
_software.citation_id 
_software.pdbx_ordinal 
MOSFLM 'data reduction' .   ? 1 
X-PLOR 'model building' 3.1 ? 2 
X-PLOR refinement       3.1 ? 3 
X-PLOR phasing          3.1 ? 4 
# 
_cell.entry_id           1SRA 
_cell.length_a           54.700 
_cell.length_b           55.200 
_cell.length_c           75.500 
_cell.angle_alpha        90.00 
_cell.angle_beta         90.00 
_cell.angle_gamma        90.00 
_cell.Z_PDB              4 
_cell.pdbx_unique_axis   ? 
# 
_symmetry.entry_id                         1SRA 
_symmetry.space_group_name_H-M             'P 21 21 21' 
_symmetry.pdbx_full_space_group_name_H-M   ? 
_symmetry.cell_setting                     ? 
_symmetry.Int_Tables_number                19 
# 
_exptl.entry_id          1SRA 
_exptl.method            'X-RAY DIFFRACTION' 
_exptl.crystals_number   ? 
# 
_exptl_crystal.id                    1 
_exptl_crystal.density_meas          ? 
_exptl_crystal.density_Matthews      3.18 
_exptl_crystal.density_percent_sol   61.26 
_exptl_crystal.description           ? 
# 
_exptl_crystal_grow.crystal_id      1 
_exptl_crystal_grow.method          ? 
_exptl_crystal_grow.temp            ? 
_exptl_crystal_grow.temp_details    ? 
_exptl_crystal_grow.pH              7.5 
_exptl_crystal_grow.pdbx_pH_range   ? 
_exptl_crystal_grow.pdbx_details    'pH 7.5' 
# 
_diffrn.id                     1 
_diffrn.ambient_temp           ? 
_diffrn.ambient_temp_details   ? 
_diffrn.crystal_id             1 
# 
_diffrn_detector.diffrn_id              1 
_diffrn_detector.detector               'IMAGE PLATE' 
_diffrn_detector.type                   MARRESEARCH 
_diffrn_detector.pdbx_collection_date   1995-04-05 
_diffrn_detector.details                ? 
# 
_diffrn_radiation.diffrn_id                        1 
_diffrn_radiation.wavelength_id                    1 
_diffrn_radiation.pdbx_monochromatic_or_laue_m_l   M 
_diffrn_radiation.monochromator                    ? 
_diffrn_radiation.pdbx_diffrn_protocol             ? 
_diffrn_radiation.pdbx_scattering_type             x-ray 
# 
_diffrn_radiation_wavelength.id           1 
_diffrn_radiation_wavelength.wavelength   1.02 
_diffrn_radiation_wavelength.wt           1.0 
# 
_diffrn_source.diffrn_id                   1 
_diffrn_source.source                      SYNCHROTRON 
_diffrn_source.type                        'MPG/DESY, HAMBURG BEAMLINE BW6' 
_diffrn_source.pdbx_synchrotron_site       'MPG/DESY, HAMBURG' 
_diffrn_source.pdbx_synchrotron_beamline   BW6 
_diffrn_source.pdbx_wavelength             1.02 
_diffrn_source.pdbx_wavelength_list        ? 
# 
_reflns.entry_id                     1SRA 
_reflns.observed_criterion_sigma_I   0.0 
_reflns.observed_criterion_sigma_F   ? 
_reflns.d_resolution_low             20.0 
_reflns.d_resolution_high            2.0 
_reflns.number_obs                   15597 
_reflns.number_all                   ? 
_reflns.percent_possible_obs         98.5 
_reflns.pdbx_Rmerge_I_obs            0.063 
_reflns.pdbx_Rsym_value              ? 
_reflns.pdbx_netI_over_sigmaI        ? 
_reflns.B_iso_Wilson_estimate        ? 
_reflns.pdbx_redundancy              3.6 
_reflns.pdbx_diffrn_id               1 
_reflns.pdbx_ordinal                 1 
# 
_refine.entry_id                                 1SRA 
_refine.ls_number_reflns_obs                     13737 
_refine.ls_number_reflns_all                     ? 
_refine.pdbx_ls_sigma_I                          ? 
_refine.pdbx_ls_sigma_F                          0. 
_refine.pdbx_data_cutoff_high_absF               ? 
_refine.pdbx_data_cutoff_low_absF                ? 
_refine.pdbx_data_cutoff_high_rms_absF           ? 
_refine.ls_d_res_low                             8.0 
_refine.ls_d_res_high                            2.0 
_refine.ls_percent_reflns_obs                    87.1 
_refine.ls_R_factor_obs                          0.196 
_refine.ls_R_factor_all                          ? 
_refine.ls_R_factor_R_work                       0.196 
_refine.ls_R_factor_R_free                       0.249 
_refine.ls_R_factor_R_free_error                 ? 
_refine.ls_R_factor_R_free_error_details         ? 
_refine.ls_percent_reflns_R_free                 10.0 
_refine.ls_number_reflns_R_free                  ? 
_refine.ls_number_parameters                     ? 
_refine.ls_number_restraints                     ? 
_refine.occupancy_min                            ? 
_refine.occupancy_max                            ? 
_refine.B_iso_mean                               24.5 
_refine.aniso_B[1][1]                            ? 
_refine.aniso_B[2][2]                            ? 
_refine.aniso_B[3][3]                            ? 
_refine.aniso_B[1][2]                            ? 
_refine.aniso_B[1][3]                            ? 
_refine.aniso_B[2][3]                            ? 
_refine.solvent_model_details                    ? 
_refine.solvent_model_param_ksol                 ? 
_refine.solvent_model_param_bsol                 ? 
_refine.pdbx_ls_cross_valid_method               ? 
_refine.details                                  ? 
_refine.pdbx_starting_model                      ? 
_refine.pdbx_method_to_determine_struct          ? 
_refine.pdbx_isotropic_thermal_model             ? 
_refine.pdbx_stereochemistry_target_values       ? 
_refine.pdbx_stereochem_target_val_spec_case     ? 
_refine.pdbx_R_Free_selection_details            ? 
_refine.pdbx_overall_ESU_R                       ? 
_refine.pdbx_overall_ESU_R_Free                  ? 
_refine.overall_SU_ML                            ? 
_refine.overall_SU_B                             ? 
_refine.pdbx_refine_id                           'X-RAY DIFFRACTION' 
_refine.pdbx_diffrn_id                           1 
_refine.pdbx_TLS_residual_ADP_flag               ? 
_refine.correlation_coeff_Fo_to_Fc               ? 
_refine.correlation_coeff_Fo_to_Fc_free          ? 
_refine.pdbx_solvent_vdw_probe_radii             ? 
_refine.pdbx_solvent_ion_probe_radii             ? 
_refine.pdbx_solvent_shrinkage_radii             ? 
_refine.pdbx_overall_phase_error                 ? 
_refine.overall_SU_R_Cruickshank_DPI             ? 
_refine.pdbx_overall_SU_R_free_Cruickshank_DPI   ? 
_refine.pdbx_overall_SU_R_Blow_DPI               ? 
_refine.pdbx_overall_SU_R_free_Blow_DPI          ? 
# 
_refine_analyze.entry_id                        1SRA 
_refine_analyze.Luzzati_coordinate_error_obs    0.25 
_refine_analyze.Luzzati_sigma_a_obs             ? 
_refine_analyze.Luzzati_d_res_low_obs           ? 
_refine_analyze.Luzzati_coordinate_error_free   ? 
_refine_analyze.Luzzati_sigma_a_free            ? 
_refine_analyze.Luzzati_d_res_low_free          ? 
_refine_analyze.number_disordered_residues      ? 
_refine_analyze.occupancy_sum_hydrogen          ? 
_refine_analyze.occupancy_sum_non_hydrogen      ? 
_refine_analyze.pdbx_refine_id                  'X-RAY DIFFRACTION' 
# 
_refine_hist.pdbx_refine_id                   'X-RAY DIFFRACTION' 
_refine_hist.cycle_id                         LAST 
_refine_hist.pdbx_number_atoms_protein        1262 
_refine_hist.pdbx_number_atoms_nucleic_acid   0 
_refine_hist.pdbx_number_atoms_ligand         3 
_refine_hist.number_atoms_solvent             112 
_refine_hist.number_atoms_total               1377 
_refine_hist.d_res_high                       2.0 
_refine_hist.d_res_low                        8.0 
# 
loop_
_refine_ls_restr.type 
_refine_ls_restr.dev_ideal 
_refine_ls_restr.dev_ideal_target 
_refine_ls_restr.weight 
_refine_ls_restr.number 
_refine_ls_restr.pdbx_refine_id 
_refine_ls_restr.pdbx_restraint_function 
x_bond_d                0.012 ? ? ? 'X-RAY DIFFRACTION' ? 
x_bond_d_na             ?     ? ? ? 'X-RAY DIFFRACTION' ? 
x_bond_d_prot           ?     ? ? ? 'X-RAY DIFFRACTION' ? 
x_angle_d               ?     ? ? ? 'X-RAY DIFFRACTION' ? 
x_angle_d_na            ?     ? ? ? 'X-RAY DIFFRACTION' ? 
x_angle_d_prot          ?     ? ? ? 'X-RAY DIFFRACTION' ? 
x_angle_deg             1.5   ? ? ? 'X-RAY DIFFRACTION' ? 
x_angle_deg_na          ?     ? ? ? 'X-RAY DIFFRACTION' ? 
x_angle_deg_prot        ?     ? ? ? 'X-RAY DIFFRACTION' ? 
x_dihedral_angle_d      22.7  ? ? ? 'X-RAY DIFFRACTION' ? 
x_dihedral_angle_d_na   ?     ? ? ? 'X-RAY DIFFRACTION' ? 
x_dihedral_angle_d_prot ?     ? ? ? 'X-RAY DIFFRACTION' ? 
x_improper_angle_d      1.5   ? ? ? 'X-RAY DIFFRACTION' ? 
x_improper_angle_d_na   ?     ? ? ? 'X-RAY DIFFRACTION' ? 
x_improper_angle_d_prot ?     ? ? ? 'X-RAY DIFFRACTION' ? 
x_mcbond_it             ?     ? ? ? 'X-RAY DIFFRACTION' ? 
x_mcangle_it            ?     ? ? ? 'X-RAY DIFFRACTION' ? 
x_scbond_it             ?     ? ? ? 'X-RAY DIFFRACTION' ? 
x_scangle_it            ?     ? ? ? 'X-RAY DIFFRACTION' ? 
# 
_struct.entry_id                  1SRA 
_struct.title                     'STRUCTURE OF A NOVEL EXTRACELLULAR CA2+-BINDING MODULE IN BM-40(SLASH)SPARC(SLASH)OSTEONECTIN' 
_struct.pdbx_model_details        ? 
_struct.pdbx_CASP_flag            ? 
_struct.pdbx_model_type_details   ? 
# 
_struct_keywords.entry_id        1SRA 
_struct_keywords.pdbx_keywords   'CALCIUM-BINDING PROTEIN' 
_struct_keywords.text            'EXTRACELLULAR MATRIX PROTEIN, CALCIUM-BINDING PROTEIN' 
# 
loop_
_struct_asym.id 
_struct_asym.pdbx_blank_PDB_chainid_flag 
_struct_asym.pdbx_modified 
_struct_asym.entity_id 
_struct_asym.details 
A N N 1 ? 
B N N 2 ? 
C N N 2 ? 
D N N 2 ? 
E N N 3 ? 
# 
_struct_ref.id                         1 
_struct_ref.db_name                    UNP 
_struct_ref.db_code                    SPRC_HUMAN 
_struct_ref.entity_id                  1 
_struct_ref.pdbx_db_accession          P09486 
_struct_ref.pdbx_align_begin           1 
_struct_ref.pdbx_seq_one_letter_code   
;MRAWIFFLLCLAGRALAAPQQEALPDETEVVEETVAEVTEVSVGANPVQVEVGEFDDGAEETEEEVVAENPCQNHHCKHG
KVCELDENNTPMCVCQDPTSCPAPIGEFEKVCSNDNKTFDSSCHFFATKCTLEGTKKGHKLHLDYIGPCKYIPPCLDSEL
TEFPLRMRDWLKNVLVTLYERDEDNNLLTEKQKLRVKKIHENEKRLEAGDHPVELLARDFEKNYNMYIFPVHWQFGQLDQ
HPIDGYLSHTELAPLRAPLIPMEHCTTRFFETCDLDNDKYIALDEWAGCFGIKQKDIDKDLVI
;
_struct_ref.pdbx_db_isoform            ? 
# 
_struct_ref_seq.align_id                      1 
_struct_ref_seq.ref_id                        1 
_struct_ref_seq.pdbx_PDB_id_code              1SRA 
_struct_ref_seq.pdbx_strand_id                A 
_struct_ref_seq.seq_align_beg                 1 
_struct_ref_seq.pdbx_seq_align_beg_ins_code   ? 
_struct_ref_seq.seq_align_end                 151 
_struct_ref_seq.pdbx_seq_align_end_ins_code   ? 
_struct_ref_seq.pdbx_db_accession             P09486 
_struct_ref_seq.db_align_beg                  153 
_struct_ref_seq.pdbx_db_align_beg_ins_code    ? 
_struct_ref_seq.db_align_end                  303 
_struct_ref_seq.pdbx_db_align_end_ins_code    ? 
_struct_ref_seq.pdbx_auth_seq_align_beg       136 
_struct_ref_seq.pdbx_auth_seq_align_end       286 
# 
_pdbx_struct_assembly.id                   1 
_pdbx_struct_assembly.details              author_defined_assembly 
_pdbx_struct_assembly.method_details       ? 
_pdbx_struct_assembly.oligomeric_details   monomeric 
_pdbx_struct_assembly.oligomeric_count     1 
# 
_pdbx_struct_assembly_gen.assembly_id       1 
_pdbx_struct_assembly_gen.oper_expression   1 
_pdbx_struct_assembly_gen.asym_id_list      A,B,C,D,E 
# 
_pdbx_struct_oper_list.id                   1 
_pdbx_struct_oper_list.type                 'identity operation' 
_pdbx_struct_oper_list.name                 1_555 
_pdbx_struct_oper_list.symmetry_operation   x,y,z 
_pdbx_struct_oper_list.matrix[1][1]         1.0000000000 
_pdbx_struct_oper_list.matrix[1][2]         0.0000000000 
_pdbx_struct_oper_list.matrix[1][3]         0.0000000000 
_pdbx_struct_oper_list.vector[1]            0.0000000000 
_pdbx_struct_oper_list.matrix[2][1]         0.0000000000 
_pdbx_struct_oper_list.matrix[2][2]         1.0000000000 
_pdbx_struct_oper_list.matrix[2][3]         0.0000000000 
_pdbx_struct_oper_list.vector[2]            0.0000000000 
_pdbx_struct_oper_list.matrix[3][1]         0.0000000000 
_pdbx_struct_oper_list.matrix[3][2]         0.0000000000 
_pdbx_struct_oper_list.matrix[3][3]         1.0000000000 
_pdbx_struct_oper_list.vector[3]            0.0000000000 
# 
_struct_biol.id   1 
# 
loop_
_struct_conf.conf_type_id 
_struct_conf.id 
_struct_conf.pdbx_PDB_helix_id 
_struct_conf.beg_label_comp_id 
_struct_conf.beg_label_asym_id 
_struct_conf.beg_label_seq_id 
_struct_conf.pdbx_beg_PDB_ins_code 
_struct_conf.end_label_comp_id 
_struct_conf.end_label_asym_id 
_struct_conf.end_label_seq_id 
_struct_conf.pdbx_end_PDB_ins_code 
_struct_conf.beg_auth_comp_id 
_struct_conf.beg_auth_asym_id 
_struct_conf.beg_auth_seq_id 
_struct_conf.end_auth_comp_id 
_struct_conf.end_auth_asym_id 
_struct_conf.end_auth_seq_id 
_struct_conf.pdbx_PDB_helix_class 
_struct_conf.details 
_struct_conf.pdbx_PDB_helix_length 
HELX_P HELX_P1 1 ASP A 5   ? ARG A 29  ? ASP A 140 ARG A 164 1 ? 25 
HELX_P HELX_P2 2 GLU A 38  ? HIS A 48  ? GLU A 173 HIS A 183 1 ? 11 
HELX_P HELX_P3 3 VAL A 61  ? LYS A 70  ? VAL A 196 LYS A 205 1 ? 10 
HELX_P HELX_P4 4 TYR A 72  ? LEU A 86  ? TYR A 207 LEU A 221 5 ? 15 
HELX_P HELX_P5 5 ALA A 101 ? ARG A 104 ? ALA A 236 ARG A 239 5 ? 4  
HELX_P HELX_P6 6 GLU A 111 ? CYS A 121 ? GLU A 246 CYS A 256 5 ? 11 
HELX_P HELX_P7 7 LEU A 131 ? PHE A 138 ? LEU A 266 PHE A 273 1 ? 8  
HELX_P HELX_P8 8 GLN A 142 ? ASP A 144 ? GLN A 277 ASP A 279 5 ? 3  
HELX_P HELX_P9 9 LYS A 147 ? LEU A 149 ? LYS A 282 LEU A 284 5 ? 3  
# 
_struct_conf_type.id          HELX_P 
_struct_conf_type.criteria    ? 
_struct_conf_type.reference   ? 
# 
loop_
_struct_conn.id 
_struct_conn.conn_type_id 
_struct_conn.pdbx_leaving_atom_flag 
_struct_conn.pdbx_PDB_id 
_struct_conn.ptnr1_label_asym_id 
_struct_conn.ptnr1_label_comp_id 
_struct_conn.ptnr1_label_seq_id 
_struct_conn.ptnr1_label_atom_id 
_struct_conn.pdbx_ptnr1_label_alt_id 
_struct_conn.pdbx_ptnr1_PDB_ins_code 
_struct_conn.pdbx_ptnr1_standard_comp_id 
_struct_conn.ptnr1_symmetry 
_struct_conn.ptnr2_label_asym_id 
_struct_conn.ptnr2_label_comp_id 
_struct_conn.ptnr2_label_seq_id 
_struct_conn.ptnr2_label_atom_id 
_struct_conn.pdbx_ptnr2_label_alt_id 
_struct_conn.pdbx_ptnr2_PDB_ins_code 
_struct_conn.ptnr1_auth_asym_id 
_struct_conn.ptnr1_auth_comp_id 
_struct_conn.ptnr1_auth_seq_id 
_struct_conn.ptnr2_auth_asym_id 
_struct_conn.ptnr2_auth_comp_id 
_struct_conn.ptnr2_auth_seq_id 
_struct_conn.ptnr2_symmetry 
_struct_conn.pdbx_ptnr3_label_atom_id 
_struct_conn.pdbx_ptnr3_label_seq_id 
_struct_conn.pdbx_ptnr3_label_comp_id 
_struct_conn.pdbx_ptnr3_label_asym_id 
_struct_conn.pdbx_ptnr3_label_alt_id 
_struct_conn.pdbx_ptnr3_PDB_ins_code 
_struct_conn.details 
_struct_conn.pdbx_dist_value 
_struct_conn.pdbx_value_order 
_struct_conn.pdbx_role 
disulf1  disulf ? ? A CYS 3   SG  ? ? ? 1_555 A CYS 113 SG ? ? A CYS 138 A CYS 248 1_555 ? ? ? ? ? ? ? 2.140 ? ? 
disulf2  disulf ? ? A CYS 121 SG  ? ? ? 1_555 A CYS 137 SG ? ? A CYS 256 A CYS 272 1_555 ? ? ? ? ? ? ? 2.151 ? ? 
metalc1  metalc ? ? A ASP 87  OD1 ? ? ? 1_555 B CA  .   CA ? ? A ASP 222 A CA  301 1_555 ? ? ? ? ? ? ? 2.144 ? ? 
metalc2  metalc ? ? A PRO 90  O   ? ? ? 1_555 B CA  .   CA ? ? A PRO 225 A CA  301 1_555 ? ? ? ? ? ? ? 2.383 ? ? 
metalc3  metalc ? ? A ASP 92  OD1 ? ? ? 1_555 B CA  .   CA ? ? A ASP 227 A CA  301 1_555 ? ? ? ? ? ? ? 2.406 ? ? 
metalc4  metalc ? ? A TYR 94  O   ? ? ? 1_555 B CA  .   CA ? ? A TYR 229 A CA  301 1_555 ? ? ? ? ? ? ? 2.444 ? ? 
metalc5  metalc ? ? A GLU 99  OE1 ? ? ? 1_555 B CA  .   CA ? ? A GLU 234 A CA  301 1_555 ? ? ? ? ? ? ? 2.584 ? ? 
metalc6  metalc ? ? A GLU 99  OE2 ? ? ? 1_555 B CA  .   CA ? ? A GLU 234 A CA  301 1_555 ? ? ? ? ? ? ? 2.552 ? ? 
metalc7  metalc ? ? A PRO 106 O   ? ? ? 1_555 D CA  .   CA ? ? A PRO 241 A CA  303 1_555 ? ? ? ? ? ? ? 2.288 ? ? 
metalc8  metalc ? ? A ILE 108 O   ? ? ? 1_555 D CA  .   CA ? ? A ILE 243 A CA  303 1_555 ? ? ? ? ? ? ? 2.621 ? ? 
metalc9  metalc ? ? A GLU 111 OE1 ? ? ? 1_555 D CA  .   CA ? ? A GLU 246 A CA  303 1_555 ? ? ? ? ? ? ? 2.521 ? ? 
metalc10 metalc ? ? A ASP 122 OD1 ? ? ? 1_555 C CA  .   CA ? ? A ASP 257 A CA  302 1_555 ? ? ? ? ? ? ? 2.291 ? ? 
metalc11 metalc ? ? A ASP 124 OD1 ? ? ? 1_555 C CA  .   CA ? ? A ASP 259 A CA  302 1_555 ? ? ? ? ? ? ? 2.367 ? ? 
metalc12 metalc ? ? A ASP 126 OD1 ? ? ? 1_555 C CA  .   CA ? ? A ASP 261 A CA  302 1_555 ? ? ? ? ? ? ? 2.309 ? ? 
metalc13 metalc ? ? A TYR 128 O   ? ? ? 1_555 C CA  .   CA ? ? A TYR 263 A CA  302 1_555 ? ? ? ? ? ? ? 2.435 ? ? 
metalc14 metalc ? ? A GLU 133 OE2 ? ? ? 1_555 C CA  .   CA ? ? A GLU 268 A CA  302 1_555 ? ? ? ? ? ? ? 2.742 ? ? 
metalc15 metalc ? ? A GLU 133 OE1 ? ? ? 1_555 C CA  .   CA ? ? A GLU 268 A CA  302 1_555 ? ? ? ? ? ? ? 2.362 ? ? 
metalc16 metalc ? ? B CA  .   CA  ? ? ? 1_555 E HOH .   O  ? ? A CA  301 A HOH 408 1_555 ? ? ? ? ? ? ? 2.177 ? ? 
metalc17 metalc ? ? C CA  .   CA  ? ? ? 1_555 E HOH .   O  ? ? A CA  302 A HOH 405 1_555 ? ? ? ? ? ? ? 2.417 ? ? 
metalc18 metalc ? ? D CA  .   CA  ? ? ? 1_555 E HOH .   O  ? ? A CA  303 A HOH 416 1_555 ? ? ? ? ? ? ? 2.812 ? ? 
metalc19 metalc ? ? D CA  .   CA  ? ? ? 1_555 E HOH .   O  ? ? A CA  303 A HOH 479 1_555 ? ? ? ? ? ? ? 3.281 ? ? 
metalc20 metalc ? ? D CA  .   CA  ? ? ? 1_555 E HOH .   O  ? ? A CA  303 A HOH 488 1_555 ? ? ? ? ? ? ? 2.970 ? ? 
# 
loop_
_struct_conn_type.id 
_struct_conn_type.criteria 
_struct_conn_type.reference 
disulf ? ? 
metalc ? ? 
# 
loop_
_pdbx_struct_conn_angle.id 
_pdbx_struct_conn_angle.ptnr1_label_atom_id 
_pdbx_struct_conn_angle.ptnr1_label_alt_id 
_pdbx_struct_conn_angle.ptnr1_label_asym_id 
_pdbx_struct_conn_angle.ptnr1_label_comp_id 
_pdbx_struct_conn_angle.ptnr1_label_seq_id 
_pdbx_struct_conn_angle.ptnr1_auth_atom_id 
_pdbx_struct_conn_angle.ptnr1_auth_asym_id 
_pdbx_struct_conn_angle.ptnr1_auth_comp_id 
_pdbx_struct_conn_angle.ptnr1_auth_seq_id 
_pdbx_struct_conn_angle.ptnr1_PDB_ins_code 
_pdbx_struct_conn_angle.ptnr1_symmetry 
_pdbx_struct_conn_angle.ptnr2_label_atom_id 
_pdbx_struct_conn_angle.ptnr2_label_alt_id 
_pdbx_struct_conn_angle.ptnr2_label_asym_id 
_pdbx_struct_conn_angle.ptnr2_label_comp_id 
_pdbx_struct_conn_angle.ptnr2_label_seq_id 
_pdbx_struct_conn_angle.ptnr2_auth_atom_id 
_pdbx_struct_conn_angle.ptnr2_auth_asym_id 
_pdbx_struct_conn_angle.ptnr2_auth_comp_id 
_pdbx_struct_conn_angle.ptnr2_auth_seq_id 
_pdbx_struct_conn_angle.ptnr2_PDB_ins_code 
_pdbx_struct_conn_angle.ptnr2_symmetry 
_pdbx_struct_conn_angle.ptnr3_label_atom_id 
_pdbx_struct_conn_angle.ptnr3_label_alt_id 
_pdbx_struct_conn_angle.ptnr3_label_asym_id 
_pdbx_struct_conn_angle.ptnr3_label_comp_id 
_pdbx_struct_conn_angle.ptnr3_label_seq_id 
_pdbx_struct_conn_angle.ptnr3_auth_atom_id 
_pdbx_struct_conn_angle.ptnr3_auth_asym_id 
_pdbx_struct_conn_angle.ptnr3_auth_comp_id 
_pdbx_struct_conn_angle.ptnr3_auth_seq_id 
_pdbx_struct_conn_angle.ptnr3_PDB_ins_code 
_pdbx_struct_conn_angle.ptnr3_symmetry 
_pdbx_struct_conn_angle.value 
_pdbx_struct_conn_angle.value_esd 
1  OD1 ? A ASP 87  ? A ASP 222 ? 1_555 CA ? B CA . ? A CA 301 ? 1_555 O   ? A PRO 90  ? A PRO 225 ? 1_555 84.0  ? 
2  OD1 ? A ASP 87  ? A ASP 222 ? 1_555 CA ? B CA . ? A CA 301 ? 1_555 OD1 ? A ASP 92  ? A ASP 227 ? 1_555 85.4  ? 
3  O   ? A PRO 90  ? A PRO 225 ? 1_555 CA ? B CA . ? A CA 301 ? 1_555 OD1 ? A ASP 92  ? A ASP 227 ? 1_555 84.5  ? 
4  OD1 ? A ASP 87  ? A ASP 222 ? 1_555 CA ? B CA . ? A CA 301 ? 1_555 O   ? A TYR 94  ? A TYR 229 ? 1_555 79.2  ? 
5  O   ? A PRO 90  ? A PRO 225 ? 1_555 CA ? B CA . ? A CA 301 ? 1_555 O   ? A TYR 94  ? A TYR 229 ? 1_555 157.1 ? 
6  OD1 ? A ASP 92  ? A ASP 227 ? 1_555 CA ? B CA . ? A CA 301 ? 1_555 O   ? A TYR 94  ? A TYR 229 ? 1_555 78.8  ? 
7  OD1 ? A ASP 87  ? A ASP 222 ? 1_555 CA ? B CA . ? A CA 301 ? 1_555 OE1 ? A GLU 99  ? A GLU 234 ? 1_555 117.3 ? 
8  O   ? A PRO 90  ? A PRO 225 ? 1_555 CA ? B CA . ? A CA 301 ? 1_555 OE1 ? A GLU 99  ? A GLU 234 ? 1_555 125.8 ? 
9  OD1 ? A ASP 92  ? A ASP 227 ? 1_555 CA ? B CA . ? A CA 301 ? 1_555 OE1 ? A GLU 99  ? A GLU 234 ? 1_555 141.7 ? 
10 O   ? A TYR 94  ? A TYR 229 ? 1_555 CA ? B CA . ? A CA 301 ? 1_555 OE1 ? A GLU 99  ? A GLU 234 ? 1_555 76.2  ? 
11 OD1 ? A ASP 87  ? A ASP 222 ? 1_555 CA ? B CA . ? A CA 301 ? 1_555 OE2 ? A GLU 99  ? A GLU 234 ? 1_555 93.5  ? 
12 O   ? A PRO 90  ? A PRO 225 ? 1_555 CA ? B CA . ? A CA 301 ? 1_555 OE2 ? A GLU 99  ? A GLU 234 ? 1_555 81.1  ? 
13 OD1 ? A ASP 92  ? A ASP 227 ? 1_555 CA ? B CA . ? A CA 301 ? 1_555 OE2 ? A GLU 99  ? A GLU 234 ? 1_555 165.5 ? 
14 O   ? A TYR 94  ? A TYR 229 ? 1_555 CA ? B CA . ? A CA 301 ? 1_555 OE2 ? A GLU 99  ? A GLU 234 ? 1_555 115.2 ? 
15 OE1 ? A GLU 99  ? A GLU 234 ? 1_555 CA ? B CA . ? A CA 301 ? 1_555 OE2 ? A GLU 99  ? A GLU 234 ? 1_555 50.6  ? 
16 OD1 ? A ASP 87  ? A ASP 222 ? 1_555 CA ? B CA . ? A CA 301 ? 1_555 O   ? E HOH .   ? A HOH 408 ? 1_555 160.1 ? 
17 O   ? A PRO 90  ? A PRO 225 ? 1_555 CA ? B CA . ? A CA 301 ? 1_555 O   ? E HOH .   ? A HOH 408 ? 1_555 95.6  ? 
18 OD1 ? A ASP 92  ? A ASP 227 ? 1_555 CA ? B CA . ? A CA 301 ? 1_555 O   ? E HOH .   ? A HOH 408 ? 1_555 74.8  ? 
19 O   ? A TYR 94  ? A TYR 229 ? 1_555 CA ? B CA . ? A CA 301 ? 1_555 O   ? E HOH .   ? A HOH 408 ? 1_555 95.0  ? 
20 OE1 ? A GLU 99  ? A GLU 234 ? 1_555 CA ? B CA . ? A CA 301 ? 1_555 O   ? E HOH .   ? A HOH 408 ? 1_555 78.9  ? 
21 OE2 ? A GLU 99  ? A GLU 234 ? 1_555 CA ? B CA . ? A CA 301 ? 1_555 O   ? E HOH .   ? A HOH 408 ? 1_555 106.1 ? 
22 O   ? A PRO 106 ? A PRO 241 ? 1_555 CA ? D CA . ? A CA 303 ? 1_555 O   ? A ILE 108 ? A ILE 243 ? 1_555 100.2 ? 
23 O   ? A PRO 106 ? A PRO 241 ? 1_555 CA ? D CA . ? A CA 303 ? 1_555 OE1 ? A GLU 111 ? A GLU 246 ? 1_555 97.2  ? 
24 O   ? A ILE 108 ? A ILE 243 ? 1_555 CA ? D CA . ? A CA 303 ? 1_555 OE1 ? A GLU 111 ? A GLU 246 ? 1_555 79.7  ? 
25 O   ? A PRO 106 ? A PRO 241 ? 1_555 CA ? D CA . ? A CA 303 ? 1_555 O   ? E HOH .   ? A HOH 416 ? 1_555 89.0  ? 
26 O   ? A ILE 108 ? A ILE 243 ? 1_555 CA ? D CA . ? A CA 303 ? 1_555 O   ? E HOH .   ? A HOH 416 ? 1_555 79.3  ? 
27 OE1 ? A GLU 111 ? A GLU 246 ? 1_555 CA ? D CA . ? A CA 303 ? 1_555 O   ? E HOH .   ? A HOH 416 ? 1_555 158.8 ? 
28 O   ? A PRO 106 ? A PRO 241 ? 1_555 CA ? D CA . ? A CA 303 ? 1_555 O   ? E HOH .   ? A HOH 479 ? 1_555 87.8  ? 
29 O   ? A ILE 108 ? A ILE 243 ? 1_555 CA ? D CA . ? A CA 303 ? 1_555 O   ? E HOH .   ? A HOH 479 ? 1_555 171.5 ? 
30 OE1 ? A GLU 111 ? A GLU 246 ? 1_555 CA ? D CA . ? A CA 303 ? 1_555 O   ? E HOH .   ? A HOH 479 ? 1_555 102.1 ? 
31 O   ? E HOH .   ? A HOH 416 ? 1_555 CA ? D CA . ? A CA 303 ? 1_555 O   ? E HOH .   ? A HOH 479 ? 1_555 98.4  ? 
32 O   ? A PRO 106 ? A PRO 241 ? 1_555 CA ? D CA . ? A CA 303 ? 1_555 O   ? E HOH .   ? A HOH 488 ? 1_555 169.7 ? 
33 O   ? A ILE 108 ? A ILE 243 ? 1_555 CA ? D CA . ? A CA 303 ? 1_555 O   ? E HOH .   ? A HOH 488 ? 1_555 89.9  ? 
34 OE1 ? A GLU 111 ? A GLU 246 ? 1_555 CA ? D CA . ? A CA 303 ? 1_555 O   ? E HOH .   ? A HOH 488 ? 1_555 86.3  ? 
35 O   ? E HOH .   ? A HOH 416 ? 1_555 CA ? D CA . ? A CA 303 ? 1_555 O   ? E HOH .   ? A HOH 488 ? 1_555 91.2  ? 
36 O   ? E HOH .   ? A HOH 479 ? 1_555 CA ? D CA . ? A CA 303 ? 1_555 O   ? E HOH .   ? A HOH 488 ? 1_555 81.9  ? 
37 OD1 ? A ASP 122 ? A ASP 257 ? 1_555 CA ? C CA . ? A CA 302 ? 1_555 OD1 ? A ASP 124 ? A ASP 259 ? 1_555 82.7  ? 
38 OD1 ? A ASP 122 ? A ASP 257 ? 1_555 CA ? C CA . ? A CA 302 ? 1_555 OD1 ? A ASP 126 ? A ASP 261 ? 1_555 86.2  ? 
39 OD1 ? A ASP 124 ? A ASP 259 ? 1_555 CA ? C CA . ? A CA 302 ? 1_555 OD1 ? A ASP 126 ? A ASP 261 ? 1_555 77.0  ? 
40 OD1 ? A ASP 122 ? A ASP 257 ? 1_555 CA ? C CA . ? A CA 302 ? 1_555 O   ? A TYR 128 ? A TYR 263 ? 1_555 88.0  ? 
41 OD1 ? A ASP 124 ? A ASP 259 ? 1_555 CA ? C CA . ? A CA 302 ? 1_555 O   ? A TYR 128 ? A TYR 263 ? 1_555 154.0 ? 
42 OD1 ? A ASP 126 ? A ASP 261 ? 1_555 CA ? C CA . ? A CA 302 ? 1_555 O   ? A TYR 128 ? A TYR 263 ? 1_555 78.2  ? 
43 OD1 ? A ASP 122 ? A ASP 257 ? 1_555 CA ? C CA . ? A CA 302 ? 1_555 OE2 ? A GLU 133 ? A GLU 268 ? 1_555 89.0  ? 
44 OD1 ? A ASP 124 ? A ASP 259 ? 1_555 CA ? C CA . ? A CA 302 ? 1_555 OE2 ? A GLU 133 ? A GLU 268 ? 1_555 75.3  ? 
45 OD1 ? A ASP 126 ? A ASP 261 ? 1_555 CA ? C CA . ? A CA 302 ? 1_555 OE2 ? A GLU 133 ? A GLU 268 ? 1_555 152.3 ? 
46 O   ? A TYR 128 ? A TYR 263 ? 1_555 CA ? C CA . ? A CA 302 ? 1_555 OE2 ? A GLU 133 ? A GLU 268 ? 1_555 129.0 ? 
47 OD1 ? A ASP 122 ? A ASP 257 ? 1_555 CA ? C CA . ? A CA 302 ? 1_555 OE1 ? A GLU 133 ? A GLU 268 ? 1_555 109.6 ? 
48 OD1 ? A ASP 124 ? A ASP 259 ? 1_555 CA ? C CA . ? A CA 302 ? 1_555 OE1 ? A GLU 133 ? A GLU 268 ? 1_555 122.5 ? 
49 OD1 ? A ASP 126 ? A ASP 261 ? 1_555 CA ? C CA . ? A CA 302 ? 1_555 OE1 ? A GLU 133 ? A GLU 268 ? 1_555 155.4 ? 
50 O   ? A TYR 128 ? A TYR 263 ? 1_555 CA ? C CA . ? A CA 302 ? 1_555 OE1 ? A GLU 133 ? A GLU 268 ? 1_555 83.5  ? 
51 OE2 ? A GLU 133 ? A GLU 268 ? 1_555 CA ? C CA . ? A CA 302 ? 1_555 OE1 ? A GLU 133 ? A GLU 268 ? 1_555 50.2  ? 
52 OD1 ? A ASP 122 ? A ASP 257 ? 1_555 CA ? C CA . ? A CA 302 ? 1_555 O   ? E HOH .   ? A HOH 405 ? 1_555 160.4 ? 
53 OD1 ? A ASP 124 ? A ASP 259 ? 1_555 CA ? C CA . ? A CA 302 ? 1_555 O   ? E HOH .   ? A HOH 405 ? 1_555 92.1  ? 
54 OD1 ? A ASP 126 ? A ASP 261 ? 1_555 CA ? C CA . ? A CA 302 ? 1_555 O   ? E HOH .   ? A HOH 405 ? 1_555 74.2  ? 
55 O   ? A TYR 128 ? A TYR 263 ? 1_555 CA ? C CA . ? A CA 302 ? 1_555 O   ? E HOH .   ? A HOH 405 ? 1_555 88.6  ? 
56 OE2 ? A GLU 133 ? A GLU 268 ? 1_555 CA ? C CA . ? A CA 302 ? 1_555 O   ? E HOH .   ? A HOH 405 ? 1_555 108.0 ? 
57 OE1 ? A GLU 133 ? A GLU 268 ? 1_555 CA ? C CA . ? A CA 302 ? 1_555 O   ? E HOH .   ? A HOH 405 ? 1_555 89.2  ? 
# 
loop_
_pdbx_modification_feature.ordinal 
_pdbx_modification_feature.label_comp_id 
_pdbx_modification_feature.label_asym_id 
_pdbx_modification_feature.label_seq_id 
_pdbx_modification_feature.label_alt_id 
_pdbx_modification_feature.modified_residue_label_comp_id 
_pdbx_modification_feature.modified_residue_label_asym_id 
_pdbx_modification_feature.modified_residue_label_seq_id 
_pdbx_modification_feature.modified_residue_label_alt_id 
_pdbx_modification_feature.auth_comp_id 
_pdbx_modification_feature.auth_asym_id 
_pdbx_modification_feature.auth_seq_id 
_pdbx_modification_feature.PDB_ins_code 
_pdbx_modification_feature.symmetry 
_pdbx_modification_feature.modified_residue_auth_comp_id 
_pdbx_modification_feature.modified_residue_auth_asym_id 
_pdbx_modification_feature.modified_residue_auth_seq_id 
_pdbx_modification_feature.modified_residue_PDB_ins_code 
_pdbx_modification_feature.modified_residue_symmetry 
_pdbx_modification_feature.comp_id_linking_atom 
_pdbx_modification_feature.modified_residue_id_linking_atom 
_pdbx_modification_feature.modified_residue_id 
_pdbx_modification_feature.ref_pcm_id 
_pdbx_modification_feature.ref_comp_id 
_pdbx_modification_feature.type 
_pdbx_modification_feature.category 
1 CYS A 3   ? CYS A 113 ? CYS A 138 ? 1_555 CYS A 248 ? 1_555 SG SG . . . None 'Disulfide bridge' 
2 CYS A 121 ? CYS A 137 ? CYS A 256 ? 1_555 CYS A 272 ? 1_555 SG SG . . . None 'Disulfide bridge' 
# 
_struct_mon_prot_cis.pdbx_id                1 
_struct_mon_prot_cis.label_comp_id          HIS 
_struct_mon_prot_cis.label_seq_id           89 
_struct_mon_prot_cis.label_asym_id          A 
_struct_mon_prot_cis.label_alt_id           . 
_struct_mon_prot_cis.pdbx_PDB_ins_code      ? 
_struct_mon_prot_cis.auth_comp_id           HIS 
_struct_mon_prot_cis.auth_seq_id            224 
_struct_mon_prot_cis.auth_asym_id           A 
_struct_mon_prot_cis.pdbx_label_comp_id_2   PRO 
_struct_mon_prot_cis.pdbx_label_seq_id_2    90 
_struct_mon_prot_cis.pdbx_label_asym_id_2   A 
_struct_mon_prot_cis.pdbx_PDB_ins_code_2    ? 
_struct_mon_prot_cis.pdbx_auth_comp_id_2    PRO 
_struct_mon_prot_cis.pdbx_auth_seq_id_2     225 
_struct_mon_prot_cis.pdbx_auth_asym_id_2    A 
_struct_mon_prot_cis.pdbx_PDB_model_num     1 
_struct_mon_prot_cis.pdbx_omega_angle       0.59 
# 
_struct_sheet.id               A 
_struct_sheet.type             ? 
_struct_sheet.number_strands   2 
_struct_sheet.details          ? 
# 
_struct_sheet_order.sheet_id     A 
_struct_sheet_order.range_id_1   1 
_struct_sheet_order.range_id_2   2 
_struct_sheet_order.offset       ? 
_struct_sheet_order.sense        anti-parallel 
# 
loop_
_struct_sheet_range.sheet_id 
_struct_sheet_range.id 
_struct_sheet_range.beg_label_comp_id 
_struct_sheet_range.beg_label_asym_id 
_struct_sheet_range.beg_label_seq_id 
_struct_sheet_range.pdbx_beg_PDB_ins_code 
_struct_sheet_range.end_label_comp_id 
_struct_sheet_range.end_label_asym_id 
_struct_sheet_range.end_label_seq_id 
_struct_sheet_range.pdbx_end_PDB_ins_code 
_struct_sheet_range.beg_auth_comp_id 
_struct_sheet_range.beg_auth_asym_id 
_struct_sheet_range.beg_auth_seq_id 
_struct_sheet_range.end_auth_comp_id 
_struct_sheet_range.end_auth_asym_id 
_struct_sheet_range.end_auth_seq_id 
A 1 TYR A 94  ? LEU A 95  ? TYR A 229 LEU A 230 
A 2 ILE A 129 ? ALA A 130 ? ILE A 264 ALA A 265 
# 
_pdbx_struct_sheet_hbond.sheet_id                A 
_pdbx_struct_sheet_hbond.range_id_1              1 
_pdbx_struct_sheet_hbond.range_id_2              2 
_pdbx_struct_sheet_hbond.range_1_label_atom_id   O 
_pdbx_struct_sheet_hbond.range_1_label_comp_id   LEU 
_pdbx_struct_sheet_hbond.range_1_label_asym_id   A 
_pdbx_struct_sheet_hbond.range_1_label_seq_id    95 
_pdbx_struct_sheet_hbond.range_1_PDB_ins_code    ? 
_pdbx_struct_sheet_hbond.range_1_auth_atom_id    O 
_pdbx_struct_sheet_hbond.range_1_auth_comp_id    LEU 
_pdbx_struct_sheet_hbond.range_1_auth_asym_id    A 
_pdbx_struct_sheet_hbond.range_1_auth_seq_id     230 
_pdbx_struct_sheet_hbond.range_2_label_atom_id   N 
_pdbx_struct_sheet_hbond.range_2_label_comp_id   ILE 
_pdbx_struct_sheet_hbond.range_2_label_asym_id   A 
_pdbx_struct_sheet_hbond.range_2_label_seq_id    129 
_pdbx_struct_sheet_hbond.range_2_PDB_ins_code    ? 
_pdbx_struct_sheet_hbond.range_2_auth_atom_id    N 
_pdbx_struct_sheet_hbond.range_2_auth_comp_id    ILE 
_pdbx_struct_sheet_hbond.range_2_auth_asym_id    A 
_pdbx_struct_sheet_hbond.range_2_auth_seq_id     264 
# 
loop_
_struct_site.id 
_struct_site.pdbx_evidence_code 
_struct_site.pdbx_auth_asym_id 
_struct_site.pdbx_auth_comp_id 
_struct_site.pdbx_auth_seq_id 
_struct_site.pdbx_auth_ins_code 
_struct_site.pdbx_num_residues 
_struct_site.details 
EF1 Author   ? ?  ?   ? 5 'EF-HAND 1 TO WHICH CA+2(301) IS BOUND; CA+2 LIGANDS ARE LISTED'              
EF2 Author   ? ?  ?   ? 5 'EF-HAND 2 TO WHICH CA+2(302) IS BOUND'                                       
MET Author   ? ?  ?   ? 3 'BINDING SITE FOR THIRD, UNIDENTIFIED METAL ION MODELED AS CALCIUM CA+2(303)' 
AC1 Software A CA 301 ? 6 'BINDING SITE FOR RESIDUE CA A 301'                                           
AC2 Software A CA 302 ? 6 'BINDING SITE FOR RESIDUE CA A 302'                                           
AC3 Software A CA 303 ? 5 'BINDING SITE FOR RESIDUE CA A 303'                                           
# 
loop_
_struct_site_gen.id 
_struct_site_gen.site_id 
_struct_site_gen.pdbx_num_res 
_struct_site_gen.label_comp_id 
_struct_site_gen.label_asym_id 
_struct_site_gen.label_seq_id 
_struct_site_gen.pdbx_auth_ins_code 
_struct_site_gen.auth_comp_id 
_struct_site_gen.auth_asym_id 
_struct_site_gen.auth_seq_id 
_struct_site_gen.label_atom_id 
_struct_site_gen.label_alt_id 
_struct_site_gen.symmetry 
_struct_site_gen.details 
1  EF1 5 ASP A 87  ? ASP A 222 . ? 1_555 ? 
2  EF1 5 PRO A 90  ? PRO A 225 . ? 1_555 ? 
3  EF1 5 ASP A 92  ? ASP A 227 . ? 1_555 ? 
4  EF1 5 TYR A 94  ? TYR A 229 . ? 1_555 ? 
5  EF1 5 GLU A 99  ? GLU A 234 . ? 1_555 ? 
6  EF2 5 ASP A 122 ? ASP A 257 . ? 1_555 ? 
7  EF2 5 ASP A 124 ? ASP A 259 . ? 1_555 ? 
8  EF2 5 ASP A 126 ? ASP A 261 . ? 1_555 ? 
9  EF2 5 TYR A 128 ? TYR A 263 . ? 1_555 ? 
10 EF2 5 GLU A 133 ? GLU A 268 . ? 1_555 ? 
11 MET 3 ALA A 105 ? ALA A 240 . ? 1_555 ? 
12 MET 3 LEU A 107 ? LEU A 242 . ? 1_555 ? 
13 MET 3 MET A 110 ? MET A 245 . ? 1_555 ? 
14 AC1 6 ASP A 87  ? ASP A 222 . ? 1_555 ? 
15 AC1 6 PRO A 90  ? PRO A 225 . ? 1_555 ? 
16 AC1 6 ASP A 92  ? ASP A 227 . ? 1_555 ? 
17 AC1 6 TYR A 94  ? TYR A 229 . ? 1_555 ? 
18 AC1 6 GLU A 99  ? GLU A 234 . ? 1_555 ? 
19 AC1 6 HOH E .   ? HOH A 408 . ? 1_555 ? 
20 AC2 6 ASP A 122 ? ASP A 257 . ? 1_555 ? 
21 AC2 6 ASP A 124 ? ASP A 259 . ? 1_555 ? 
22 AC2 6 ASP A 126 ? ASP A 261 . ? 1_555 ? 
23 AC2 6 TYR A 128 ? TYR A 263 . ? 1_555 ? 
24 AC2 6 GLU A 133 ? GLU A 268 . ? 1_555 ? 
25 AC2 6 HOH E .   ? HOH A 405 . ? 1_555 ? 
26 AC3 5 PRO A 106 ? PRO A 241 . ? 1_555 ? 
27 AC3 5 ILE A 108 ? ILE A 243 . ? 1_555 ? 
28 AC3 5 GLU A 111 ? GLU A 246 . ? 1_555 ? 
29 AC3 5 HOH E .   ? HOH A 416 . ? 1_555 ? 
30 AC3 5 HOH E .   ? HOH A 488 . ? 1_555 ? 
# 
_pdbx_entry_details.entry_id                   1SRA 
_pdbx_entry_details.compound_details           ? 
_pdbx_entry_details.source_details             'MOLECULE_NAME: SPARC. FRAGMENT 136 - 286 PRODUCED BY PCR.' 
_pdbx_entry_details.nonpolymer_details         
;CA 303 IS A NONIDENTIFIED METAL ION WHICH HAS BEEN MODELED
AS CA+2 WITH UNIT OCCUPANCY.
;
_pdbx_entry_details.sequence_details           ? 
_pdbx_entry_details.has_ligand_of_interest     ? 
_pdbx_entry_details.has_protein_modification   Y 
# 
_pdbx_validate_torsion.id              1 
_pdbx_validate_torsion.PDB_model_num   1 
_pdbx_validate_torsion.auth_comp_id    ASP 
_pdbx_validate_torsion.auth_asym_id    A 
_pdbx_validate_torsion.auth_seq_id     227 
_pdbx_validate_torsion.PDB_ins_code    ? 
_pdbx_validate_torsion.label_alt_id    ? 
_pdbx_validate_torsion.phi             -151.48 
_pdbx_validate_torsion.psi             7.83 
# 
loop_
_chem_comp_atom.comp_id 
_chem_comp_atom.atom_id 
_chem_comp_atom.type_symbol 
_chem_comp_atom.pdbx_aromatic_flag 
_chem_comp_atom.pdbx_stereo_config 
_chem_comp_atom.pdbx_ordinal 
ALA N    N  N N 1   
ALA CA   C  N S 2   
ALA C    C  N N 3   
ALA O    O  N N 4   
ALA CB   C  N N 5   
ALA OXT  O  N N 6   
ALA H    H  N N 7   
ALA H2   H  N N 8   
ALA HA   H  N N 9   
ALA HB1  H  N N 10  
ALA HB2  H  N N 11  
ALA HB3  H  N N 12  
ALA HXT  H  N N 13  
ARG N    N  N N 14  
ARG CA   C  N S 15  
ARG C    C  N N 16  
ARG O    O  N N 17  
ARG CB   C  N N 18  
ARG CG   C  N N 19  
ARG CD   C  N N 20  
ARG NE   N  N N 21  
ARG CZ   C  N N 22  
ARG NH1  N  N N 23  
ARG NH2  N  N N 24  
ARG OXT  O  N N 25  
ARG H    H  N N 26  
ARG H2   H  N N 27  
ARG HA   H  N N 28  
ARG HB2  H  N N 29  
ARG HB3  H  N N 30  
ARG HG2  H  N N 31  
ARG HG3  H  N N 32  
ARG HD2  H  N N 33  
ARG HD3  H  N N 34  
ARG HE   H  N N 35  
ARG HH11 H  N N 36  
ARG HH12 H  N N 37  
ARG HH21 H  N N 38  
ARG HH22 H  N N 39  
ARG HXT  H  N N 40  
ASN N    N  N N 41  
ASN CA   C  N S 42  
ASN C    C  N N 43  
ASN O    O  N N 44  
ASN CB   C  N N 45  
ASN CG   C  N N 46  
ASN OD1  O  N N 47  
ASN ND2  N  N N 48  
ASN OXT  O  N N 49  
ASN H    H  N N 50  
ASN H2   H  N N 51  
ASN HA   H  N N 52  
ASN HB2  H  N N 53  
ASN HB3  H  N N 54  
ASN HD21 H  N N 55  
ASN HD22 H  N N 56  
ASN HXT  H  N N 57  
ASP N    N  N N 58  
ASP CA   C  N S 59  
ASP C    C  N N 60  
ASP O    O  N N 61  
ASP CB   C  N N 62  
ASP CG   C  N N 63  
ASP OD1  O  N N 64  
ASP OD2  O  N N 65  
ASP OXT  O  N N 66  
ASP H    H  N N 67  
ASP H2   H  N N 68  
ASP HA   H  N N 69  
ASP HB2  H  N N 70  
ASP HB3  H  N N 71  
ASP HD2  H  N N 72  
ASP HXT  H  N N 73  
CA  CA   CA N N 74  
CYS N    N  N N 75  
CYS CA   C  N R 76  
CYS C    C  N N 77  
CYS O    O  N N 78  
CYS CB   C  N N 79  
CYS SG   S  N N 80  
CYS OXT  O  N N 81  
CYS H    H  N N 82  
CYS H2   H  N N 83  
CYS HA   H  N N 84  
CYS HB2  H  N N 85  
CYS HB3  H  N N 86  
CYS HG   H  N N 87  
CYS HXT  H  N N 88  
GLN N    N  N N 89  
GLN CA   C  N S 90  
GLN C    C  N N 91  
GLN O    O  N N 92  
GLN CB   C  N N 93  
GLN CG   C  N N 94  
GLN CD   C  N N 95  
GLN OE1  O  N N 96  
GLN NE2  N  N N 97  
GLN OXT  O  N N 98  
GLN H    H  N N 99  
GLN H2   H  N N 100 
GLN HA   H  N N 101 
GLN HB2  H  N N 102 
GLN HB3  H  N N 103 
GLN HG2  H  N N 104 
GLN HG3  H  N N 105 
GLN HE21 H  N N 106 
GLN HE22 H  N N 107 
GLN HXT  H  N N 108 
GLU N    N  N N 109 
GLU CA   C  N S 110 
GLU C    C  N N 111 
GLU O    O  N N 112 
GLU CB   C  N N 113 
GLU CG   C  N N 114 
GLU CD   C  N N 115 
GLU OE1  O  N N 116 
GLU OE2  O  N N 117 
GLU OXT  O  N N 118 
GLU H    H  N N 119 
GLU H2   H  N N 120 
GLU HA   H  N N 121 
GLU HB2  H  N N 122 
GLU HB3  H  N N 123 
GLU HG2  H  N N 124 
GLU HG3  H  N N 125 
GLU HE2  H  N N 126 
GLU HXT  H  N N 127 
GLY N    N  N N 128 
GLY CA   C  N N 129 
GLY C    C  N N 130 
GLY O    O  N N 131 
GLY OXT  O  N N 132 
GLY H    H  N N 133 
GLY H2   H  N N 134 
GLY HA2  H  N N 135 
GLY HA3  H  N N 136 
GLY HXT  H  N N 137 
HIS N    N  N N 138 
HIS CA   C  N S 139 
HIS C    C  N N 140 
HIS O    O  N N 141 
HIS CB   C  N N 142 
HIS CG   C  Y N 143 
HIS ND1  N  Y N 144 
HIS CD2  C  Y N 145 
HIS CE1  C  Y N 146 
HIS NE2  N  Y N 147 
HIS OXT  O  N N 148 
HIS H    H  N N 149 
HIS H2   H  N N 150 
HIS HA   H  N N 151 
HIS HB2  H  N N 152 
HIS HB3  H  N N 153 
HIS HD1  H  N N 154 
HIS HD2  H  N N 155 
HIS HE1  H  N N 156 
HIS HE2  H  N N 157 
HIS HXT  H  N N 158 
HOH O    O  N N 159 
HOH H1   H  N N 160 
HOH H2   H  N N 161 
ILE N    N  N N 162 
ILE CA   C  N S 163 
ILE C    C  N N 164 
ILE O    O  N N 165 
ILE CB   C  N S 166 
ILE CG1  C  N N 167 
ILE CG2  C  N N 168 
ILE CD1  C  N N 169 
ILE OXT  O  N N 170 
ILE H    H  N N 171 
ILE H2   H  N N 172 
ILE HA   H  N N 173 
ILE HB   H  N N 174 
ILE HG12 H  N N 175 
ILE HG13 H  N N 176 
ILE HG21 H  N N 177 
ILE HG22 H  N N 178 
ILE HG23 H  N N 179 
ILE HD11 H  N N 180 
ILE HD12 H  N N 181 
ILE HD13 H  N N 182 
ILE HXT  H  N N 183 
LEU N    N  N N 184 
LEU CA   C  N S 185 
LEU C    C  N N 186 
LEU O    O  N N 187 
LEU CB   C  N N 188 
LEU CG   C  N N 189 
LEU CD1  C  N N 190 
LEU CD2  C  N N 191 
LEU OXT  O  N N 192 
LEU H    H  N N 193 
LEU H2   H  N N 194 
LEU HA   H  N N 195 
LEU HB2  H  N N 196 
LEU HB3  H  N N 197 
LEU HG   H  N N 198 
LEU HD11 H  N N 199 
LEU HD12 H  N N 200 
LEU HD13 H  N N 201 
LEU HD21 H  N N 202 
LEU HD22 H  N N 203 
LEU HD23 H  N N 204 
LEU HXT  H  N N 205 
LYS N    N  N N 206 
LYS CA   C  N S 207 
LYS C    C  N N 208 
LYS O    O  N N 209 
LYS CB   C  N N 210 
LYS CG   C  N N 211 
LYS CD   C  N N 212 
LYS CE   C  N N 213 
LYS NZ   N  N N 214 
LYS OXT  O  N N 215 
LYS H    H  N N 216 
LYS H2   H  N N 217 
LYS HA   H  N N 218 
LYS HB2  H  N N 219 
LYS HB3  H  N N 220 
LYS HG2  H  N N 221 
LYS HG3  H  N N 222 
LYS HD2  H  N N 223 
LYS HD3  H  N N 224 
LYS HE2  H  N N 225 
LYS HE3  H  N N 226 
LYS HZ1  H  N N 227 
LYS HZ2  H  N N 228 
LYS HZ3  H  N N 229 
LYS HXT  H  N N 230 
MET N    N  N N 231 
MET CA   C  N S 232 
MET C    C  N N 233 
MET O    O  N N 234 
MET CB   C  N N 235 
MET CG   C  N N 236 
MET SD   S  N N 237 
MET CE   C  N N 238 
MET OXT  O  N N 239 
MET H    H  N N 240 
MET H2   H  N N 241 
MET HA   H  N N 242 
MET HB2  H  N N 243 
MET HB3  H  N N 244 
MET HG2  H  N N 245 
MET HG3  H  N N 246 
MET HE1  H  N N 247 
MET HE2  H  N N 248 
MET HE3  H  N N 249 
MET HXT  H  N N 250 
PHE N    N  N N 251 
PHE CA   C  N S 252 
PHE C    C  N N 253 
PHE O    O  N N 254 
PHE CB   C  N N 255 
PHE CG   C  Y N 256 
PHE CD1  C  Y N 257 
PHE CD2  C  Y N 258 
PHE CE1  C  Y N 259 
PHE CE2  C  Y N 260 
PHE CZ   C  Y N 261 
PHE OXT  O  N N 262 
PHE H    H  N N 263 
PHE H2   H  N N 264 
PHE HA   H  N N 265 
PHE HB2  H  N N 266 
PHE HB3  H  N N 267 
PHE HD1  H  N N 268 
PHE HD2  H  N N 269 
PHE HE1  H  N N 270 
PHE HE2  H  N N 271 
PHE HZ   H  N N 272 
PHE HXT  H  N N 273 
PRO N    N  N N 274 
PRO CA   C  N S 275 
PRO C    C  N N 276 
PRO O    O  N N 277 
PRO CB   C  N N 278 
PRO CG   C  N N 279 
PRO CD   C  N N 280 
PRO OXT  O  N N 281 
PRO H    H  N N 282 
PRO HA   H  N N 283 
PRO HB2  H  N N 284 
PRO HB3  H  N N 285 
PRO HG2  H  N N 286 
PRO HG3  H  N N 287 
PRO HD2  H  N N 288 
PRO HD3  H  N N 289 
PRO HXT  H  N N 290 
SER N    N  N N 291 
SER CA   C  N S 292 
SER C    C  N N 293 
SER O    O  N N 294 
SER CB   C  N N 295 
SER OG   O  N N 296 
SER OXT  O  N N 297 
SER H    H  N N 298 
SER H2   H  N N 299 
SER HA   H  N N 300 
SER HB2  H  N N 301 
SER HB3  H  N N 302 
SER HG   H  N N 303 
SER HXT  H  N N 304 
THR N    N  N N 305 
THR CA   C  N S 306 
THR C    C  N N 307 
THR O    O  N N 308 
THR CB   C  N R 309 
THR OG1  O  N N 310 
THR CG2  C  N N 311 
THR OXT  O  N N 312 
THR H    H  N N 313 
THR H2   H  N N 314 
THR HA   H  N N 315 
THR HB   H  N N 316 
THR HG1  H  N N 317 
THR HG21 H  N N 318 
THR HG22 H  N N 319 
THR HG23 H  N N 320 
THR HXT  H  N N 321 
TRP N    N  N N 322 
TRP CA   C  N S 323 
TRP C    C  N N 324 
TRP O    O  N N 325 
TRP CB   C  N N 326 
TRP CG   C  Y N 327 
TRP CD1  C  Y N 328 
TRP CD2  C  Y N 329 
TRP NE1  N  Y N 330 
TRP CE2  C  Y N 331 
TRP CE3  C  Y N 332 
TRP CZ2  C  Y N 333 
TRP CZ3  C  Y N 334 
TRP CH2  C  Y N 335 
TRP OXT  O  N N 336 
TRP H    H  N N 337 
TRP H2   H  N N 338 
TRP HA   H  N N 339 
TRP HB2  H  N N 340 
TRP HB3  H  N N 341 
TRP HD1  H  N N 342 
TRP HE1  H  N N 343 
TRP HE3  H  N N 344 
TRP HZ2  H  N N 345 
TRP HZ3  H  N N 346 
TRP HH2  H  N N 347 
TRP HXT  H  N N 348 
TYR N    N  N N 349 
TYR CA   C  N S 350 
TYR C    C  N N 351 
TYR O    O  N N 352 
TYR CB   C  N N 353 
TYR CG   C  Y N 354 
TYR CD1  C  Y N 355 
TYR CD2  C  Y N 356 
TYR CE1  C  Y N 357 
TYR CE2  C  Y N 358 
TYR CZ   C  Y N 359 
TYR OH   O  N N 360 
TYR OXT  O  N N 361 
TYR H    H  N N 362 
TYR H2   H  N N 363 
TYR HA   H  N N 364 
TYR HB2  H  N N 365 
TYR HB3  H  N N 366 
TYR HD1  H  N N 367 
TYR HD2  H  N N 368 
TYR HE1  H  N N 369 
TYR HE2  H  N N 370 
TYR HH   H  N N 371 
TYR HXT  H  N N 372 
VAL N    N  N N 373 
VAL CA   C  N S 374 
VAL C    C  N N 375 
VAL O    O  N N 376 
VAL CB   C  N N 377 
VAL CG1  C  N N 378 
VAL CG2  C  N N 379 
VAL OXT  O  N N 380 
VAL H    H  N N 381 
VAL H2   H  N N 382 
VAL HA   H  N N 383 
VAL HB   H  N N 384 
VAL HG11 H  N N 385 
VAL HG12 H  N N 386 
VAL HG13 H  N N 387 
VAL HG21 H  N N 388 
VAL HG22 H  N N 389 
VAL HG23 H  N N 390 
VAL HXT  H  N N 391 
# 
loop_
_chem_comp_bond.comp_id 
_chem_comp_bond.atom_id_1 
_chem_comp_bond.atom_id_2 
_chem_comp_bond.value_order 
_chem_comp_bond.pdbx_aromatic_flag 
_chem_comp_bond.pdbx_stereo_config 
_chem_comp_bond.pdbx_ordinal 
ALA N   CA   sing N N 1   
ALA N   H    sing N N 2   
ALA N   H2   sing N N 3   
ALA CA  C    sing N N 4   
ALA CA  CB   sing N N 5   
ALA CA  HA   sing N N 6   
ALA C   O    doub N N 7   
ALA C   OXT  sing N N 8   
ALA CB  HB1  sing N N 9   
ALA CB  HB2  sing N N 10  
ALA CB  HB3  sing N N 11  
ALA OXT HXT  sing N N 12  
ARG N   CA   sing N N 13  
ARG N   H    sing N N 14  
ARG N   H2   sing N N 15  
ARG CA  C    sing N N 16  
ARG CA  CB   sing N N 17  
ARG CA  HA   sing N N 18  
ARG C   O    doub N N 19  
ARG C   OXT  sing N N 20  
ARG CB  CG   sing N N 21  
ARG CB  HB2  sing N N 22  
ARG CB  HB3  sing N N 23  
ARG CG  CD   sing N N 24  
ARG CG  HG2  sing N N 25  
ARG CG  HG3  sing N N 26  
ARG CD  NE   sing N N 27  
ARG CD  HD2  sing N N 28  
ARG CD  HD3  sing N N 29  
ARG NE  CZ   sing N N 30  
ARG NE  HE   sing N N 31  
ARG CZ  NH1  sing N N 32  
ARG CZ  NH2  doub N N 33  
ARG NH1 HH11 sing N N 34  
ARG NH1 HH12 sing N N 35  
ARG NH2 HH21 sing N N 36  
ARG NH2 HH22 sing N N 37  
ARG OXT HXT  sing N N 38  
ASN N   CA   sing N N 39  
ASN N   H    sing N N 40  
ASN N   H2   sing N N 41  
ASN CA  C    sing N N 42  
ASN CA  CB   sing N N 43  
ASN CA  HA   sing N N 44  
ASN C   O    doub N N 45  
ASN C   OXT  sing N N 46  
ASN CB  CG   sing N N 47  
ASN CB  HB2  sing N N 48  
ASN CB  HB3  sing N N 49  
ASN CG  OD1  doub N N 50  
ASN CG  ND2  sing N N 51  
ASN ND2 HD21 sing N N 52  
ASN ND2 HD22 sing N N 53  
ASN OXT HXT  sing N N 54  
ASP N   CA   sing N N 55  
ASP N   H    sing N N 56  
ASP N   H2   sing N N 57  
ASP CA  C    sing N N 58  
ASP CA  CB   sing N N 59  
ASP CA  HA   sing N N 60  
ASP C   O    doub N N 61  
ASP C   OXT  sing N N 62  
ASP CB  CG   sing N N 63  
ASP CB  HB2  sing N N 64  
ASP CB  HB3  sing N N 65  
ASP CG  OD1  doub N N 66  
ASP CG  OD2  sing N N 67  
ASP OD2 HD2  sing N N 68  
ASP OXT HXT  sing N N 69  
CYS N   CA   sing N N 70  
CYS N   H    sing N N 71  
CYS N   H2   sing N N 72  
CYS CA  C    sing N N 73  
CYS CA  CB   sing N N 74  
CYS CA  HA   sing N N 75  
CYS C   O    doub N N 76  
CYS C   OXT  sing N N 77  
CYS CB  SG   sing N N 78  
CYS CB  HB2  sing N N 79  
CYS CB  HB3  sing N N 80  
CYS SG  HG   sing N N 81  
CYS OXT HXT  sing N N 82  
GLN N   CA   sing N N 83  
GLN N   H    sing N N 84  
GLN N   H2   sing N N 85  
GLN CA  C    sing N N 86  
GLN CA  CB   sing N N 87  
GLN CA  HA   sing N N 88  
GLN C   O    doub N N 89  
GLN C   OXT  sing N N 90  
GLN CB  CG   sing N N 91  
GLN CB  HB2  sing N N 92  
GLN CB  HB3  sing N N 93  
GLN CG  CD   sing N N 94  
GLN CG  HG2  sing N N 95  
GLN CG  HG3  sing N N 96  
GLN CD  OE1  doub N N 97  
GLN CD  NE2  sing N N 98  
GLN NE2 HE21 sing N N 99  
GLN NE2 HE22 sing N N 100 
GLN OXT HXT  sing N N 101 
GLU N   CA   sing N N 102 
GLU N   H    sing N N 103 
GLU N   H2   sing N N 104 
GLU CA  C    sing N N 105 
GLU CA  CB   sing N N 106 
GLU CA  HA   sing N N 107 
GLU C   O    doub N N 108 
GLU C   OXT  sing N N 109 
GLU CB  CG   sing N N 110 
GLU CB  HB2  sing N N 111 
GLU CB  HB3  sing N N 112 
GLU CG  CD   sing N N 113 
GLU CG  HG2  sing N N 114 
GLU CG  HG3  sing N N 115 
GLU CD  OE1  doub N N 116 
GLU CD  OE2  sing N N 117 
GLU OE2 HE2  sing N N 118 
GLU OXT HXT  sing N N 119 
GLY N   CA   sing N N 120 
GLY N   H    sing N N 121 
GLY N   H2   sing N N 122 
GLY CA  C    sing N N 123 
GLY CA  HA2  sing N N 124 
GLY CA  HA3  sing N N 125 
GLY C   O    doub N N 126 
GLY C   OXT  sing N N 127 
GLY OXT HXT  sing N N 128 
HIS N   CA   sing N N 129 
HIS N   H    sing N N 130 
HIS N   H2   sing N N 131 
HIS CA  C    sing N N 132 
HIS CA  CB   sing N N 133 
HIS CA  HA   sing N N 134 
HIS C   O    doub N N 135 
HIS C   OXT  sing N N 136 
HIS CB  CG   sing N N 137 
HIS CB  HB2  sing N N 138 
HIS CB  HB3  sing N N 139 
HIS CG  ND1  sing Y N 140 
HIS CG  CD2  doub Y N 141 
HIS ND1 CE1  doub Y N 142 
HIS ND1 HD1  sing N N 143 
HIS CD2 NE2  sing Y N 144 
HIS CD2 HD2  sing N N 145 
HIS CE1 NE2  sing Y N 146 
HIS CE1 HE1  sing N N 147 
HIS NE2 HE2  sing N N 148 
HIS OXT HXT  sing N N 149 
HOH O   H1   sing N N 150 
HOH O   H2   sing N N 151 
ILE N   CA   sing N N 152 
ILE N   H    sing N N 153 
ILE N   H2   sing N N 154 
ILE CA  C    sing N N 155 
ILE CA  CB   sing N N 156 
ILE CA  HA   sing N N 157 
ILE C   O    doub N N 158 
ILE C   OXT  sing N N 159 
ILE CB  CG1  sing N N 160 
ILE CB  CG2  sing N N 161 
ILE CB  HB   sing N N 162 
ILE CG1 CD1  sing N N 163 
ILE CG1 HG12 sing N N 164 
ILE CG1 HG13 sing N N 165 
ILE CG2 HG21 sing N N 166 
ILE CG2 HG22 sing N N 167 
ILE CG2 HG23 sing N N 168 
ILE CD1 HD11 sing N N 169 
ILE CD1 HD12 sing N N 170 
ILE CD1 HD13 sing N N 171 
ILE OXT HXT  sing N N 172 
LEU N   CA   sing N N 173 
LEU N   H    sing N N 174 
LEU N   H2   sing N N 175 
LEU CA  C    sing N N 176 
LEU CA  CB   sing N N 177 
LEU CA  HA   sing N N 178 
LEU C   O    doub N N 179 
LEU C   OXT  sing N N 180 
LEU CB  CG   sing N N 181 
LEU CB  HB2  sing N N 182 
LEU CB  HB3  sing N N 183 
LEU CG  CD1  sing N N 184 
LEU CG  CD2  sing N N 185 
LEU CG  HG   sing N N 186 
LEU CD1 HD11 sing N N 187 
LEU CD1 HD12 sing N N 188 
LEU CD1 HD13 sing N N 189 
LEU CD2 HD21 sing N N 190 
LEU CD2 HD22 sing N N 191 
LEU CD2 HD23 sing N N 192 
LEU OXT HXT  sing N N 193 
LYS N   CA   sing N N 194 
LYS N   H    sing N N 195 
LYS N   H2   sing N N 196 
LYS CA  C    sing N N 197 
LYS CA  CB   sing N N 198 
LYS CA  HA   sing N N 199 
LYS C   O    doub N N 200 
LYS C   OXT  sing N N 201 
LYS CB  CG   sing N N 202 
LYS CB  HB2  sing N N 203 
LYS CB  HB3  sing N N 204 
LYS CG  CD   sing N N 205 
LYS CG  HG2  sing N N 206 
LYS CG  HG3  sing N N 207 
LYS CD  CE   sing N N 208 
LYS CD  HD2  sing N N 209 
LYS CD  HD3  sing N N 210 
LYS CE  NZ   sing N N 211 
LYS CE  HE2  sing N N 212 
LYS CE  HE3  sing N N 213 
LYS NZ  HZ1  sing N N 214 
LYS NZ  HZ2  sing N N 215 
LYS NZ  HZ3  sing N N 216 
LYS OXT HXT  sing N N 217 
MET N   CA   sing N N 218 
MET N   H    sing N N 219 
MET N   H2   sing N N 220 
MET CA  C    sing N N 221 
MET CA  CB   sing N N 222 
MET CA  HA   sing N N 223 
MET C   O    doub N N 224 
MET C   OXT  sing N N 225 
MET CB  CG   sing N N 226 
MET CB  HB2  sing N N 227 
MET CB  HB3  sing N N 228 
MET CG  SD   sing N N 229 
MET CG  HG2  sing N N 230 
MET CG  HG3  sing N N 231 
MET SD  CE   sing N N 232 
MET CE  HE1  sing N N 233 
MET CE  HE2  sing N N 234 
MET CE  HE3  sing N N 235 
MET OXT HXT  sing N N 236 
PHE N   CA   sing N N 237 
PHE N   H    sing N N 238 
PHE N   H2   sing N N 239 
PHE CA  C    sing N N 240 
PHE CA  CB   sing N N 241 
PHE CA  HA   sing N N 242 
PHE C   O    doub N N 243 
PHE C   OXT  sing N N 244 
PHE CB  CG   sing N N 245 
PHE CB  HB2  sing N N 246 
PHE CB  HB3  sing N N 247 
PHE CG  CD1  doub Y N 248 
PHE CG  CD2  sing Y N 249 
PHE CD1 CE1  sing Y N 250 
PHE CD1 HD1  sing N N 251 
PHE CD2 CE2  doub Y N 252 
PHE CD2 HD2  sing N N 253 
PHE CE1 CZ   doub Y N 254 
PHE CE1 HE1  sing N N 255 
PHE CE2 CZ   sing Y N 256 
PHE CE2 HE2  sing N N 257 
PHE CZ  HZ   sing N N 258 
PHE OXT HXT  sing N N 259 
PRO N   CA   sing N N 260 
PRO N   CD   sing N N 261 
PRO N   H    sing N N 262 
PRO CA  C    sing N N 263 
PRO CA  CB   sing N N 264 
PRO CA  HA   sing N N 265 
PRO C   O    doub N N 266 
PRO C   OXT  sing N N 267 
PRO CB  CG   sing N N 268 
PRO CB  HB2  sing N N 269 
PRO CB  HB3  sing N N 270 
PRO CG  CD   sing N N 271 
PRO CG  HG2  sing N N 272 
PRO CG  HG3  sing N N 273 
PRO CD  HD2  sing N N 274 
PRO CD  HD3  sing N N 275 
PRO OXT HXT  sing N N 276 
SER N   CA   sing N N 277 
SER N   H    sing N N 278 
SER N   H2   sing N N 279 
SER CA  C    sing N N 280 
SER CA  CB   sing N N 281 
SER CA  HA   sing N N 282 
SER C   O    doub N N 283 
SER C   OXT  sing N N 284 
SER CB  OG   sing N N 285 
SER CB  HB2  sing N N 286 
SER CB  HB3  sing N N 287 
SER OG  HG   sing N N 288 
SER OXT HXT  sing N N 289 
THR N   CA   sing N N 290 
THR N   H    sing N N 291 
THR N   H2   sing N N 292 
THR CA  C    sing N N 293 
THR CA  CB   sing N N 294 
THR CA  HA   sing N N 295 
THR C   O    doub N N 296 
THR C   OXT  sing N N 297 
THR CB  OG1  sing N N 298 
THR CB  CG2  sing N N 299 
THR CB  HB   sing N N 300 
THR OG1 HG1  sing N N 301 
THR CG2 HG21 sing N N 302 
THR CG2 HG22 sing N N 303 
THR CG2 HG23 sing N N 304 
THR OXT HXT  sing N N 305 
TRP N   CA   sing N N 306 
TRP N   H    sing N N 307 
TRP N   H2   sing N N 308 
TRP CA  C    sing N N 309 
TRP CA  CB   sing N N 310 
TRP CA  HA   sing N N 311 
TRP C   O    doub N N 312 
TRP C   OXT  sing N N 313 
TRP CB  CG   sing N N 314 
TRP CB  HB2  sing N N 315 
TRP CB  HB3  sing N N 316 
TRP CG  CD1  doub Y N 317 
TRP CG  CD2  sing Y N 318 
TRP CD1 NE1  sing Y N 319 
TRP CD1 HD1  sing N N 320 
TRP CD2 CE2  doub Y N 321 
TRP CD2 CE3  sing Y N 322 
TRP NE1 CE2  sing Y N 323 
TRP NE1 HE1  sing N N 324 
TRP CE2 CZ2  sing Y N 325 
TRP CE3 CZ3  doub Y N 326 
TRP CE3 HE3  sing N N 327 
TRP CZ2 CH2  doub Y N 328 
TRP CZ2 HZ2  sing N N 329 
TRP CZ3 CH2  sing Y N 330 
TRP CZ3 HZ3  sing N N 331 
TRP CH2 HH2  sing N N 332 
TRP OXT HXT  sing N N 333 
TYR N   CA   sing N N 334 
TYR N   H    sing N N 335 
TYR N   H2   sing N N 336 
TYR CA  C    sing N N 337 
TYR CA  CB   sing N N 338 
TYR CA  HA   sing N N 339 
TYR C   O    doub N N 340 
TYR C   OXT  sing N N 341 
TYR CB  CG   sing N N 342 
TYR CB  HB2  sing N N 343 
TYR CB  HB3  sing N N 344 
TYR CG  CD1  doub Y N 345 
TYR CG  CD2  sing Y N 346 
TYR CD1 CE1  sing Y N 347 
TYR CD1 HD1  sing N N 348 
TYR CD2 CE2  doub Y N 349 
TYR CD2 HD2  sing N N 350 
TYR CE1 CZ   doub Y N 351 
TYR CE1 HE1  sing N N 352 
TYR CE2 CZ   sing Y N 353 
TYR CE2 HE2  sing N N 354 
TYR CZ  OH   sing N N 355 
TYR OH  HH   sing N N 356 
TYR OXT HXT  sing N N 357 
VAL N   CA   sing N N 358 
VAL N   H    sing N N 359 
VAL N   H2   sing N N 360 
VAL CA  C    sing N N 361 
VAL CA  CB   sing N N 362 
VAL CA  HA   sing N N 363 
VAL C   O    doub N N 364 
VAL C   OXT  sing N N 365 
VAL CB  CG1  sing N N 366 
VAL CB  CG2  sing N N 367 
VAL CB  HB   sing N N 368 
VAL CG1 HG11 sing N N 369 
VAL CG1 HG12 sing N N 370 
VAL CG1 HG13 sing N N 371 
VAL CG2 HG21 sing N N 372 
VAL CG2 HG22 sing N N 373 
VAL CG2 HG23 sing N N 374 
VAL OXT HXT  sing N N 375 
# 
_atom_sites.entry_id                    1SRA 
_atom_sites.fract_transf_matrix[1][1]   -0.00207545 
_atom_sites.fract_transf_matrix[1][2]   -0.01792537 
_atom_sites.fract_transf_matrix[1][3]   0.00293347 
_atom_sites.fract_transf_matrix[2][1]   0.01340909 
_atom_sites.fract_transf_matrix[2][2]   0.00043963 
_atom_sites.fract_transf_matrix[2][3]   0.01217344 
_atom_sites.fract_transf_matrix[3][1]   -0.00877822 
_atom_sites.fract_transf_matrix[3][2]   0.00258346 
_atom_sites.fract_transf_matrix[3][3]   0.00957594 
_atom_sites.fract_transf_vector[1]      0.701289 
_atom_sites.fract_transf_vector[2]      0.313399 
_atom_sites.fract_transf_vector[3]      0.400511 
# 
_atom_sites_footnote.id     1 
_atom_sites_footnote.text   'CIS PROLINE - PRO     225' 
# 
loop_
_atom_type.symbol 
C  
CA 
N  
O  
S  
# 
loop_
_atom_site.group_PDB 
_atom_site.id 
_atom_site.type_symbol 
_atom_site.label_atom_id 
_atom_site.label_alt_id 
_atom_site.label_comp_id 
_atom_site.label_asym_id 
_atom_site.label_entity_id 
_atom_site.label_seq_id 
_atom_site.pdbx_PDB_ins_code 
_atom_site.Cartn_x 
_atom_site.Cartn_y 
_atom_site.Cartn_z 
_atom_site.occupancy 
_atom_site.B_iso_or_equiv 
_atom_site.pdbx_formal_charge 
_atom_site.auth_seq_id 
_atom_site.auth_comp_id 
_atom_site.auth_asym_id 
_atom_site.auth_atom_id 
_atom_site.pdbx_PDB_model_num 
ATOM   1    N  N   . PRO A 1 1   ? -12.952 7.701   -16.399 1.00 36.80 ? 136 PRO A N   1 
ATOM   2    C  CA  . PRO A 1 1   ? -11.999 7.818   -17.557 1.00 42.25 ? 136 PRO A CA  1 
ATOM   3    C  C   . PRO A 1 1   ? -11.100 6.641   -17.670 1.00 33.68 ? 136 PRO A C   1 
ATOM   4    O  O   . PRO A 1 1   ? -10.554 6.166   -16.688 1.00 36.07 ? 136 PRO A O   1 
ATOM   5    C  CB  . PRO A 1 1   ? -11.194 9.097   -17.418 1.00 32.77 ? 136 PRO A CB  1 
ATOM   6    C  CG  . PRO A 1 1   ? -11.306 9.346   -15.845 1.00 40.00 ? 136 PRO A CG  1 
ATOM   7    C  CD  . PRO A 1 1   ? -12.778 8.871   -15.552 1.00 40.00 ? 136 PRO A CD  1 
ATOM   8    N  N   . PRO A 1 2   ? -10.817 6.239   -18.908 1.00 30.47 ? 137 PRO A N   1 
ATOM   9    C  CA  . PRO A 1 2   ? -9.972  5.087   -19.183 1.00 24.96 ? 137 PRO A CA  1 
ATOM   10   C  C   . PRO A 1 2   ? -8.551  5.353   -18.659 1.00 23.83 ? 137 PRO A C   1 
ATOM   11   O  O   . PRO A 1 2   ? -8.103  6.501   -18.503 1.00 25.50 ? 137 PRO A O   1 
ATOM   12   C  CB  . PRO A 1 2   ? -10.009 4.980   -20.706 1.00 30.61 ? 137 PRO A CB  1 
ATOM   13   C  CG  . PRO A 1 2   ? -10.267 6.385   -21.168 1.00 29.42 ? 137 PRO A CG  1 
ATOM   14   C  CD  . PRO A 1 2   ? -11.285 6.875   -20.167 1.00 28.72 ? 137 PRO A CD  1 
ATOM   15   N  N   . CYS A 1 3   ? -7.873  4.274   -18.334 1.00 17.34 ? 138 CYS A N   1 
ATOM   16   C  CA  . CYS A 1 3   ? -6.543  4.300   -17.794 1.00 13.57 ? 138 CYS A CA  1 
ATOM   17   C  C   . CYS A 1 3   ? -5.567  3.911   -18.861 1.00 22.57 ? 138 CYS A C   1 
ATOM   18   O  O   . CYS A 1 3   ? -5.538  2.759   -19.290 1.00 20.82 ? 138 CYS A O   1 
ATOM   19   C  CB  . CYS A 1 3   ? -6.455  3.288   -16.648 1.00 10.53 ? 138 CYS A CB  1 
ATOM   20   S  SG  . CYS A 1 3   ? -4.814  3.209   -15.940 1.00 17.15 ? 138 CYS A SG  1 
ATOM   21   N  N   . LEU A 1 4   ? -4.754  4.873   -19.273 1.00 18.74 ? 139 LEU A N   1 
ATOM   22   C  CA  . LEU A 1 4   ? -3.722  4.646   -20.283 1.00 17.02 ? 139 LEU A CA  1 
ATOM   23   C  C   . LEU A 1 4   ? -2.634  3.722   -19.738 1.00 16.31 ? 139 LEU A C   1 
ATOM   24   O  O   . LEU A 1 4   ? -2.377  3.710   -18.529 1.00 13.45 ? 139 LEU A O   1 
ATOM   25   C  CB  . LEU A 1 4   ? -3.068  5.994   -20.632 1.00 12.40 ? 139 LEU A CB  1 
ATOM   26   C  CG  . LEU A 1 4   ? -4.006  7.038   -21.260 1.00 19.51 ? 139 LEU A CG  1 
ATOM   27   C  CD1 . LEU A 1 4   ? -3.413  8.438   -21.186 1.00 24.02 ? 139 LEU A CD1 1 
ATOM   28   C  CD2 . LEU A 1 4   ? -4.267  6.663   -22.698 1.00 19.03 ? 139 LEU A CD2 1 
ATOM   29   N  N   . ASP A 1 5   ? -1.954  2.991   -20.621 1.00 19.69 ? 140 ASP A N   1 
ATOM   30   C  CA  . ASP A 1 5   ? -0.860  2.121   -20.189 1.00 15.77 ? 140 ASP A CA  1 
ATOM   31   C  C   . ASP A 1 5   ? 0.178   3.007   -19.572 1.00 14.34 ? 140 ASP A C   1 
ATOM   32   O  O   . ASP A 1 5   ? 0.834   2.612   -18.618 1.00 17.18 ? 140 ASP A O   1 
ATOM   33   C  CB  . ASP A 1 5   ? -0.194  1.380   -21.345 1.00 15.29 ? 140 ASP A CB  1 
ATOM   34   C  CG  . ASP A 1 5   ? -1.128  0.444   -22.052 1.00 27.38 ? 140 ASP A CG  1 
ATOM   35   O  OD1 . ASP A 1 5   ? -2.187  0.152   -21.483 1.00 30.23 ? 140 ASP A OD1 1 
ATOM   36   O  OD2 . ASP A 1 5   ? -0.809  0.019   -23.190 1.00 40.43 ? 140 ASP A OD2 1 
ATOM   37   N  N   . SER A 1 6   ? 0.345   4.206   -20.119 1.00 14.41 ? 141 SER A N   1 
ATOM   38   C  CA  . SER A 1 6   ? 1.339   5.134   -19.578 1.00 16.06 ? 141 SER A CA  1 
ATOM   39   C  C   . SER A 1 6   ? 1.045   5.513   -18.113 1.00 18.27 ? 141 SER A C   1 
ATOM   40   O  O   . SER A 1 6   ? 1.961   5.680   -17.301 1.00 21.48 ? 141 SER A O   1 
ATOM   41   C  CB  . SER A 1 6   ? 1.458   6.381   -20.483 1.00 17.38 ? 141 SER A CB  1 
ATOM   42   O  OG  . SER A 1 6   ? 0.248   7.107   -20.584 1.00 20.89 ? 141 SER A OG  1 
ATOM   43   N  N   . GLU A 1 7   ? -0.239  5.591   -17.765 1.00 18.19 ? 142 GLU A N   1 
ATOM   44   C  CA  . GLU A 1 7   ? -0.649  5.915   -16.395 1.00 14.37 ? 142 GLU A CA  1 
ATOM   45   C  C   . GLU A 1 7   ? -0.498  4.689   -15.489 1.00 17.77 ? 142 GLU A C   1 
ATOM   46   O  O   . GLU A 1 7   ? -0.089  4.790   -14.319 1.00 16.86 ? 142 GLU A O   1 
ATOM   47   C  CB  . GLU A 1 7   ? -2.111  6.363   -16.372 1.00 13.01 ? 142 GLU A CB  1 
ATOM   48   C  CG  . GLU A 1 7   ? -2.360  7.710   -17.019 1.00 11.28 ? 142 GLU A CG  1 
ATOM   49   C  CD  . GLU A 1 7   ? -3.807  8.142   -16.931 1.00 14.32 ? 142 GLU A CD  1 
ATOM   50   O  OE1 . GLU A 1 7   ? -4.666  7.521   -17.584 1.00 17.82 ? 142 GLU A OE1 1 
ATOM   51   O  OE2 . GLU A 1 7   ? -4.100  9.109   -16.200 1.00 23.15 ? 142 GLU A OE2 1 
ATOM   52   N  N   . LEU A 1 8   ? -0.885  3.541   -16.035 1.00 19.11 ? 143 LEU A N   1 
ATOM   53   C  CA  . LEU A 1 8   ? -0.827  2.277   -15.324 1.00 15.63 ? 143 LEU A CA  1 
ATOM   54   C  C   . LEU A 1 8   ? 0.579   2.003   -14.795 1.00 16.70 ? 143 LEU A C   1 
ATOM   55   O  O   . LEU A 1 8   ? 0.741   1.509   -13.677 1.00 16.13 ? 143 LEU A O   1 
ATOM   56   C  CB  . LEU A 1 8   ? -1.298  1.155   -16.249 1.00 14.67 ? 143 LEU A CB  1 
ATOM   57   C  CG  . LEU A 1 8   ? -1.474  -0.230  -15.635 1.00 22.15 ? 143 LEU A CG  1 
ATOM   58   C  CD1 . LEU A 1 8   ? -2.514  -0.188  -14.525 1.00 24.87 ? 143 LEU A CD1 1 
ATOM   59   C  CD2 . LEU A 1 8   ? -1.899  -1.200  -16.727 1.00 32.45 ? 143 LEU A CD2 1 
ATOM   60   N  N   . THR A 1 9   ? 1.591   2.406   -15.560 1.00 19.17 ? 144 THR A N   1 
ATOM   61   C  CA  . THR A 1 9   ? 2.987   2.224   -15.159 1.00 17.85 ? 144 THR A CA  1 
ATOM   62   C  C   . THR A 1 9   ? 3.337   2.996   -13.889 1.00 19.10 ? 144 THR A C   1 
ATOM   63   O  O   . THR A 1 9   ? 4.135   2.545   -13.078 1.00 22.77 ? 144 THR A O   1 
ATOM   64   C  CB  . THR A 1 9   ? 3.934   2.678   -16.265 1.00 16.24 ? 144 THR A CB  1 
ATOM   65   O  OG1 . THR A 1 9   ? 3.750   1.847   -17.410 1.00 21.06 ? 144 THR A OG1 1 
ATOM   66   C  CG2 . THR A 1 9   ? 5.356   2.568   -15.811 1.00 23.37 ? 144 THR A CG2 1 
ATOM   67   N  N   . GLU A 1 10  ? 2.781   4.188   -13.727 1.00 16.12 ? 145 GLU A N   1 
ATOM   68   C  CA  . GLU A 1 10  ? 3.078   4.960   -12.527 1.00 15.48 ? 145 GLU A CA  1 
ATOM   69   C  C   . GLU A 1 10  ? 2.248   4.598   -11.316 1.00 9.06  ? 145 GLU A C   1 
ATOM   70   O  O   . GLU A 1 10  ? 2.593   4.995   -10.207 1.00 14.24 ? 145 GLU A O   1 
ATOM   71   C  CB  . GLU A 1 10  ? 2.821   6.437   -12.779 1.00 21.30 ? 145 GLU A CB  1 
ATOM   72   C  CG  . GLU A 1 10  ? 3.561   7.003   -13.952 1.00 35.35 ? 145 GLU A CG  1 
ATOM   73   C  CD  . GLU A 1 10  ? 3.347   8.499   -14.105 1.00 31.25 ? 145 GLU A CD  1 
ATOM   74   O  OE1 . GLU A 1 10  ? 2.498   9.093   -13.376 1.00 27.57 ? 145 GLU A OE1 1 
ATOM   75   O  OE2 . GLU A 1 10  ? 4.052   9.068   -14.967 1.00 39.23 ? 145 GLU A OE2 1 
ATOM   76   N  N   . PHE A 1 11  ? 1.070   4.036   -11.553 1.00 13.29 ? 146 PHE A N   1 
ATOM   77   C  CA  . PHE A 1 11  ? 0.145   3.689   -10.470 1.00 15.31 ? 146 PHE A CA  1 
ATOM   78   C  C   . PHE A 1 11  ? 0.767   3.087   -9.210  1.00 15.34 ? 146 PHE A C   1 
ATOM   79   O  O   . PHE A 1 11  ? 0.592   3.630   -8.121  1.00 14.88 ? 146 PHE A O   1 
ATOM   80   C  CB  . PHE A 1 11  ? -1.000  2.817   -10.989 1.00 19.88 ? 146 PHE A CB  1 
ATOM   81   C  CG  . PHE A 1 11  ? -2.046  2.525   -9.955  1.00 21.80 ? 146 PHE A CG  1 
ATOM   82   C  CD1 . PHE A 1 11  ? -1.915  1.419   -9.106  1.00 16.38 ? 146 PHE A CD1 1 
ATOM   83   C  CD2 . PHE A 1 11  ? -3.151  3.369   -9.812  1.00 14.11 ? 146 PHE A CD2 1 
ATOM   84   C  CE1 . PHE A 1 11  ? -2.865  1.152   -8.125  1.00 16.54 ? 146 PHE A CE1 1 
ATOM   85   C  CE2 . PHE A 1 11  ? -4.115  3.115   -8.832  1.00 17.03 ? 146 PHE A CE2 1 
ATOM   86   C  CZ  . PHE A 1 11  ? -3.971  2.003   -7.990  1.00 16.39 ? 146 PHE A CZ  1 
ATOM   87   N  N   . PRO A 1 12  ? 1.505   1.966   -9.329  1.00 16.12 ? 147 PRO A N   1 
ATOM   88   C  CA  . PRO A 1 12  ? 2.104   1.392   -8.119  1.00 13.02 ? 147 PRO A CA  1 
ATOM   89   C  C   . PRO A 1 12  ? 3.078   2.308   -7.359  1.00 19.02 ? 147 PRO A C   1 
ATOM   90   O  O   . PRO A 1 12  ? 3.132   2.240   -6.134  1.00 14.77 ? 147 PRO A O   1 
ATOM   91   C  CB  . PRO A 1 12  ? 2.792   0.117   -8.635  1.00 16.15 ? 147 PRO A CB  1 
ATOM   92   C  CG  . PRO A 1 12  ? 3.012   0.406   -10.099 1.00 14.00 ? 147 PRO A CG  1 
ATOM   93   C  CD  . PRO A 1 12  ? 1.765   1.106   -10.497 1.00 10.57 ? 147 PRO A CD  1 
ATOM   94   N  N   . LEU A 1 13  ? 3.870   3.118   -8.069  1.00 12.52 ? 148 LEU A N   1 
ATOM   95   C  CA  . LEU A 1 13  ? 4.804   4.052   -7.408  1.00 9.61  ? 148 LEU A CA  1 
ATOM   96   C  C   . LEU A 1 13  ? 4.052   5.113   -6.598  1.00 10.90 ? 148 LEU A C   1 
ATOM   97   O  O   . LEU A 1 13  ? 4.396   5.425   -5.463  1.00 13.87 ? 148 LEU A O   1 
ATOM   98   C  CB  . LEU A 1 13  ? 5.701   4.736   -8.440  1.00 14.20 ? 148 LEU A CB  1 
ATOM   99   C  CG  . LEU A 1 13  ? 6.653   3.731   -9.086  1.00 17.58 ? 148 LEU A CG  1 
ATOM   100  C  CD1 . LEU A 1 13  ? 6.392   3.660   -10.564 1.00 29.56 ? 148 LEU A CD1 1 
ATOM   101  C  CD2 . LEU A 1 13  ? 8.085   4.129   -8.807  1.00 18.43 ? 148 LEU A CD2 1 
ATOM   102  N  N   . ARG A 1 14  ? 3.014   5.654   -7.216  1.00 11.97 ? 149 ARG A N   1 
ATOM   103  C  CA  . ARG A 1 14  ? 2.154   6.658   -6.623  1.00 15.31 ? 149 ARG A CA  1 
ATOM   104  C  C   . ARG A 1 14  ? 1.400   6.070   -5.422  1.00 19.47 ? 149 ARG A C   1 
ATOM   105  O  O   . ARG A 1 14  ? 1.331   6.683   -4.350  1.00 10.35 ? 149 ARG A O   1 
ATOM   106  C  CB  . ARG A 1 14  ? 1.135   7.087   -7.673  1.00 23.01 ? 149 ARG A CB  1 
ATOM   107  C  CG  . ARG A 1 14  ? 1.030   8.561   -7.914  1.00 42.50 ? 149 ARG A CG  1 
ATOM   108  C  CD  . ARG A 1 14  ? 1.861   9.002   -9.080  1.00 33.43 ? 149 ARG A CD  1 
ATOM   109  N  NE  . ARG A 1 14  ? 2.830   10.007  -8.651  1.00 56.97 ? 149 ARG A NE  1 
ATOM   110  C  CZ  . ARG A 1 14  ? 3.504   10.804  -9.474  1.00 53.78 ? 149 ARG A CZ  1 
ATOM   111  N  NH1 . ARG A 1 14  ? 3.307   10.727  -10.786 1.00 56.58 ? 149 ARG A NH1 1 
ATOM   112  N  NH2 . ARG A 1 14  ? 4.421   11.633  -8.992  1.00 49.99 ? 149 ARG A NH2 1 
ATOM   113  N  N   . MET A 1 15  ? 0.806   4.896   -5.616  1.00 10.72 ? 150 MET A N   1 
ATOM   114  C  CA  . MET A 1 15  ? 0.035   4.239   -4.555  1.00 12.19 ? 150 MET A CA  1 
ATOM   115  C  C   . MET A 1 15  ? 0.861   3.912   -3.324  1.00 9.90  ? 150 MET A C   1 
ATOM   116  O  O   . MET A 1 15  ? 0.420   4.118   -2.193  1.00 12.73 ? 150 MET A O   1 
ATOM   117  C  CB  . MET A 1 15  ? -0.583  2.953   -5.094  1.00 18.03 ? 150 MET A CB  1 
ATOM   118  C  CG  . MET A 1 15  ? -1.317  2.179   -4.009  1.00 32.61 ? 150 MET A CG  1 
ATOM   119  S  SD  . MET A 1 15  ? -2.873  2.941   -3.615  1.00 37.37 ? 150 MET A SD  1 
ATOM   120  C  CE  . MET A 1 15  ? -3.849  2.045   -4.715  1.00 29.28 ? 150 MET A CE  1 
ATOM   121  N  N   . ARG A 1 16  ? 2.052   3.359   -3.557  1.00 11.31 ? 151 ARG A N   1 
ATOM   122  C  CA  . ARG A 1 16  ? 2.989   2.990   -2.509  1.00 11.00 ? 151 ARG A CA  1 
ATOM   123  C  C   . ARG A 1 16  ? 3.413   4.178   -1.651  1.00 20.80 ? 151 ARG A C   1 
ATOM   124  O  O   . ARG A 1 16  ? 3.474   4.083   -0.411  1.00 14.39 ? 151 ARG A O   1 
ATOM   125  C  CB  . ARG A 1 16  ? 4.213   2.356   -3.154  1.00 12.32 ? 151 ARG A CB  1 
ATOM   126  C  CG  . ARG A 1 16  ? 4.766   1.206   -2.416  1.00 18.09 ? 151 ARG A CG  1 
ATOM   127  C  CD  . ARG A 1 16  ? 5.657   0.399   -3.305  1.00 17.25 ? 151 ARG A CD  1 
ATOM   128  N  NE  . ARG A 1 16  ? 6.498   1.268   -4.104  1.00 19.39 ? 151 ARG A NE  1 
ATOM   129  C  CZ  . ARG A 1 16  ? 7.030   0.921   -5.264  1.00 18.45 ? 151 ARG A CZ  1 
ATOM   130  N  NH1 . ARG A 1 16  ? 6.821   -0.288  -5.762  1.00 18.61 ? 151 ARG A NH1 1 
ATOM   131  N  NH2 . ARG A 1 16  ? 7.737   1.798   -5.948  1.00 20.98 ? 151 ARG A NH2 1 
ATOM   132  N  N   . ASP A 1 17  ? 3.732   5.287   -2.309  1.00 13.98 ? 152 ASP A N   1 
ATOM   133  C  CA  . ASP A 1 17  ? 4.149   6.503   -1.609  1.00 9.46  ? 152 ASP A CA  1 
ATOM   134  C  C   . ASP A 1 17  ? 2.976   7.072   -0.781  1.00 6.98  ? 152 ASP A C   1 
ATOM   135  O  O   . ASP A 1 17  ? 3.146   7.463   0.374   1.00 13.38 ? 152 ASP A O   1 
ATOM   136  C  CB  . ASP A 1 17  ? 4.668   7.509   -2.653  1.00 13.98 ? 152 ASP A CB  1 
ATOM   137  C  CG  . ASP A 1 17  ? 4.870   8.904   -2.092  1.00 26.51 ? 152 ASP A CG  1 
ATOM   138  O  OD1 . ASP A 1 17  ? 5.835   9.119   -1.340  1.00 19.80 ? 152 ASP A OD1 1 
ATOM   139  O  OD2 . ASP A 1 17  ? 4.070   9.806   -2.437  1.00 28.05 ? 152 ASP A OD2 1 
ATOM   140  N  N   . TRP A 1 18  ? 1.779   7.011   -1.367  1.00 13.22 ? 153 TRP A N   1 
ATOM   141  C  CA  . TRP A 1 18  ? 0.557   7.489   -0.740  1.00 13.22 ? 153 TRP A CA  1 
ATOM   142  C  C   . TRP A 1 18  ? 0.274   6.711   0.565   1.00 16.43 ? 153 TRP A C   1 
ATOM   143  O  O   . TRP A 1 18  ? -0.033  7.311   1.596   1.00 12.75 ? 153 TRP A O   1 
ATOM   144  C  CB  . TRP A 1 18  ? -0.613  7.388   -1.731  1.00 10.09 ? 153 TRP A CB  1 
ATOM   145  C  CG  . TRP A 1 18  ? -1.910  7.859   -1.143  1.00 13.83 ? 153 TRP A CG  1 
ATOM   146  C  CD1 . TRP A 1 18  ? -2.312  9.169   -0.960  1.00 16.91 ? 153 TRP A CD1 1 
ATOM   147  C  CD2 . TRP A 1 18  ? -2.958  7.042   -0.603  1.00 15.57 ? 153 TRP A CD2 1 
ATOM   148  N  NE1 . TRP A 1 18  ? -3.542  9.199   -0.339  1.00 15.01 ? 153 TRP A NE1 1 
ATOM   149  C  CE2 . TRP A 1 18  ? -3.962  7.914   -0.112  1.00 16.69 ? 153 TRP A CE2 1 
ATOM   150  C  CE3 . TRP A 1 18  ? -3.146  5.655   -0.478  1.00 14.92 ? 153 TRP A CE3 1 
ATOM   151  C  CZ2 . TRP A 1 18  ? -5.135  7.438   0.488   1.00 18.86 ? 153 TRP A CZ2 1 
ATOM   152  C  CZ3 . TRP A 1 18  ? -4.307  5.185   0.122   1.00 18.86 ? 153 TRP A CZ3 1 
ATOM   153  C  CH2 . TRP A 1 18  ? -5.290  6.075   0.599   1.00 28.28 ? 153 TRP A CH2 1 
ATOM   154  N  N   . LEU A 1 19  ? 0.407   5.382   0.517   1.00 15.00 ? 154 LEU A N   1 
ATOM   155  C  CA  . LEU A 1 19  ? 0.200   4.501   1.693   1.00 15.62 ? 154 LEU A CA  1 
ATOM   156  C  C   . LEU A 1 19  ? 1.150   4.824   2.818   1.00 11.03 ? 154 LEU A C   1 
ATOM   157  O  O   . LEU A 1 19  ? 0.764   4.839   3.982   1.00 13.84 ? 154 LEU A O   1 
ATOM   158  C  CB  . LEU A 1 19  ? 0.462   3.040   1.326   1.00 15.57 ? 154 LEU A CB  1 
ATOM   159  C  CG  . LEU A 1 19  ? -0.516  2.410   0.382   1.00 16.87 ? 154 LEU A CG  1 
ATOM   160  C  CD1 . LEU A 1 19  ? -0.064  0.984   0.095   1.00 25.20 ? 154 LEU A CD1 1 
ATOM   161  C  CD2 . LEU A 1 19  ? -1.880  2.459   1.037   1.00 22.15 ? 154 LEU A CD2 1 
ATOM   162  N  N   . LYS A 1 20  ? 2.419   5.000   2.456   1.00 13.52 ? 155 LYS A N   1 
ATOM   163  C  CA  . LYS A 1 20  ? 3.471   5.320   3.400   1.00 12.69 ? 155 LYS A CA  1 
ATOM   164  C  C   . LYS A 1 20  ? 3.116   6.601   4.108   1.00 17.28 ? 155 LYS A C   1 
ATOM   165  O  O   . LYS A 1 20  ? 3.212   6.671   5.339   1.00 15.42 ? 155 LYS A O   1 
ATOM   166  C  CB  . LYS A 1 20  ? 4.834   5.498   2.708   1.00 10.32 ? 155 LYS A CB  1 
ATOM   167  C  CG  . LYS A 1 20  ? 5.965   5.730   3.729   1.00 13.95 ? 155 LYS A CG  1 
ATOM   168  C  CD  . LYS A 1 20  ? 7.245   6.259   3.113   1.00 18.55 ? 155 LYS A CD  1 
ATOM   169  C  CE  . LYS A 1 20  ? 7.041   7.682   2.622   1.00 23.32 ? 155 LYS A CE  1 
ATOM   170  N  NZ  . LYS A 1 20  ? 8.193   8.182   1.873   1.00 22.94 ? 155 LYS A NZ  1 
ATOM   171  N  N   . ASN A 1 21  ? 2.669   7.590   3.335   1.00 11.66 ? 156 ASN A N   1 
ATOM   172  C  CA  . ASN A 1 21  ? 2.321   8.897   3.904   1.00 10.05 ? 156 ASN A CA  1 
ATOM   173  C  C   . ASN A 1 21  ? 1.036   8.934   4.716   1.00 10.43 ? 156 ASN A C   1 
ATOM   174  O  O   . ASN A 1 21  ? 0.965   9.630   5.733   1.00 14.30 ? 156 ASN A O   1 
ATOM   175  C  CB  . ASN A 1 21  ? 2.316   9.968   2.813   1.00 12.76 ? 156 ASN A CB  1 
ATOM   176  C  CG  . ASN A 1 21  ? 3.711   10.323  2.371   1.00 11.32 ? 156 ASN A CG  1 
ATOM   177  O  OD1 . ASN A 1 21  ? 4.523   10.739  3.176   1.00 25.36 ? 156 ASN A OD1 1 
ATOM   178  N  ND2 . ASN A 1 21  ? 3.992   10.155  1.107   1.00 15.59 ? 156 ASN A ND2 1 
ATOM   179  N  N   . VAL A 1 22  ? 0.023   8.190   4.279   1.00 12.29 ? 157 VAL A N   1 
ATOM   180  C  CA  . VAL A 1 22  ? -1.240  8.131   5.011   1.00 13.48 ? 157 VAL A CA  1 
ATOM   181  C  C   . VAL A 1 22  ? -0.991  7.462   6.364   1.00 12.74 ? 157 VAL A C   1 
ATOM   182  O  O   . VAL A 1 22  ? -1.466  7.926   7.393   1.00 12.95 ? 157 VAL A O   1 
ATOM   183  C  CB  . VAL A 1 22  ? -2.333  7.401   4.180   1.00 15.44 ? 157 VAL A CB  1 
ATOM   184  C  CG1 . VAL A 1 22  ? -3.548  7.059   5.040   1.00 23.92 ? 157 VAL A CG1 1 
ATOM   185  C  CG2 . VAL A 1 22  ? -2.788  8.315   3.054   1.00 16.75 ? 157 VAL A CG2 1 
ATOM   186  N  N   . LEU A 1 23  ? -0.205  6.395   6.372   1.00 13.83 ? 158 LEU A N   1 
ATOM   187  C  CA  . LEU A 1 23  ? 0.107   5.701   7.623   1.00 13.99 ? 158 LEU A CA  1 
ATOM   188  C  C   . LEU A 1 23  ? 0.821   6.638   8.598   1.00 18.60 ? 158 LEU A C   1 
ATOM   189  O  O   . LEU A 1 23  ? 0.579   6.574   9.810   1.00 16.50 ? 158 LEU A O   1 
ATOM   190  C  CB  . LEU A 1 23  ? 0.956   4.468   7.326   1.00 16.90 ? 158 LEU A CB  1 
ATOM   191  C  CG  . LEU A 1 23  ? 1.003   3.397   8.400   1.00 26.32 ? 158 LEU A CG  1 
ATOM   192  C  CD1 . LEU A 1 23  ? -0.402  3.170   8.991   1.00 10.02 ? 158 LEU A CD1 1 
ATOM   193  C  CD2 . LEU A 1 23  ? 1.603   2.124   7.771   1.00 17.46 ? 158 LEU A CD2 1 
ATOM   194  N  N   . VAL A 1 24  ? 1.716   7.492   8.085   1.00 17.86 ? 159 VAL A N   1 
ATOM   195  C  CA  . VAL A 1 24  ? 2.412   8.476   8.934   1.00 17.87 ? 159 VAL A CA  1 
ATOM   196  C  C   . VAL A 1 24  ? 1.451   9.497   9.591   1.00 14.72 ? 159 VAL A C   1 
ATOM   197  O  O   . VAL A 1 24  ? 1.660   9.900   10.748  1.00 16.35 ? 159 VAL A O   1 
ATOM   198  C  CB  . VAL A 1 24  ? 3.527   9.250   8.154   1.00 19.22 ? 159 VAL A CB  1 
ATOM   199  C  CG1 . VAL A 1 24  ? 4.106   10.352  9.020   1.00 23.23 ? 159 VAL A CG1 1 
ATOM   200  C  CG2 . VAL A 1 24  ? 4.649   8.311   7.784   1.00 20.39 ? 159 VAL A CG2 1 
ATOM   201  N  N   . THR A 1 25  ? 0.435   9.936   8.850   1.00 12.23 ? 160 THR A N   1 
ATOM   202  C  CA  . THR A 1 25  ? -0.510  10.891  9.408   1.00 16.65 ? 160 THR A CA  1 
ATOM   203  C  C   . THR A 1 25  ? -1.339  10.233  10.504  1.00 19.98 ? 160 THR A C   1 
ATOM   204  O  O   . THR A 1 25  ? -1.632  10.869  11.507  1.00 19.42 ? 160 THR A O   1 
ATOM   205  C  CB  . THR A 1 25  ? -1.444  11.500  8.365   1.00 10.25 ? 160 THR A CB  1 
ATOM   206  O  OG1 . THR A 1 25  ? -2.415  10.536  7.971   1.00 25.07 ? 160 THR A OG1 1 
ATOM   207  C  CG2 . THR A 1 25  ? -0.649  11.991  7.136   1.00 11.05 ? 160 THR A CG2 1 
ATOM   208  N  N   . LEU A 1 26  ? -1.704  8.959   10.323  1.00 17.20 ? 161 LEU A N   1 
ATOM   209  C  CA  . LEU A 1 26  ? -2.485  8.226   11.337  1.00 15.94 ? 161 LEU A CA  1 
ATOM   210  C  C   . LEU A 1 26  ? -1.675  8.144   12.616  1.00 13.81 ? 161 LEU A C   1 
ATOM   211  O  O   . LEU A 1 26  ? -2.215  8.296   13.711  1.00 21.88 ? 161 LEU A O   1 
ATOM   212  C  CB  . LEU A 1 26  ? -2.881  6.826   10.858  1.00 13.46 ? 161 LEU A CB  1 
ATOM   213  C  CG  . LEU A 1 26  ? -3.918  6.851   9.738   1.00 16.40 ? 161 LEU A CG  1 
ATOM   214  C  CD1 . LEU A 1 26  ? -4.195  5.442   9.283   1.00 23.10 ? 161 LEU A CD1 1 
ATOM   215  C  CD2 . LEU A 1 26  ? -5.207  7.539   10.184  1.00 20.72 ? 161 LEU A CD2 1 
ATOM   216  N  N   . TYR A 1 27  ? -0.386  7.856   12.482  1.00 10.65 ? 162 TYR A N   1 
ATOM   217  C  CA  . TYR A 1 27  ? 0.493   7.804   13.629  1.00 14.22 ? 162 TYR A CA  1 
ATOM   218  C  C   . TYR A 1 27  ? 0.445   9.147   14.382  1.00 26.68 ? 162 TYR A C   1 
ATOM   219  O  O   . TYR A 1 27  ? 0.394   9.173   15.618  1.00 19.79 ? 162 TYR A O   1 
ATOM   220  C  CB  . TYR A 1 27  ? 1.920   7.499   13.174  1.00 15.16 ? 162 TYR A CB  1 
ATOM   221  C  CG  . TYR A 1 27  ? 2.946   7.640   14.268  1.00 19.43 ? 162 TYR A CG  1 
ATOM   222  C  CD1 . TYR A 1 27  ? 3.116   6.633   15.215  1.00 27.36 ? 162 TYR A CD1 1 
ATOM   223  C  CD2 . TYR A 1 27  ? 3.709   8.804   14.394  1.00 21.92 ? 162 TYR A CD2 1 
ATOM   224  C  CE1 . TYR A 1 27  ? 4.022   6.786   16.274  1.00 29.22 ? 162 TYR A CE1 1 
ATOM   225  C  CE2 . TYR A 1 27  ? 4.614   8.964   15.445  1.00 27.32 ? 162 TYR A CE2 1 
ATOM   226  C  CZ  . TYR A 1 27  ? 4.763   7.953   16.386  1.00 29.69 ? 162 TYR A CZ  1 
ATOM   227  O  OH  . TYR A 1 27  ? 5.626   8.116   17.447  1.00 30.64 ? 162 TYR A OH  1 
ATOM   228  N  N   . GLU A 1 28  ? 0.514   10.252  13.636  1.00 22.52 ? 163 GLU A N   1 
ATOM   229  C  CA  . GLU A 1 28  ? 0.463   11.580  14.246  1.00 19.97 ? 163 GLU A CA  1 
ATOM   230  C  C   . GLU A 1 28  ? -0.910  11.938  14.813  1.00 11.98 ? 163 GLU A C   1 
ATOM   231  O  O   . GLU A 1 28  ? -0.993  12.622  15.812  1.00 20.49 ? 163 GLU A O   1 
ATOM   232  C  CB  . GLU A 1 28  ? 0.875   12.642  13.243  1.00 20.05 ? 163 GLU A CB  1 
ATOM   233  C  CG  . GLU A 1 28  ? 2.338   12.584  12.878  1.00 18.15 ? 163 GLU A CG  1 
ATOM   234  C  CD  . GLU A 1 28  ? 2.756   13.784  12.011  1.00 22.90 ? 163 GLU A CD  1 
ATOM   235  O  OE1 . GLU A 1 28  ? 1.847   14.511  11.556  1.00 23.56 ? 163 GLU A OE1 1 
ATOM   236  O  OE2 . GLU A 1 28  ? 3.972   14.007  11.790  1.00 26.67 ? 163 GLU A OE2 1 
ATOM   237  N  N   . ARG A 1 29  ? -1.976  11.526  14.146  1.00 9.96  ? 164 ARG A N   1 
ATOM   238  C  CA  . ARG A 1 29  ? -3.300  11.834  14.636  1.00 10.11 ? 164 ARG A CA  1 
ATOM   239  C  C   . ARG A 1 29  ? -3.774  10.965  15.791  1.00 21.05 ? 164 ARG A C   1 
ATOM   240  O  O   . ARG A 1 29  ? -4.638  11.377  16.550  1.00 19.39 ? 164 ARG A O   1 
ATOM   241  C  CB  . ARG A 1 29  ? -4.309  11.697  13.535  1.00 7.25  ? 164 ARG A CB  1 
ATOM   242  C  CG  . ARG A 1 29  ? -4.195  12.744  12.456  1.00 14.24 ? 164 ARG A CG  1 
ATOM   243  C  CD  . ARG A 1 29  ? -5.169  12.456  11.334  1.00 10.12 ? 164 ARG A CD  1 
ATOM   244  N  NE  . ARG A 1 29  ? -6.531  12.177  11.791  1.00 17.87 ? 164 ARG A NE  1 
ATOM   245  C  CZ  . ARG A 1 29  ? -7.378  11.339  11.185  1.00 17.90 ? 164 ARG A CZ  1 
ATOM   246  N  NH1 . ARG A 1 29  ? -7.031  10.696  10.078  1.00 18.67 ? 164 ARG A NH1 1 
ATOM   247  N  NH2 . ARG A 1 29  ? -8.540  11.049  11.756  1.00 20.29 ? 164 ARG A NH2 1 
ATOM   248  N  N   . ASP A 1 30  ? -3.227  9.755   15.891  1.00 21.26 ? 165 ASP A N   1 
ATOM   249  C  CA  . ASP A 1 30  ? -3.630  8.785   16.913  1.00 17.62 ? 165 ASP A CA  1 
ATOM   250  C  C   . ASP A 1 30  ? -3.558  9.266   18.353  1.00 18.67 ? 165 ASP A C   1 
ATOM   251  O  O   . ASP A 1 30  ? -2.525  9.768   18.796  1.00 19.14 ? 165 ASP A O   1 
ATOM   252  C  CB  . ASP A 1 30  ? -2.809  7.477   16.785  1.00 15.07 ? 165 ASP A CB  1 
ATOM   253  C  CG  . ASP A 1 30  ? -3.243  6.401   17.808  1.00 20.67 ? 165 ASP A CG  1 
ATOM   254  O  OD1 . ASP A 1 30  ? -4.185  5.638   17.522  1.00 16.10 ? 165 ASP A OD1 1 
ATOM   255  O  OD2 . ASP A 1 30  ? -2.669  6.365   18.914  1.00 16.59 ? 165 ASP A OD2 1 
ATOM   256  N  N   . GLU A 1 31  ? -4.627  9.032   19.108  1.00 21.24 ? 166 GLU A N   1 
ATOM   257  C  CA  . GLU A 1 31  ? -4.627  9.386   20.530  1.00 31.20 ? 166 GLU A CA  1 
ATOM   258  C  C   . GLU A 1 31  ? -5.067  8.155   21.334  1.00 19.63 ? 166 GLU A C   1 
ATOM   259  O  O   . GLU A 1 31  ? -6.236  7.744   21.266  1.00 28.59 ? 166 GLU A O   1 
ATOM   260  C  CB  . GLU A 1 31  ? -5.566  10.551  20.846  1.00 34.85 ? 166 GLU A CB  1 
ATOM   261  C  CG  . GLU A 1 31  ? -5.219  11.183  22.205  1.00 49.03 ? 166 GLU A CG  1 
ATOM   262  C  CD  . GLU A 1 31  ? -6.276  12.159  22.725  1.00 59.19 ? 166 GLU A CD  1 
ATOM   263  O  OE1 . GLU A 1 31  ? -7.322  12.358  22.060  1.00 57.39 ? 166 GLU A OE1 1 
ATOM   264  O  OE2 . GLU A 1 31  ? -6.063  12.726  23.822  1.00 69.49 ? 166 GLU A OE2 1 
ATOM   265  N  N   . ASP A 1 32  ? -4.135  7.570   22.082  1.00 19.63 ? 167 ASP A N   1 
ATOM   266  C  CA  . ASP A 1 32  ? -4.437  6.377   22.887  1.00 28.42 ? 167 ASP A CA  1 
ATOM   267  C  C   . ASP A 1 32  ? -5.013  5.246   22.017  1.00 32.16 ? 167 ASP A C   1 
ATOM   268  O  O   . ASP A 1 32  ? -6.120  4.748   22.251  1.00 38.48 ? 167 ASP A O   1 
ATOM   269  C  CB  . ASP A 1 32  ? -5.415  6.718   24.031  1.00 32.75 ? 167 ASP A CB  1 
ATOM   270  C  CG  . ASP A 1 32  ? -4.866  7.769   24.993  1.00 36.82 ? 167 ASP A CG  1 
ATOM   271  O  OD1 . ASP A 1 32  ? -3.666  7.705   25.348  1.00 46.78 ? 167 ASP A OD1 1 
ATOM   272  O  OD2 . ASP A 1 32  ? -5.635  8.672   25.396  1.00 49.15 ? 167 ASP A OD2 1 
ATOM   273  N  N   . ASN A 1 33  ? -4.318  4.966   20.922  1.00 32.79 ? 168 ASN A N   1 
ATOM   274  C  CA  . ASN A 1 33  ? -4.686  3.892   20.006  1.00 22.70 ? 168 ASN A CA  1 
ATOM   275  C  C   . ASN A 1 33  ? -6.091  3.878   19.469  1.00 27.56 ? 168 ASN A C   1 
ATOM   276  O  O   . ASN A 1 33  ? -6.690  2.827   19.238  1.00 25.30 ? 168 ASN A O   1 
ATOM   277  C  CB  . ASN A 1 33  ? -4.331  2.562   20.641  1.00 27.18 ? 168 ASN A CB  1 
ATOM   278  C  CG  . ASN A 1 33  ? -2.927  2.562   21.163  1.00 28.50 ? 168 ASN A CG  1 
ATOM   279  O  OD1 . ASN A 1 33  ? -2.694  2.759   22.357  1.00 40.89 ? 168 ASN A OD1 1 
ATOM   280  N  ND2 . ASN A 1 33  ? -1.971  2.451   20.261  1.00 37.39 ? 168 ASN A ND2 1 
ATOM   281  N  N   . ASN A 1 34  ? -6.620  5.066   19.241  1.00 21.64 ? 169 ASN A N   1 
ATOM   282  C  CA  . ASN A 1 34  ? -7.934  5.158   18.674  1.00 15.71 ? 169 ASN A CA  1 
ATOM   283  C  C   . ASN A 1 34  ? -7.827  4.890   17.172  1.00 26.58 ? 169 ASN A C   1 
ATOM   284  O  O   . ASN A 1 34  ? -8.802  4.482   16.539  1.00 29.13 ? 169 ASN A O   1 
ATOM   285  C  CB  . ASN A 1 34  ? -8.493  6.534   18.943  1.00 26.02 ? 169 ASN A CB  1 
ATOM   286  C  CG  . ASN A 1 34  ? -7.760  7.614   18.183  1.00 26.75 ? 169 ASN A CG  1 
ATOM   287  O  OD1 . ASN A 1 34  ? -6.535  7.600   18.057  1.00 27.50 ? 169 ASN A OD1 1 
ATOM   288  N  ND2 . ASN A 1 34  ? -8.525  8.531   17.633  1.00 31.73 ? 169 ASN A ND2 1 
ATOM   289  N  N   . LEU A 1 35  ? -6.632  5.076   16.608  1.00 24.98 ? 170 LEU A N   1 
ATOM   290  C  CA  . LEU A 1 35  ? -6.428  4.849   15.179  1.00 21.62 ? 170 LEU A CA  1 
ATOM   291  C  C   . LEU A 1 35  ? -5.509  3.670   14.867  1.00 17.36 ? 170 LEU A C   1 
ATOM   292  O  O   . LEU A 1 35  ? -5.712  3.000   13.876  1.00 19.64 ? 170 LEU A O   1 
ATOM   293  C  CB  . LEU A 1 35  ? -5.862  6.104   14.498  1.00 23.36 ? 170 LEU A CB  1 
ATOM   294  C  CG  . LEU A 1 35  ? -6.702  7.377   14.464  1.00 20.40 ? 170 LEU A CG  1 
ATOM   295  C  CD1 . LEU A 1 35  ? -5.896  8.508   13.867  1.00 19.91 ? 170 LEU A CD1 1 
ATOM   296  C  CD2 . LEU A 1 35  ? -7.921  7.135   13.617  1.00 25.09 ? 170 LEU A CD2 1 
ATOM   297  N  N   . LEU A 1 36  ? -4.443  3.484   15.635  1.00 16.59 ? 171 LEU A N   1 
ATOM   298  C  CA  . LEU A 1 36  ? -3.537  2.370   15.376  1.00 16.56 ? 171 LEU A CA  1 
ATOM   299  C  C   . LEU A 1 36  ? -3.417  1.598   16.663  1.00 22.65 ? 171 LEU A C   1 
ATOM   300  O  O   . LEU A 1 36  ? -3.486  2.190   17.731  1.00 20.78 ? 171 LEU A O   1 
ATOM   301  C  CB  . LEU A 1 36  ? -2.149  2.887   14.985  1.00 17.72 ? 171 LEU A CB  1 
ATOM   302  C  CG  . LEU A 1 36  ? -2.060  3.717   13.694  1.00 19.75 ? 171 LEU A CG  1 
ATOM   303  C  CD1 . LEU A 1 36  ? -0.720  4.393   13.623  1.00 18.87 ? 171 LEU A CD1 1 
ATOM   304  C  CD2 . LEU A 1 36  ? -2.301  2.848   12.464  1.00 15.93 ? 171 LEU A CD2 1 
ATOM   305  N  N   . THR A 1 37  ? -3.288  0.281   16.550  1.00 27.14 ? 172 THR A N   1 
ATOM   306  C  CA  . THR A 1 37  ? -3.130  -0.595  17.718  1.00 23.93 ? 172 THR A CA  1 
ATOM   307  C  C   . THR A 1 37  ? -1.724  -0.338  18.176  1.00 22.65 ? 172 THR A C   1 
ATOM   308  O  O   . THR A 1 37  ? -0.930  0.242   17.431  1.00 26.80 ? 172 THR A O   1 
ATOM   309  C  CB  . THR A 1 37  ? -3.198  -2.067  17.343  1.00 22.98 ? 172 THR A CB  1 
ATOM   310  O  OG1 . THR A 1 37  ? -2.110  -2.369  16.466  1.00 25.48 ? 172 THR A OG1 1 
ATOM   311  C  CG2 . THR A 1 37  ? -4.499  -2.379  16.633  1.00 19.57 ? 172 THR A CG2 1 
ATOM   312  N  N   . GLU A 1 38  ? -1.408  -0.760  19.390  1.00 21.46 ? 173 GLU A N   1 
ATOM   313  C  CA  . GLU A 1 38  ? -0.077  -0.553  19.938  1.00 22.68 ? 173 GLU A CA  1 
ATOM   314  C  C   . GLU A 1 38  ? 1.038   -1.134  19.060  1.00 22.33 ? 173 GLU A C   1 
ATOM   315  O  O   . GLU A 1 38  ? 2.051   -0.476  18.830  1.00 26.62 ? 173 GLU A O   1 
ATOM   316  C  CB  . GLU A 1 38  ? 0.007   -1.093  21.391  1.00 26.70 ? 173 GLU A CB  1 
ATOM   317  C  CG  . GLU A 1 38  ? 1.382   -0.916  22.033  0.00 32.04 ? 173 GLU A CG  1 
ATOM   318  C  CD  . GLU A 1 38  ? 1.487   -1.539  23.427  0.00 35.22 ? 173 GLU A CD  1 
ATOM   319  O  OE1 . GLU A 1 38  ? 0.502   -2.150  23.879  0.00 37.32 ? 173 GLU A OE1 1 
ATOM   320  O  OE2 . GLU A 1 38  ? 2.563   -1.405  24.033  0.00 37.31 ? 173 GLU A OE2 1 
ATOM   321  N  N   . LYS A 1 39  ? 0.859   -2.358  18.567  1.00 29.71 ? 174 LYS A N   1 
ATOM   322  C  CA  . LYS A 1 39  ? 1.854   -3.032  17.721  1.00 31.45 ? 174 LYS A CA  1 
ATOM   323  C  C   . LYS A 1 39  ? 2.089   -2.275  16.409  1.00 23.16 ? 174 LYS A C   1 
ATOM   324  O  O   . LYS A 1 39  ? 3.231   -2.095  15.973  1.00 26.65 ? 174 LYS A O   1 
ATOM   325  C  CB  . LYS A 1 39  ? 1.403   -4.455  17.396  1.00 27.77 ? 174 LYS A CB  1 
ATOM   326  C  CG  . LYS A 1 39  ? 2.220   -5.566  18.022  0.00 33.33 ? 174 LYS A CG  1 
ATOM   327  C  CD  . LYS A 1 39  ? 1.571   -6.920  17.735  0.00 35.80 ? 174 LYS A CD  1 
ATOM   328  C  CE  . LYS A 1 39  ? 2.326   -8.075  18.382  0.00 38.10 ? 174 LYS A CE  1 
ATOM   329  N  NZ  . LYS A 1 39  ? 1.587   -9.366  18.246  0.00 39.85 ? 174 LYS A NZ  1 
ATOM   330  N  N   . GLN A 1 40  ? 0.994   -1.898  15.765  1.00 19.69 ? 175 GLN A N   1 
ATOM   331  C  CA  . GLN A 1 40  ? 1.061   -1.158  14.517  1.00 24.46 ? 175 GLN A CA  1 
ATOM   332  C  C   . GLN A 1 40  ? 1.742   0.196   14.752  1.00 26.25 ? 175 GLN A C   1 
ATOM   333  O  O   . GLN A 1 40  ? 2.595   0.617   13.969  1.00 25.87 ? 175 GLN A O   1 
ATOM   334  C  CB  . GLN A 1 40  ? -0.346  -0.912  13.974  1.00 20.49 ? 175 GLN A CB  1 
ATOM   335  C  CG  . GLN A 1 40  ? -1.122  -2.141  13.506  1.00 16.47 ? 175 GLN A CG  1 
ATOM   336  C  CD  . GLN A 1 40  ? -2.573  -1.795  13.199  1.00 21.31 ? 175 GLN A CD  1 
ATOM   337  O  OE1 . GLN A 1 40  ? -3.047  -0.723  13.566  1.00 26.00 ? 175 GLN A OE1 1 
ATOM   338  N  NE2 . GLN A 1 40  ? -3.284  -2.694  12.547  1.00 27.98 ? 175 GLN A NE2 1 
ATOM   339  N  N   . LYS A 1 41  ? 1.374   0.855   15.847  1.00 20.83 ? 176 LYS A N   1 
ATOM   340  C  CA  . LYS A 1 41  ? 1.901   2.167   16.174  1.00 21.67 ? 176 LYS A CA  1 
ATOM   341  C  C   . LYS A 1 41  ? 3.390   2.186   16.403  1.00 27.63 ? 176 LYS A C   1 
ATOM   342  O  O   . LYS A 1 41  ? 4.095   3.119   15.996  1.00 24.37 ? 176 LYS A O   1 
ATOM   343  C  CB  . LYS A 1 41  ? 1.159   2.757   17.363  1.00 23.30 ? 176 LYS A CB  1 
ATOM   344  C  CG  . LYS A 1 41  ? 1.487   4.214   17.609  1.00 26.12 ? 176 LYS A CG  1 
ATOM   345  C  CD  . LYS A 1 41  ? 0.377   4.895   18.388  1.00 34.87 ? 176 LYS A CD  1 
ATOM   346  C  CE  . LYS A 1 41  ? 0.827   6.247   18.898  1.00 33.91 ? 176 LYS A CE  1 
ATOM   347  N  NZ  . LYS A 1 41  ? -0.239  6.902   19.712  1.00 39.47 ? 176 LYS A NZ  1 
ATOM   348  N  N   . LEU A 1 42  ? 3.876   1.145   17.047  1.00 26.29 ? 177 LEU A N   1 
ATOM   349  C  CA  . LEU A 1 42  ? 5.290   1.034   17.297  1.00 26.69 ? 177 LEU A CA  1 
ATOM   350  C  C   . LEU A 1 42  ? 6.058   0.844   15.979  1.00 24.43 ? 177 LEU A C   1 
ATOM   351  O  O   . LEU A 1 42  ? 7.165   1.357   15.827  1.00 28.07 ? 177 LEU A O   1 
ATOM   352  C  CB  . LEU A 1 42  ? 5.526   -0.124  18.247  1.00 37.22 ? 177 LEU A CB  1 
ATOM   353  C  CG  . LEU A 1 42  ? 6.954   -0.526  18.552  1.00 57.12 ? 177 LEU A CG  1 
ATOM   354  C  CD1 . LEU A 1 42  ? 7.799   0.682   18.967  1.00 63.43 ? 177 LEU A CD1 1 
ATOM   355  C  CD2 . LEU A 1 42  ? 6.900   -1.595  19.644  1.00 69.66 ? 177 LEU A CD2 1 
ATOM   356  N  N   . ARG A 1 43  ? 5.488   0.093   15.044  1.00 20.46 ? 178 ARG A N   1 
ATOM   357  C  CA  . ARG A 1 43  ? 6.140   -0.117  13.753  1.00 25.11 ? 178 ARG A CA  1 
ATOM   358  C  C   . ARG A 1 43  ? 6.188   1.187   12.943  1.00 26.82 ? 178 ARG A C   1 
ATOM   359  O  O   . ARG A 1 43  ? 7.169   1.460   12.256  1.00 24.10 ? 178 ARG A O   1 
ATOM   360  C  CB  . ARG A 1 43  ? 5.427   -1.221  12.958  1.00 25.21 ? 178 ARG A CB  1 
ATOM   361  C  CG  . ARG A 1 43  ? 5.723   -2.627  13.471  1.00 30.06 ? 178 ARG A CG  1 
ATOM   362  C  CD  . ARG A 1 43  ? 4.676   -3.608  13.014  1.00 44.00 ? 178 ARG A CD  1 
ATOM   363  N  NE  . ARG A 1 43  ? 4.862   -4.921  13.625  1.00 70.45 ? 178 ARG A NE  1 
ATOM   364  C  CZ  . ARG A 1 43  ? 4.012   -5.939  13.491  1.00 78.59 ? 178 ARG A CZ  1 
ATOM   365  N  NH1 . ARG A 1 43  ? 2.915   -5.793  12.768  1.00 75.00 ? 178 ARG A NH1 1 
ATOM   366  N  NH2 . ARG A 1 43  ? 4.271   -7.117  14.048  1.00 85.60 ? 178 ARG A NH2 1 
ATOM   367  N  N   . VAL A 1 44  ? 5.119   1.980   13.012  1.00 27.80 ? 179 VAL A N   1 
ATOM   368  C  CA  . VAL A 1 44  ? 5.060   3.245   12.293  1.00 20.41 ? 179 VAL A CA  1 
ATOM   369  C  C   . VAL A 1 44  ? 5.996   4.278   12.889  1.00 19.04 ? 179 VAL A C   1 
ATOM   370  O  O   . VAL A 1 44  ? 6.563   5.077   12.168  1.00 26.57 ? 179 VAL A O   1 
ATOM   371  C  CB  . VAL A 1 44  ? 3.645   3.810   12.242  1.00 12.25 ? 179 VAL A CB  1 
ATOM   372  C  CG1 . VAL A 1 44  ? 3.627   5.078   11.427  1.00 16.96 ? 179 VAL A CG1 1 
ATOM   373  C  CG2 . VAL A 1 44  ? 2.716   2.809   11.609  1.00 8.70  ? 179 VAL A CG2 1 
ATOM   374  N  N   . LYS A 1 45  ? 6.197   4.241   14.195  1.00 17.29 ? 180 LYS A N   1 
ATOM   375  C  CA  . LYS A 1 45  ? 7.070   5.196   14.861  1.00 20.48 ? 180 LYS A CA  1 
ATOM   376  C  C   . LYS A 1 45  ? 8.484   5.185   14.317  1.00 23.02 ? 180 LYS A C   1 
ATOM   377  O  O   . LYS A 1 45  ? 9.143   6.224   14.241  1.00 20.94 ? 180 LYS A O   1 
ATOM   378  C  CB  . LYS A 1 45  ? 7.106   4.882   16.336  1.00 30.48 ? 180 LYS A CB  1 
ATOM   379  C  CG  . LYS A 1 45  ? 8.030   5.748   17.126  1.00 34.63 ? 180 LYS A CG  1 
ATOM   380  C  CD  . LYS A 1 45  ? 8.176   5.127   18.508  1.00 59.21 ? 180 LYS A CD  1 
ATOM   381  C  CE  . LYS A 1 45  ? 9.364   5.670   19.288  1.00 58.55 ? 180 LYS A CE  1 
ATOM   382  N  NZ  . LYS A 1 45  ? 9.102   7.046   19.777  1.00 65.71 ? 180 LYS A NZ  1 
ATOM   383  N  N   . LYS A 1 46  ? 8.965   3.990   13.999  1.00 20.50 ? 181 LYS A N   1 
ATOM   384  C  CA  . LYS A 1 46  ? 10.296  3.806   13.445  1.00 22.29 ? 181 LYS A CA  1 
ATOM   385  C  C   . LYS A 1 46  ? 10.405  4.495   12.077  1.00 21.39 ? 181 LYS A C   1 
ATOM   386  O  O   . LYS A 1 46  ? 11.448  5.025   11.733  1.00 26.27 ? 181 LYS A O   1 
ATOM   387  C  CB  . LYS A 1 46  ? 10.604  2.311   13.317  1.00 26.17 ? 181 LYS A CB  1 
ATOM   388  C  CG  . LYS A 1 46  ? 10.556  1.564   14.634  0.00 28.95 ? 181 LYS A CG  1 
ATOM   389  C  CD  . LYS A 1 46  ? 10.534  0.069   14.398  0.00 32.12 ? 181 LYS A CD  1 
ATOM   390  C  CE  . LYS A 1 46  ? 10.056  -0.673  15.630  0.00 34.05 ? 181 LYS A CE  1 
ATOM   391  N  NZ  . LYS A 1 46  ? 9.684   -2.076  15.305  0.00 35.73 ? 181 LYS A NZ  1 
ATOM   392  N  N   . ILE A 1 47  ? 9.337   4.448   11.287  1.00 17.44 ? 182 ILE A N   1 
ATOM   393  C  CA  . ILE A 1 47  ? 9.303   5.083   9.964   1.00 16.94 ? 182 ILE A CA  1 
ATOM   394  C  C   . ILE A 1 47  ? 9.284   6.616   10.086  1.00 17.18 ? 182 ILE A C   1 
ATOM   395  O  O   . ILE A 1 47  ? 9.953   7.347   9.354   1.00 21.45 ? 182 ILE A O   1 
ATOM   396  C  CB  . ILE A 1 47  ? 8.053   4.607   9.192   1.00 21.51 ? 182 ILE A CB  1 
ATOM   397  C  CG1 . ILE A 1 47  ? 8.196   3.123   8.841   1.00 17.56 ? 182 ILE A CG1 1 
ATOM   398  C  CG2 . ILE A 1 47  ? 7.807   5.447   7.936   1.00 21.96 ? 182 ILE A CG2 1 
ATOM   399  C  CD1 . ILE A 1 47  ? 6.949   2.540   8.229   1.00 17.01 ? 182 ILE A CD1 1 
ATOM   400  N  N   . HIS A 1 48  ? 8.448   7.076   10.994  1.00 20.93 ? 183 HIS A N   1 
ATOM   401  C  CA  . HIS A 1 48  ? 8.253   8.476   11.264  1.00 18.44 ? 183 HIS A CA  1 
ATOM   402  C  C   . HIS A 1 48  ? 9.526   9.141   11.773  1.00 27.27 ? 183 HIS A C   1 
ATOM   403  O  O   . HIS A 1 48  ? 9.788   10.310  11.479  1.00 23.59 ? 183 HIS A O   1 
ATOM   404  C  CB  . HIS A 1 48  ? 7.141   8.605   12.293  1.00 20.56 ? 183 HIS A CB  1 
ATOM   405  C  CG  . HIS A 1 48  ? 6.786   10.016  12.616  1.00 21.07 ? 183 HIS A CG  1 
ATOM   406  N  ND1 . HIS A 1 48  ? 7.479   10.756  13.548  1.00 25.27 ? 183 HIS A ND1 1 
ATOM   407  C  CD2 . HIS A 1 48  ? 5.812   10.823  12.137  1.00 15.92 ? 183 HIS A CD2 1 
ATOM   408  C  CE1 . HIS A 1 48  ? 6.942   11.958  13.631  1.00 23.58 ? 183 HIS A CE1 1 
ATOM   409  N  NE2 . HIS A 1 48  ? 5.932   12.027  12.787  1.00 23.16 ? 183 HIS A NE2 1 
ATOM   410  N  N   . GLU A 1 49  ? 10.298  8.405   12.565  1.00 18.02 ? 184 GLU A N   1 
ATOM   411  C  CA  . GLU A 1 49  ? 11.515  8.956   13.112  1.00 23.01 ? 184 GLU A CA  1 
ATOM   412  C  C   . GLU A 1 49  ? 12.713  8.839   12.199  1.00 26.50 ? 184 GLU A C   1 
ATOM   413  O  O   . GLU A 1 49  ? 13.742  9.444   12.470  1.00 30.16 ? 184 GLU A O   1 
ATOM   414  C  CB  . GLU A 1 49  ? 11.836  8.276   14.429  1.00 31.29 ? 184 GLU A CB  1 
ATOM   415  C  CG  . GLU A 1 49  ? 10.808  8.583   15.499  1.00 59.58 ? 184 GLU A CG  1 
ATOM   416  C  CD  . GLU A 1 49  ? 11.109  7.937   16.842  1.00 60.72 ? 184 GLU A CD  1 
ATOM   417  O  OE1 . GLU A 1 49  ? 11.775  6.869   16.896  1.00 60.06 ? 184 GLU A OE1 1 
ATOM   418  O  OE2 . GLU A 1 49  ? 10.647  8.513   17.848  1.00 62.76 ? 184 GLU A OE2 1 
ATOM   419  N  N   . ASN A 1 50  ? 12.569  8.113   11.099  1.00 20.57 ? 185 ASN A N   1 
ATOM   420  C  CA  . ASN A 1 50  ? 13.689  7.911   10.207  1.00 19.20 ? 185 ASN A CA  1 
ATOM   421  C  C   . ASN A 1 50  ? 14.084  9.186   9.500   1.00 28.38 ? 185 ASN A C   1 
ATOM   422  O  O   . ASN A 1 50  ? 13.307  9.759   8.742   1.00 22.25 ? 185 ASN A O   1 
ATOM   423  C  CB  . ASN A 1 50  ? 13.379  6.836   9.187   1.00 22.96 ? 185 ASN A CB  1 
ATOM   424  C  CG  . ASN A 1 50  ? 14.632  6.190   8.647   1.00 34.38 ? 185 ASN A CG  1 
ATOM   425  O  OD1 . ASN A 1 50  ? 15.670  6.835   8.480   1.00 28.49 ? 185 ASN A OD1 1 
ATOM   426  N  ND2 . ASN A 1 50  ? 14.541  4.899   8.354   1.00 39.24 ? 185 ASN A ND2 1 
ATOM   427  N  N   . GLU A 1 51  ? 15.327  9.585   9.749   1.00 29.04 ? 186 GLU A N   1 
ATOM   428  C  CA  . GLU A 1 51  ? 15.969  10.790  9.222   1.00 36.76 ? 186 GLU A CA  1 
ATOM   429  C  C   . GLU A 1 51  ? 16.009  10.830  7.688   1.00 28.89 ? 186 GLU A C   1 
ATOM   430  O  O   . GLU A 1 51  ? 15.992  11.901  7.090   1.00 35.76 ? 186 GLU A O   1 
ATOM   431  C  CB  . GLU A 1 51  ? 17.392  10.829  9.811   1.00 44.91 ? 186 GLU A CB  1 
ATOM   432  C  CG  . GLU A 1 51  ? 18.291  12.006  9.487   0.00 44.23 ? 186 GLU A CG  1 
ATOM   433  C  CD  . GLU A 1 51  ? 19.636  11.873  10.194  0.00 46.08 ? 186 GLU A CD  1 
ATOM   434  O  OE1 . GLU A 1 51  ? 19.756  12.338  11.347  0.00 46.80 ? 186 GLU A OE1 1 
ATOM   435  O  OE2 . GLU A 1 51  ? 20.567  11.277  9.608   0.00 46.80 ? 186 GLU A OE2 1 
ATOM   436  N  N   . LYS A 1 52  ? 16.075  9.657   7.070   1.00 24.44 ? 187 LYS A N   1 
ATOM   437  C  CA  . LYS A 1 52  ? 16.136  9.527   5.627   1.00 20.50 ? 187 LYS A CA  1 
ATOM   438  C  C   . LYS A 1 52  ? 14.779  9.398   4.960   1.00 22.56 ? 187 LYS A C   1 
ATOM   439  O  O   . LYS A 1 52  ? 14.719  9.213   3.752   1.00 22.55 ? 187 LYS A O   1 
ATOM   440  C  CB  . LYS A 1 52  ? 16.986  8.324   5.257   1.00 19.78 ? 187 LYS A CB  1 
ATOM   441  C  CG  . LYS A 1 52  ? 18.390  8.425   5.751   1.00 29.84 ? 187 LYS A CG  1 
ATOM   442  C  CD  . LYS A 1 52  ? 18.961  7.052   5.944   1.00 34.84 ? 187 LYS A CD  1 
ATOM   443  C  CE  . LYS A 1 52  ? 20.361  6.973   5.392   1.00 41.77 ? 187 LYS A CE  1 
ATOM   444  N  NZ  . LYS A 1 52  ? 20.318  6.868   3.919   1.00 62.34 ? 187 LYS A NZ  1 
ATOM   445  N  N   . ARG A 1 53  ? 13.699  9.441   5.743   1.00 19.68 ? 188 ARG A N   1 
ATOM   446  C  CA  . ARG A 1 53  ? 12.355  9.334   5.161   1.00 17.16 ? 188 ARG A CA  1 
ATOM   447  C  C   . ARG A 1 53  ? 12.071  10.480  4.161   1.00 19.67 ? 188 ARG A C   1 
ATOM   448  O  O   . ARG A 1 53  ? 12.391  11.641  4.438   1.00 22.34 ? 188 ARG A O   1 
ATOM   449  C  CB  . ARG A 1 53  ? 11.289  9.320   6.269   1.00 14.06 ? 188 ARG A CB  1 
ATOM   450  C  CG  . ARG A 1 53  ? 9.862   9.337   5.763   1.00 13.79 ? 188 ARG A CG  1 
ATOM   451  C  CD  . ARG A 1 53  ? 8.856   9.096   6.868   1.00 11.39 ? 188 ARG A CD  1 
ATOM   452  N  NE  . ARG A 1 53  ? 8.957   10.031  7.991   1.00 22.33 ? 188 ARG A NE  1 
ATOM   453  C  CZ  . ARG A 1 53  ? 8.223   11.141  8.138   1.00 19.70 ? 188 ARG A CZ  1 
ATOM   454  N  NH1 . ARG A 1 53  ? 7.328   11.498  7.227   1.00 22.59 ? 188 ARG A NH1 1 
ATOM   455  N  NH2 . ARG A 1 53  ? 8.341   11.877  9.231   1.00 27.55 ? 188 ARG A NH2 1 
ATOM   456  N  N   . LEU A 1 54  ? 11.563  10.136  2.976   1.00 18.90 ? 189 LEU A N   1 
ATOM   457  C  CA  . LEU A 1 54  ? 11.191  11.134  1.966   1.00 15.82 ? 189 LEU A CA  1 
ATOM   458  C  C   . LEU A 1 54  ? 9.836   11.713  2.415   1.00 22.58 ? 189 LEU A C   1 
ATOM   459  O  O   . LEU A 1 54  ? 8.865   10.981  2.609   1.00 16.39 ? 189 LEU A O   1 
ATOM   460  C  CB  . LEU A 1 54  ? 11.037  10.482  0.579   1.00 9.03  ? 189 LEU A CB  1 
ATOM   461  C  CG  . LEU A 1 54  ? 10.542  11.350  -0.593  1.00 17.03 ? 189 LEU A CG  1 
ATOM   462  C  CD1 . LEU A 1 54  ? 11.562  12.449  -0.877  1.00 19.09 ? 189 LEU A CD1 1 
ATOM   463  C  CD2 . LEU A 1 54  ? 10.304  10.506  -1.842  1.00 15.51 ? 189 LEU A CD2 1 
ATOM   464  N  N   . GLU A 1 55  ? 9.788   13.017  2.651   1.00 22.23 ? 190 GLU A N   1 
ATOM   465  C  CA  . GLU A 1 55  ? 8.550   13.645  3.070   1.00 21.53 ? 190 GLU A CA  1 
ATOM   466  C  C   . GLU A 1 55  ? 7.567   13.764  1.903   1.00 19.42 ? 190 GLU A C   1 
ATOM   467  O  O   . GLU A 1 55  ? 7.954   13.741  0.735   1.00 21.99 ? 190 GLU A O   1 
ATOM   468  C  CB  . GLU A 1 55  ? 8.848   15.015  3.701   1.00 36.30 ? 190 GLU A CB  1 
ATOM   469  C  CG  . GLU A 1 55  ? 7.630   15.744  4.283   0.00 46.58 ? 190 GLU A CG  1 
ATOM   470  C  CD  . GLU A 1 55  ? 6.982   14.997  5.435   0.00 54.06 ? 190 GLU A CD  1 
ATOM   471  O  OE1 . GLU A 1 55  ? 7.429   15.178  6.589   0.00 58.54 ? 190 GLU A OE1 1 
ATOM   472  O  OE2 . GLU A 1 55  ? 6.029   14.226  5.190   0.00 58.36 ? 190 GLU A OE2 1 
ATOM   473  N  N   . ALA A 1 56  ? 6.287   13.904  2.238   1.00 26.24 ? 191 ALA A N   1 
ATOM   474  C  CA  . ALA A 1 56  ? 5.217   14.054  1.257   1.00 24.01 ? 191 ALA A CA  1 
ATOM   475  C  C   . ALA A 1 56  ? 5.437   15.357  0.476   1.00 25.42 ? 191 ALA A C   1 
ATOM   476  O  O   . ALA A 1 56  ? 5.853   16.364  1.052   1.00 26.87 ? 191 ALA A O   1 
ATOM   477  C  CB  . ALA A 1 56  ? 3.892   14.120  1.976   1.00 23.12 ? 191 ALA A CB  1 
ATOM   478  N  N   . GLY A 1 57  ? 5.152   15.337  -0.816  1.00 22.98 ? 192 GLY A N   1 
ATOM   479  C  CA  . GLY A 1 57  ? 5.320   16.512  -1.648  1.00 25.13 ? 192 GLY A CA  1 
ATOM   480  C  C   . GLY A 1 57  ? 5.019   16.111  -3.071  1.00 28.46 ? 192 GLY A C   1 
ATOM   481  O  O   . GLY A 1 57  ? 4.517   15.022  -3.299  1.00 24.97 ? 192 GLY A O   1 
ATOM   482  N  N   . ASP A 1 58  ? 5.220   17.012  -4.029  1.00 35.08 ? 193 ASP A N   1 
ATOM   483  C  CA  . ASP A 1 58  ? 4.985   16.648  -5.420  1.00 41.17 ? 193 ASP A CA  1 
ATOM   484  C  C   . ASP A 1 58  ? 6.343   16.184  -5.951  1.00 38.52 ? 193 ASP A C   1 
ATOM   485  O  O   . ASP A 1 58  ? 7.209   16.990  -6.296  1.00 41.87 ? 193 ASP A O   1 
ATOM   486  C  CB  . ASP A 1 58  ? 4.426   17.802  -6.246  0.00 39.15 ? 193 ASP A CB  1 
ATOM   487  C  CG  . ASP A 1 58  ? 3.992   17.367  -7.663  0.00 39.97 ? 193 ASP A CG  1 
ATOM   488  O  OD1 . ASP A 1 58  ? 4.208   16.195  -8.032  0.00 39.98 ? 193 ASP A OD1 1 
ATOM   489  O  OD2 . ASP A 1 58  ? 3.445   18.218  -8.389  0.00 39.98 ? 193 ASP A OD2 1 
ATOM   490  N  N   . HIS A 1 59  ? 6.489   14.871  -6.048  1.00 31.76 ? 194 HIS A N   1 
ATOM   491  C  CA  . HIS A 1 59  ? 7.726   14.261  -6.486  1.00 23.79 ? 194 HIS A CA  1 
ATOM   492  C  C   . HIS A 1 59  ? 7.630   13.577  -7.842  1.00 24.08 ? 194 HIS A C   1 
ATOM   493  O  O   . HIS A 1 59  ? 6.706   12.822  -8.100  1.00 28.35 ? 194 HIS A O   1 
ATOM   494  C  CB  . HIS A 1 59  ? 8.135   13.206  -5.473  1.00 21.62 ? 194 HIS A CB  1 
ATOM   495  C  CG  . HIS A 1 59  ? 8.249   13.707  -4.073  1.00 17.85 ? 194 HIS A CG  1 
ATOM   496  N  ND1 . HIS A 1 59  ? 9.071   14.749  -3.713  1.00 19.70 ? 194 HIS A ND1 1 
ATOM   497  C  CD2 . HIS A 1 59  ? 7.712   13.235  -2.916  1.00 16.98 ? 194 HIS A CD2 1 
ATOM   498  C  CE1 . HIS A 1 59  ? 9.049   14.899  -2.405  1.00 22.21 ? 194 HIS A CE1 1 
ATOM   499  N  NE2 . HIS A 1 59  ? 8.234   13.994  -1.897  1.00 16.82 ? 194 HIS A NE2 1 
ATOM   500  N  N   . PRO A 1 60  ? 8.572   13.860  -8.753  1.00 25.88 ? 195 PRO A N   1 
ATOM   501  C  CA  . PRO A 1 60  ? 8.484   13.184  -10.051 1.00 22.38 ? 195 PRO A CA  1 
ATOM   502  C  C   . PRO A 1 60  ? 8.594   11.690  -9.773  1.00 16.89 ? 195 PRO A C   1 
ATOM   503  O  O   . PRO A 1 60  ? 9.185   11.279  -8.776  1.00 20.85 ? 195 PRO A O   1 
ATOM   504  C  CB  . PRO A 1 60  ? 9.703   13.716  -10.809 1.00 17.29 ? 195 PRO A CB  1 
ATOM   505  C  CG  . PRO A 1 60  ? 10.647  14.154  -9.736  1.00 21.89 ? 195 PRO A CG  1 
ATOM   506  C  CD  . PRO A 1 60  ? 9.728   14.774  -8.703  1.00 19.66 ? 195 PRO A CD  1 
ATOM   507  N  N   . VAL A 1 61  ? 8.043   10.885  -10.657 1.00 20.09 ? 196 VAL A N   1 
ATOM   508  C  CA  . VAL A 1 61  ? 8.050   9.458   -10.453 1.00 25.04 ? 196 VAL A CA  1 
ATOM   509  C  C   . VAL A 1 61  ? 9.432   8.824   -10.336 1.00 25.94 ? 196 VAL A C   1 
ATOM   510  O  O   . VAL A 1 61  ? 9.585   7.859   -9.599  1.00 22.00 ? 196 VAL A O   1 
ATOM   511  C  CB  . VAL A 1 61  ? 7.138   8.745   -11.492 1.00 36.19 ? 196 VAL A CB  1 
ATOM   512  C  CG1 . VAL A 1 61  ? 7.626   8.973   -12.892 1.00 34.23 ? 196 VAL A CG1 1 
ATOM   513  C  CG2 . VAL A 1 61  ? 7.030   7.261   -11.189 1.00 49.77 ? 196 VAL A CG2 1 
ATOM   514  N  N   . GLU A 1 62  ? 10.443  9.396   -11.001 1.00 27.37 ? 197 GLU A N   1 
ATOM   515  C  CA  . GLU A 1 62  ? 11.807  8.857   -10.934 1.00 18.15 ? 197 GLU A CA  1 
ATOM   516  C  C   . GLU A 1 62  ? 12.402  9.024   -9.556  1.00 16.35 ? 197 GLU A C   1 
ATOM   517  O  O   . GLU A 1 62  ? 13.232  8.237   -9.153  1.00 16.47 ? 197 GLU A O   1 
ATOM   518  C  CB  . GLU A 1 62  ? 12.736  9.452   -11.998 1.00 20.52 ? 197 GLU A CB  1 
ATOM   519  C  CG  . GLU A 1 62  ? 12.361  10.858  -12.508 1.00 50.40 ? 197 GLU A CG  1 
ATOM   520  C  CD  . GLU A 1 62  ? 11.168  10.854  -13.477 1.00 41.79 ? 197 GLU A CD  1 
ATOM   521  O  OE1 . GLU A 1 62  ? 11.219  10.125  -14.486 1.00 56.91 ? 197 GLU A OE1 1 
ATOM   522  O  OE2 . GLU A 1 62  ? 10.187  11.582  -13.247 1.00 43.74 ? 197 GLU A OE2 1 
ATOM   523  N  N   . LEU A 1 63  ? 11.969  10.049  -8.825  1.00 12.96 ? 198 LEU A N   1 
ATOM   524  C  CA  . LEU A 1 63  ? 12.432  10.260  -7.446  1.00 14.81 ? 198 LEU A CA  1 
ATOM   525  C  C   . LEU A 1 63  ? 11.750  9.219   -6.521  1.00 18.18 ? 198 LEU A C   1 
ATOM   526  O  O   . LEU A 1 63  ? 12.331  8.756   -5.537  1.00 20.86 ? 198 LEU A O   1 
ATOM   527  C  CB  . LEU A 1 63  ? 12.039  11.655  -6.958  1.00 13.90 ? 198 LEU A CB  1 
ATOM   528  C  CG  . LEU A 1 63  ? 12.742  12.030  -5.661  1.00 20.73 ? 198 LEU A CG  1 
ATOM   529  C  CD1 . LEU A 1 63  ? 14.192  12.350  -5.987  1.00 26.23 ? 198 LEU A CD1 1 
ATOM   530  C  CD2 . LEU A 1 63  ? 12.092  13.219  -5.036  1.00 31.70 ? 198 LEU A CD2 1 
ATOM   531  N  N   . LEU A 1 64  ? 10.490  8.919   -6.815  1.00 20.64 ? 199 LEU A N   1 
ATOM   532  C  CA  . LEU A 1 64  ? 9.725   7.939   -6.053  1.00 17.21 ? 199 LEU A CA  1 
ATOM   533  C  C   . LEU A 1 64  ? 10.377  6.574   -6.272  1.00 16.44 ? 199 LEU A C   1 
ATOM   534  O  O   . LEU A 1 64  ? 10.602  5.838   -5.325  1.00 19.08 ? 199 LEU A O   1 
ATOM   535  C  CB  . LEU A 1 64  ? 8.263   7.921   -6.532  1.00 17.37 ? 199 LEU A CB  1 
ATOM   536  C  CG  . LEU A 1 64  ? 7.434   9.200   -6.302  1.00 12.83 ? 199 LEU A CG  1 
ATOM   537  C  CD1 . LEU A 1 64  ? 6.032   8.983   -6.768  1.00 13.95 ? 199 LEU A CD1 1 
ATOM   538  C  CD2 . LEU A 1 64  ? 7.416   9.581   -4.819  1.00 12.02 ? 199 LEU A CD2 1 
ATOM   539  N  N   . ALA A 1 65  ? 10.758  6.279   -7.514  1.00 13.28 ? 200 ALA A N   1 
ATOM   540  C  CA  . ALA A 1 65  ? 11.399  5.001   -7.829  1.00 18.62 ? 200 ALA A CA  1 
ATOM   541  C  C   . ALA A 1 65  ? 12.728  4.877   -7.079  1.00 23.74 ? 200 ALA A C   1 
ATOM   542  O  O   . ALA A 1 65  ? 13.019  3.836   -6.472  1.00 22.63 ? 200 ALA A O   1 
ATOM   543  C  CB  . ALA A 1 65  ? 11.608  4.865   -9.345  1.00 18.11 ? 200 ALA A CB  1 
ATOM   544  N  N   . ARG A 1 66  ? 13.477  5.978   -7.017  1.00 19.71 ? 201 ARG A N   1 
ATOM   545  C  CA  . ARG A 1 66  ? 14.775  5.976   -6.342  1.00 20.46 ? 201 ARG A CA  1 
ATOM   546  C  C   . ARG A 1 66  ? 14.635  5.762   -4.855  1.00 11.71 ? 201 ARG A C   1 
ATOM   547  O  O   . ARG A 1 66  ? 15.482  5.116   -4.252  1.00 16.62 ? 201 ARG A O   1 
ATOM   548  C  CB  . ARG A 1 66  ? 15.513  7.297   -6.589  1.00 21.65 ? 201 ARG A CB  1 
ATOM   549  C  CG  . ARG A 1 66  ? 16.827  7.404   -5.892  1.00 18.05 ? 201 ARG A CG  1 
ATOM   550  C  CD  . ARG A 1 66  ? 17.931  7.176   -6.851  1.00 21.44 ? 201 ARG A CD  1 
ATOM   551  N  NE  . ARG A 1 66  ? 19.227  7.237   -6.187  1.00 22.50 ? 201 ARG A NE  1 
ATOM   552  C  CZ  . ARG A 1 66  ? 20.169  6.313   -6.336  1.00 26.83 ? 201 ARG A CZ  1 
ATOM   553  N  NH1 . ARG A 1 66  ? 19.943  5.272   -7.121  1.00 32.86 ? 201 ARG A NH1 1 
ATOM   554  N  NH2 . ARG A 1 66  ? 21.338  6.433   -5.727  1.00 18.70 ? 201 ARG A NH2 1 
ATOM   555  N  N   . ASP A 1 67  ? 13.641  6.395   -4.237  1.00 14.92 ? 202 ASP A N   1 
ATOM   556  C  CA  . ASP A 1 67  ? 13.446  6.222   -2.803  1.00 16.46 ? 202 ASP A CA  1 
ATOM   557  C  C   . ASP A 1 67  ? 13.048  4.779   -2.443  1.00 16.56 ? 202 ASP A C   1 
ATOM   558  O  O   . ASP A 1 67  ? 13.404  4.294   -1.373  1.00 14.43 ? 202 ASP A O   1 
ATOM   559  C  CB  . ASP A 1 67  ? 12.405  7.186   -2.249  1.00 16.50 ? 202 ASP A CB  1 
ATOM   560  C  CG  . ASP A 1 67  ? 12.413  7.229   -0.723  1.00 19.10 ? 202 ASP A CG  1 
ATOM   561  O  OD1 . ASP A 1 67  ? 13.420  7.658   -0.140  1.00 20.45 ? 202 ASP A OD1 1 
ATOM   562  O  OD2 . ASP A 1 67  ? 11.420  6.835   -0.089  1.00 19.52 ? 202 ASP A OD2 1 
ATOM   563  N  N   . PHE A 1 68  ? 12.263  4.123   -3.291  1.00 17.79 ? 203 PHE A N   1 
ATOM   564  C  CA  . PHE A 1 68  ? 11.875  2.743   -3.035  1.00 19.34 ? 203 PHE A CA  1 
ATOM   565  C  C   . PHE A 1 68  ? 13.115  1.858   -3.065  1.00 23.67 ? 203 PHE A C   1 
ATOM   566  O  O   . PHE A 1 68  ? 13.227  0.912   -2.283  1.00 23.50 ? 203 PHE A O   1 
ATOM   567  C  CB  . PHE A 1 68  ? 10.857  2.251   -4.062  1.00 18.38 ? 203 PHE A CB  1 
ATOM   568  C  CG  . PHE A 1 68  ? 10.386  0.842   -3.809  1.00 23.13 ? 203 PHE A CG  1 
ATOM   569  C  CD1 . PHE A 1 68  ? 9.711   0.523   -2.624  1.00 16.33 ? 203 PHE A CD1 1 
ATOM   570  C  CD2 . PHE A 1 68  ? 10.634  -0.174  -4.732  1.00 20.69 ? 203 PHE A CD2 1 
ATOM   571  C  CE1 . PHE A 1 68  ? 9.280   -0.780  -2.375  1.00 15.63 ? 203 PHE A CE1 1 
ATOM   572  C  CE2 . PHE A 1 68  ? 10.206  -1.483  -4.492  1.00 18.09 ? 203 PHE A CE2 1 
ATOM   573  C  CZ  . PHE A 1 68  ? 9.534   -1.787  -3.310  1.00 18.33 ? 203 PHE A CZ  1 
ATOM   574  N  N   . GLU A 1 69  ? 14.056  2.178   -3.952  1.00 25.35 ? 204 GLU A N   1 
ATOM   575  C  CA  . GLU A 1 69  ? 15.309  1.419   -4.049  1.00 29.10 ? 204 GLU A CA  1 
ATOM   576  C  C   . GLU A 1 69  ? 16.209  1.572   -2.802  1.00 24.85 ? 204 GLU A C   1 
ATOM   577  O  O   . GLU A 1 69  ? 16.635  0.571   -2.243  1.00 32.33 ? 204 GLU A O   1 
ATOM   578  C  CB  . GLU A 1 69  ? 16.162  1.855   -5.241  1.00 29.20 ? 204 GLU A CB  1 
ATOM   579  C  CG  . GLU A 1 69  ? 15.391  1.928   -6.541  1.00 67.55 ? 204 GLU A CG  1 
ATOM   580  C  CD  . GLU A 1 69  ? 16.281  2.241   -7.742  1.00 83.11 ? 204 GLU A CD  1 
ATOM   581  O  OE1 . GLU A 1 69  ? 16.975  3.286   -7.702  1.00 79.94 ? 204 GLU A OE1 1 
ATOM   582  O  OE2 . GLU A 1 69  ? 16.274  1.438   -8.709  1.00 96.38 ? 204 GLU A OE2 1 
ATOM   583  N  N   . LYS A 1 70  ? 16.421  2.847   -2.418  1.00 19.71 ? 205 LYS A N   1 
ATOM   584  C  CA  . LYS A 1 70  ? 17.273  3.219   -1.305  1.00 17.95 ? 205 LYS A CA  1 
ATOM   585  C  C   . LYS A 1 70  ? 16.656  2.964   0.032   1.00 26.87 ? 205 LYS A C   1 
ATOM   586  O  O   . LYS A 1 70  ? 17.356  2.550   0.973   1.00 28.70 ? 205 LYS A O   1 
ATOM   587  C  CB  . LYS A 1 70  ? 17.723  4.678   -1.357  1.00 20.82 ? 205 LYS A CB  1 
ATOM   588  C  CG  . LYS A 1 70  ? 18.525  5.031   -2.573  1.00 30.42 ? 205 LYS A CG  1 
ATOM   589  C  CD  . LYS A 1 70  ? 19.912  4.488   -2.433  1.00 44.16 ? 205 LYS A CD  1 
ATOM   590  C  CE  . LYS A 1 70  ? 20.461  4.118   -3.788  1.00 64.41 ? 205 LYS A CE  1 
ATOM   591  N  NZ  . LYS A 1 70  ? 21.917  3.781   -3.762  1.00 85.47 ? 205 LYS A NZ  1 
ATOM   592  N  N   . ASN A 1 71  ? 15.346  3.172   0.143   1.00 25.51 ? 206 ASN A N   1 
ATOM   593  C  CA  . ASN A 1 71  ? 14.602  3.005   1.384   1.00 19.85 ? 206 ASN A CA  1 
ATOM   594  C  C   . ASN A 1 71  ? 13.477  1.988   1.321   1.00 18.21 ? 206 ASN A C   1 
ATOM   595  O  O   . ASN A 1 71  ? 12.416  2.153   1.944   1.00 20.01 ? 206 ASN A O   1 
ATOM   596  C  CB  . ASN A 1 71  ? 14.094  4.365   1.893   1.00 20.48 ? 206 ASN A CB  1 
ATOM   597  C  CG  . ASN A 1 71  ? 15.216  5.242   2.399   1.00 33.99 ? 206 ASN A CG  1 
ATOM   598  O  OD1 . ASN A 1 71  ? 15.577  5.186   3.569   1.00 48.72 ? 206 ASN A OD1 1 
ATOM   599  N  ND2 . ASN A 1 71  ? 15.809  6.017   1.506   1.00 36.43 ? 206 ASN A ND2 1 
ATOM   600  N  N   . TYR A 1 72  ? 13.769  0.902   0.617   1.00 19.29 ? 207 TYR A N   1 
ATOM   601  C  CA  . TYR A 1 72  ? 12.869  -0.219  0.429   1.00 20.93 ? 207 TYR A CA  1 
ATOM   602  C  C   . TYR A 1 72  ? 12.274  -0.698  1.743   1.00 17.56 ? 207 TYR A C   1 
ATOM   603  O  O   . TYR A 1 72  ? 11.076  -0.968  1.846   1.00 21.56 ? 207 TYR A O   1 
ATOM   604  C  CB  . TYR A 1 72  ? 13.649  -1.360  -0.228  1.00 18.78 ? 207 TYR A CB  1 
ATOM   605  C  CG  . TYR A 1 72  ? 12.944  -2.683  -0.173  1.00 19.19 ? 207 TYR A CG  1 
ATOM   606  C  CD1 . TYR A 1 72  ? 11.904  -2.984  -1.045  1.00 13.57 ? 207 TYR A CD1 1 
ATOM   607  C  CD2 . TYR A 1 72  ? 13.303  -3.632  0.783   1.00 26.68 ? 207 TYR A CD2 1 
ATOM   608  C  CE1 . TYR A 1 72  ? 11.241  -4.203  -0.968  1.00 17.74 ? 207 TYR A CE1 1 
ATOM   609  C  CE2 . TYR A 1 72  ? 12.649  -4.855  0.873   1.00 20.03 ? 207 TYR A CE2 1 
ATOM   610  C  CZ  . TYR A 1 72  ? 11.626  -5.136  -0.004  1.00 18.87 ? 207 TYR A CZ  1 
ATOM   611  O  OH  . TYR A 1 72  ? 11.016  -6.362  0.043   1.00 26.20 ? 207 TYR A OH  1 
ATOM   612  N  N   . ASN A 1 73  ? 13.128  -0.759  2.754   1.00 23.79 ? 208 ASN A N   1 
ATOM   613  C  CA  . ASN A 1 73  ? 12.742  -1.225  4.070   1.00 26.02 ? 208 ASN A CA  1 
ATOM   614  C  C   . ASN A 1 73  ? 11.551  -0.510  4.699   1.00 30.99 ? 208 ASN A C   1 
ATOM   615  O  O   . ASN A 1 73  ? 10.797  -1.149  5.415   1.00 26.99 ? 208 ASN A O   1 
ATOM   616  C  CB  . ASN A 1 73  ? 13.932  -1.201  5.028   1.00 28.12 ? 208 ASN A CB  1 
ATOM   617  C  CG  . ASN A 1 73  ? 15.032  -2.161  4.620   0.00 30.89 ? 208 ASN A CG  1 
ATOM   618  O  OD1 . ASN A 1 73  ? 16.183  -1.761  4.450   0.00 32.47 ? 208 ASN A OD1 1 
ATOM   619  N  ND2 . ASN A 1 73  ? 14.690  -3.441  4.489   0.00 32.47 ? 208 ASN A ND2 1 
ATOM   620  N  N   . MET A 1 74  ? 11.389  0.799   4.477   1.00 31.70 ? 209 MET A N   1 
ATOM   621  C  CA  . MET A 1 74  ? 10.245  1.488   5.085   1.00 29.68 ? 209 MET A CA  1 
ATOM   622  C  C   . MET A 1 74  ? 8.923   1.362   4.339   1.00 23.90 ? 209 MET A C   1 
ATOM   623  O  O   . MET A 1 74  ? 7.923   1.990   4.706   1.00 18.61 ? 209 MET A O   1 
ATOM   624  C  CB  . MET A 1 74  ? 10.566  2.950   5.477   1.00 30.99 ? 209 MET A CB  1 
ATOM   625  C  CG  . MET A 1 74  ? 11.116  3.892   4.411   1.00 34.62 ? 209 MET A CG  1 
ATOM   626  S  SD  . MET A 1 74  ? 11.429  5.574   5.162   1.00 32.18 ? 209 MET A SD  1 
ATOM   627  C  CE  . MET A 1 74  ? 13.210  5.592   5.294   1.00 26.94 ? 209 MET A CE  1 
ATOM   628  N  N   . TYR A 1 75  ? 8.918   0.537   3.295   1.00 16.59 ? 210 TYR A N   1 
ATOM   629  C  CA  . TYR A 1 75  ? 7.713   0.317   2.516   1.00 15.77 ? 210 TYR A CA  1 
ATOM   630  C  C   . TYR A 1 75  ? 7.091   -1.024  2.831   1.00 15.64 ? 210 TYR A C   1 
ATOM   631  O  O   . TYR A 1 75  ? 5.946   -1.258  2.478   1.00 17.34 ? 210 TYR A O   1 
ATOM   632  C  CB  . TYR A 1 75  ? 7.995   0.391   1.017   1.00 15.90 ? 210 TYR A CB  1 
ATOM   633  C  CG  . TYR A 1 75  ? 8.316   1.784   0.553   1.00 15.29 ? 210 TYR A CG  1 
ATOM   634  C  CD1 . TYR A 1 75  ? 9.629   2.273   0.626   1.00 19.84 ? 210 TYR A CD1 1 
ATOM   635  C  CD2 . TYR A 1 75  ? 7.304   2.632   0.097   1.00 13.73 ? 210 TYR A CD2 1 
ATOM   636  C  CE1 . TYR A 1 75  ? 9.922   3.575   0.261   1.00 17.32 ? 210 TYR A CE1 1 
ATOM   637  C  CE2 . TYR A 1 75  ? 7.575   3.937   -0.271  1.00 14.06 ? 210 TYR A CE2 1 
ATOM   638  C  CZ  . TYR A 1 75  ? 8.885   4.398   -0.188  1.00 20.88 ? 210 TYR A CZ  1 
ATOM   639  O  OH  . TYR A 1 75  ? 9.172   5.669   -0.588  1.00 18.73 ? 210 TYR A OH  1 
ATOM   640  N  N   . ILE A 1 76  ? 7.857   -1.906  3.464   1.00 15.83 ? 211 ILE A N   1 
ATOM   641  C  CA  . ILE A 1 76  ? 7.366   -3.232  3.787   1.00 13.62 ? 211 ILE A CA  1 
ATOM   642  C  C   . ILE A 1 76  ? 6.116   -3.230  4.669   1.00 14.82 ? 211 ILE A C   1 
ATOM   643  O  O   . ILE A 1 76  ? 5.097   -3.826  4.301   1.00 12.11 ? 211 ILE A O   1 
ATOM   644  C  CB  . ILE A 1 76  ? 8.476   -4.108  4.394   1.00 21.97 ? 211 ILE A CB  1 
ATOM   645  C  CG1 . ILE A 1 76  ? 9.586   -4.319  3.360   1.00 16.62 ? 211 ILE A CG1 1 
ATOM   646  C  CG2 . ILE A 1 76  ? 7.904   -5.474  4.786   1.00 24.01 ? 211 ILE A CG2 1 
ATOM   647  C  CD1 . ILE A 1 76  ? 10.818  -5.007  3.906   1.00 17.82 ? 211 ILE A CD1 1 
ATOM   648  N  N   . PHE A 1 77  ? 6.152   -2.501  5.778   1.00 14.64 ? 212 PHE A N   1 
ATOM   649  C  CA  . PHE A 1 77  ? 4.997   -2.477  6.666   1.00 13.56 ? 212 PHE A CA  1 
ATOM   650  C  C   . PHE A 1 77  ? 3.796   -1.795  6.049   1.00 13.98 ? 212 PHE A C   1 
ATOM   651  O  O   . PHE A 1 77  ? 2.690   -2.342  6.096   1.00 14.13 ? 212 PHE A O   1 
ATOM   652  C  CB  . PHE A 1 77  ? 5.333   -1.910  8.047   1.00 15.58 ? 212 PHE A CB  1 
ATOM   653  C  CG  . PHE A 1 77  ? 4.166   -1.935  8.986   1.00 27.43 ? 212 PHE A CG  1 
ATOM   654  C  CD1 . PHE A 1 77  ? 3.540   -3.142  9.294   1.00 26.34 ? 212 PHE A CD1 1 
ATOM   655  C  CD2 . PHE A 1 77  ? 3.630   -0.755  9.500   1.00 19.56 ? 212 PHE A CD2 1 
ATOM   656  C  CE1 . PHE A 1 77  ? 2.390   -3.175  10.098  1.00 24.22 ? 212 PHE A CE1 1 
ATOM   657  C  CE2 . PHE A 1 77  ? 2.473   -0.784  10.310  1.00 25.49 ? 212 PHE A CE2 1 
ATOM   658  C  CZ  . PHE A 1 77  ? 1.864   -1.987  10.603  1.00 16.58 ? 212 PHE A CZ  1 
ATOM   659  N  N   . PRO A 1 78  ? 3.978   -0.598  5.450   1.00 18.26 ? 213 PRO A N   1 
ATOM   660  C  CA  . PRO A 1 78  ? 2.840   0.090   4.827   1.00 12.42 ? 213 PRO A CA  1 
ATOM   661  C  C   . PRO A 1 78  ? 2.045   -0.768  3.828   1.00 14.39 ? 213 PRO A C   1 
ATOM   662  O  O   . PRO A 1 78  ? 0.816   -0.691  3.774   1.00 10.52 ? 213 PRO A O   1 
ATOM   663  C  CB  . PRO A 1 78  ? 3.508   1.289   4.135   1.00 17.05 ? 213 PRO A CB  1 
ATOM   664  C  CG  . PRO A 1 78  ? 4.583   1.638   5.089   1.00 19.48 ? 213 PRO A CG  1 
ATOM   665  C  CD  . PRO A 1 78  ? 5.174   0.278   5.442   1.00 15.12 ? 213 PRO A CD  1 
ATOM   666  N  N   . VAL A 1 79  ? 2.759   -1.532  3.001   1.00 9.37  ? 214 VAL A N   1 
ATOM   667  C  CA  . VAL A 1 79  ? 2.125   -2.394  2.013   1.00 7.61  ? 214 VAL A CA  1 
ATOM   668  C  C   . VAL A 1 79  ? 1.316   -3.519  2.704   1.00 6.59  ? 214 VAL A C   1 
ATOM   669  O  O   . VAL A 1 79  ? 0.194   -3.792  2.321   1.00 10.30 ? 214 VAL A O   1 
ATOM   670  C  CB  . VAL A 1 79  ? 3.187   -2.926  0.992   1.00 13.23 ? 214 VAL A CB  1 
ATOM   671  C  CG1 . VAL A 1 79  ? 2.649   -4.117  0.172   1.00 11.66 ? 214 VAL A CG1 1 
ATOM   672  C  CG2 . VAL A 1 79  ? 3.532   -1.802  0.029   1.00 13.76 ? 214 VAL A CG2 1 
ATOM   673  N  N   . HIS A 1 80  ? 1.865   -4.101  3.763   1.00 13.24 ? 215 HIS A N   1 
ATOM   674  C  CA  . HIS A 1 80  ? 1.170   -5.163  4.496   1.00 14.65 ? 215 HIS A CA  1 
ATOM   675  C  C   . HIS A 1 80  ? -0.017  -4.594  5.273   1.00 17.05 ? 215 HIS A C   1 
ATOM   676  O  O   . HIS A 1 80  ? -1.109  -5.161  5.271   1.00 13.91 ? 215 HIS A O   1 
ATOM   677  C  CB  . HIS A 1 80  ? 2.137   -5.853  5.479   1.00 14.04 ? 215 HIS A CB  1 
ATOM   678  C  CG  . HIS A 1 80  ? 3.018   -6.899  4.850   1.00 23.02 ? 215 HIS A CG  1 
ATOM   679  N  ND1 . HIS A 1 80  ? 4.246   -6.616  4.275   1.00 17.66 ? 215 HIS A ND1 1 
ATOM   680  C  CD2 . HIS A 1 80  ? 2.843   -8.238  4.709   1.00 22.82 ? 215 HIS A CD2 1 
ATOM   681  C  CE1 . HIS A 1 80  ? 4.784   -7.729  3.805   1.00 17.63 ? 215 HIS A CE1 1 
ATOM   682  N  NE2 . HIS A 1 80  ? 3.950   -8.726  4.057   1.00 20.54 ? 215 HIS A NE2 1 
ATOM   683  N  N   . TRP A 1 81  ? 0.217   -3.486  5.964   1.00 15.30 ? 216 TRP A N   1 
ATOM   684  C  CA  . TRP A 1 81  ? -0.822  -2.848  6.757   1.00 11.28 ? 216 TRP A CA  1 
ATOM   685  C  C   . TRP A 1 81  ? -2.054  -2.538  5.942   1.00 14.30 ? 216 TRP A C   1 
ATOM   686  O  O   . TRP A 1 81  ? -3.181  -2.720  6.397   1.00 18.52 ? 216 TRP A O   1 
ATOM   687  C  CB  . TRP A 1 81  ? -0.273  -1.578  7.429   1.00 15.55 ? 216 TRP A CB  1 
ATOM   688  C  CG  . TRP A 1 81  ? -1.315  -0.745  8.096   1.00 12.12 ? 216 TRP A CG  1 
ATOM   689  C  CD1 . TRP A 1 81  ? -1.779  -0.874  9.367   1.00 12.39 ? 216 TRP A CD1 1 
ATOM   690  C  CD2 . TRP A 1 81  ? -2.063  0.323   7.497   1.00 18.10 ? 216 TRP A CD2 1 
ATOM   691  N  NE1 . TRP A 1 81  ? -2.779  0.033   9.596   1.00 14.59 ? 216 TRP A NE1 1 
ATOM   692  C  CE2 . TRP A 1 81  ? -2.980  0.779   8.465   1.00 10.47 ? 216 TRP A CE2 1 
ATOM   693  C  CE3 . TRP A 1 81  ? -2.044  0.937   6.230   1.00 15.31 ? 216 TRP A CE3 1 
ATOM   694  C  CZ2 . TRP A 1 81  ? -3.877  1.821   8.218   1.00 17.60 ? 216 TRP A CZ2 1 
ATOM   695  C  CZ3 . TRP A 1 81  ? -2.942  1.985   5.975   1.00 23.74 ? 216 TRP A CZ3 1 
ATOM   696  C  CH2 . TRP A 1 81  ? -3.845  2.411   6.964   1.00 12.70 ? 216 TRP A CH2 1 
ATOM   697  N  N   . GLN A 1 82  ? -1.863  -2.089  4.714   1.00 9.14  ? 217 GLN A N   1 
ATOM   698  C  CA  . GLN A 1 82  ? -3.018  -1.750  3.889   1.00 10.92 ? 217 GLN A CA  1 
ATOM   699  C  C   . GLN A 1 82  ? -3.846  -2.984  3.525   1.00 15.82 ? 217 GLN A C   1 
ATOM   700  O  O   . GLN A 1 82  ? -5.078  -2.905  3.416   1.00 11.25 ? 217 GLN A O   1 
ATOM   701  C  CB  . GLN A 1 82  ? -2.587  -0.989  2.624   1.00 12.50 ? 217 GLN A CB  1 
ATOM   702  C  CG  . GLN A 1 82  ? -3.757  -0.522  1.741   1.00 14.23 ? 217 GLN A CG  1 
ATOM   703  C  CD  . GLN A 1 82  ? -4.682  0.480   2.444   1.00 21.33 ? 217 GLN A CD  1 
ATOM   704  O  OE1 . GLN A 1 82  ? -5.892  0.358   2.388   1.00 33.71 ? 217 GLN A OE1 1 
ATOM   705  N  NE2 . GLN A 1 82  ? -4.104  1.480   3.072   1.00 38.36 ? 217 GLN A NE2 1 
ATOM   706  N  N   . PHE A 1 83  ? -3.175  -4.107  3.281   1.00 14.36 ? 218 PHE A N   1 
ATOM   707  C  CA  . PHE A 1 83  ? -3.884  -5.354  2.941   1.00 15.33 ? 218 PHE A CA  1 
ATOM   708  C  C   . PHE A 1 83  ? -4.752  -5.766  4.136   1.00 10.23 ? 218 PHE A C   1 
ATOM   709  O  O   . PHE A 1 83  ? -5.915  -6.143  3.969   1.00 15.60 ? 218 PHE A O   1 
ATOM   710  C  CB  . PHE A 1 83  ? -2.887  -6.486  2.610   1.00 16.92 ? 218 PHE A CB  1 
ATOM   711  C  CG  . PHE A 1 83  ? -3.552  -7.769  2.135   1.00 18.60 ? 218 PHE A CG  1 
ATOM   712  C  CD1 . PHE A 1 83  ? -4.007  -8.718  3.053   1.00 18.64 ? 218 PHE A CD1 1 
ATOM   713  C  CD2 . PHE A 1 83  ? -3.727  -8.015  0.779   1.00 10.84 ? 218 PHE A CD2 1 
ATOM   714  C  CE1 . PHE A 1 83  ? -4.624  -9.897  2.618   1.00 10.93 ? 218 PHE A CE1 1 
ATOM   715  C  CE2 . PHE A 1 83  ? -4.342  -9.187  0.328   1.00 23.65 ? 218 PHE A CE2 1 
ATOM   716  C  CZ  . PHE A 1 83  ? -4.792  -10.130 1.252   1.00 13.29 ? 218 PHE A CZ  1 
ATOM   717  N  N   . GLY A 1 84  ? -4.155  -5.717  5.329   1.00 10.31 ? 219 GLY A N   1 
ATOM   718  C  CA  . GLY A 1 84  ? -4.868  -6.046  6.556   1.00 12.61 ? 219 GLY A CA  1 
ATOM   719  C  C   . GLY A 1 84  ? -6.108  -5.195  6.763   1.00 22.00 ? 219 GLY A C   1 
ATOM   720  O  O   . GLY A 1 84  ? -7.150  -5.698  7.161   1.00 18.47 ? 219 GLY A O   1 
ATOM   721  N  N   . GLN A 1 85  ? -6.046  -3.934  6.351   1.00 15.91 ? 220 GLN A N   1 
ATOM   722  C  CA  . GLN A 1 85  ? -7.179  -3.039  6.512   1.00 8.21  ? 220 GLN A CA  1 
ATOM   723  C  C   . GLN A 1 85  ? -8.339  -3.368  5.620   1.00 11.81 ? 220 GLN A C   1 
ATOM   724  O  O   . GLN A 1 85  ? -9.488  -3.105  5.968   1.00 17.25 ? 220 GLN A O   1 
ATOM   725  C  CB  . GLN A 1 85  ? -6.754  -1.582  6.243   1.00 16.78 ? 220 GLN A CB  1 
ATOM   726  C  CG  . GLN A 1 85  ? -5.808  -1.009  7.264   1.00 15.38 ? 220 GLN A CG  1 
ATOM   727  C  CD  . GLN A 1 85  ? -6.467  -0.826  8.626   1.00 23.95 ? 220 GLN A CD  1 
ATOM   728  O  OE1 . GLN A 1 85  ? -7.423  -0.047  8.759   1.00 29.67 ? 220 GLN A OE1 1 
ATOM   729  N  NE2 . GLN A 1 85  ? -5.984  -1.564  9.633   1.00 21.09 ? 220 GLN A NE2 1 
ATOM   730  N  N   . LEU A 1 86  ? -8.047  -3.899  4.439   1.00 12.94 ? 221 LEU A N   1 
ATOM   731  C  CA  . LEU A 1 86  ? -9.093  -4.213  3.475   1.00 7.44  ? 221 LEU A CA  1 
ATOM   732  C  C   . LEU A 1 86  ? -9.663  -5.628  3.596   1.00 15.50 ? 221 LEU A C   1 
ATOM   733  O  O   . LEU A 1 86  ? -10.812 -5.866  3.239   1.00 11.33 ? 221 LEU A O   1 
ATOM   734  C  CB  . LEU A 1 86  ? -8.552  -3.992  2.053   1.00 13.05 ? 221 LEU A CB  1 
ATOM   735  C  CG  . LEU A 1 86  ? -8.086  -2.572  1.671   1.00 15.28 ? 221 LEU A CG  1 
ATOM   736  C  CD1 . LEU A 1 86  ? -7.417  -2.555  0.298   1.00 12.51 ? 221 LEU A CD1 1 
ATOM   737  C  CD2 . LEU A 1 86  ? -9.272  -1.625  1.687   1.00 13.77 ? 221 LEU A CD2 1 
ATOM   738  N  N   . ASP A 1 87  ? -8.870  -6.568  4.096   1.00 14.21 ? 222 ASP A N   1 
ATOM   739  C  CA  . ASP A 1 87  ? -9.330  -7.953  4.192   1.00 15.78 ? 222 ASP A CA  1 
ATOM   740  C  C   . ASP A 1 87  ? -10.228 -8.106  5.391   1.00 12.38 ? 222 ASP A C   1 
ATOM   741  O  O   . ASP A 1 87  ? -9.790  -8.535  6.449   1.00 17.23 ? 222 ASP A O   1 
ATOM   742  C  CB  . ASP A 1 87  ? -8.125  -8.873  4.297   1.00 18.14 ? 222 ASP A CB  1 
ATOM   743  C  CG  . ASP A 1 87  ? -8.493  -10.324 4.208   1.00 13.88 ? 222 ASP A CG  1 
ATOM   744  O  OD1 . ASP A 1 87  ? -9.594  -10.669 3.696   1.00 14.53 ? 222 ASP A OD1 1 
ATOM   745  O  OD2 . ASP A 1 87  ? -7.645  -11.114 4.659   1.00 13.73 ? 222 ASP A OD2 1 
ATOM   746  N  N   . GLN A 1 88  ? -11.518 -7.902  5.188   1.00 14.43 ? 223 GLN A N   1 
ATOM   747  C  CA  . GLN A 1 88  ? -12.413 -7.935  6.335   1.00 17.80 ? 223 GLN A CA  1 
ATOM   748  C  C   . GLN A 1 88  ? -13.735 -8.616  6.109   1.00 15.01 ? 223 GLN A C   1 
ATOM   749  O  O   . GLN A 1 88  ? -14.425 -8.951  7.059   1.00 20.30 ? 223 GLN A O   1 
ATOM   750  C  CB  . GLN A 1 88  ? -12.744 -6.491  6.721   1.00 21.13 ? 223 GLN A CB  1 
ATOM   751  C  CG  . GLN A 1 88  ? -11.561 -5.641  7.110   1.00 35.79 ? 223 GLN A CG  1 
ATOM   752  C  CD  . GLN A 1 88  ? -11.122 -5.896  8.529   1.00 40.56 ? 223 GLN A CD  1 
ATOM   753  O  OE1 . GLN A 1 88  ? -11.939 -6.242  9.390   1.00 58.08 ? 223 GLN A OE1 1 
ATOM   754  N  NE2 . GLN A 1 88  ? -9.844  -5.704  8.797   1.00 45.46 ? 223 GLN A NE2 1 
ATOM   755  N  N   . HIS A 1 89  ? -14.098 -8.800  4.853   1.00 11.41 ? 224 HIS A N   1 
ATOM   756  C  CA  . HIS A 1 89  ? -15.397 -9.338  4.546   1.00 16.18 ? 224 HIS A CA  1 
ATOM   757  C  C   . HIS A 1 89  ? -15.494 -10.474 3.548   1.00 14.42 ? 224 HIS A C   1 
ATOM   758  O  O   . HIS A 1 89  ? -16.019 -10.281 2.473   1.00 15.07 ? 224 HIS A O   1 
ATOM   759  C  CB  . HIS A 1 89  ? -16.274 -8.191  4.060   1.00 20.13 ? 224 HIS A CB  1 
ATOM   760  C  CG  . HIS A 1 89  ? -16.243 -6.996  4.958   1.00 27.57 ? 224 HIS A CG  1 
ATOM   761  N  ND1 . HIS A 1 89  ? -15.755 -5.778  4.544   1.00 36.32 ? 224 HIS A ND1 1 
ATOM   762  C  CD2 . HIS A 1 89  ? -16.600 -6.842  6.251   1.00 27.18 ? 224 HIS A CD2 1 
ATOM   763  C  CE1 . HIS A 1 89  ? -15.810 -4.922  5.544   1.00 41.76 ? 224 HIS A CE1 1 
ATOM   764  N  NE2 . HIS A 1 89  ? -16.319 -5.542  6.596   1.00 38.06 ? 224 HIS A NE2 1 
ATOM   765  N  N   . PRO A 1 90  ? -15.076 -11.693 3.939   1.00 18.46 ? 225 PRO A N   1 
ATOM   766  C  CA  . PRO A 1 90  ? -14.542 -11.978 5.284   1.00 15.89 ? 225 PRO A CA  1 
ATOM   767  C  C   . PRO A 1 90  ? -13.007 -11.901 5.315   1.00 18.61 ? 225 PRO A C   1 
ATOM   768  O  O   . PRO A 1 90  ? -12.343 -11.812 4.280   1.00 14.34 ? 225 PRO A O   1 
ATOM   769  C  CB  . PRO A 1 90  ? -14.974 -13.435 5.512   1.00 15.76 ? 225 PRO A CB  1 
ATOM   770  C  CG  . PRO A 1 90  ? -14.698 -14.058 4.131   1.00 10.34 ? 225 PRO A CG  1 
ATOM   771  C  CD  . PRO A 1 90  ? -15.303 -12.952 3.177   1.00 12.70 ? 225 PRO A CD  1 
ATOM   772  N  N   . ILE A 1 91  ? -12.436 -11.966 6.504   1.00 11.70 ? 226 ILE A N   1 
ATOM   773  C  CA  . ILE A 1 91  ? -10.996 -11.978 6.610   1.00 17.47 ? 226 ILE A CA  1 
ATOM   774  C  C   . ILE A 1 91  ? -10.594 -13.416 6.210   1.00 20.78 ? 226 ILE A C   1 
ATOM   775  O  O   . ILE A 1 91  ? -11.027 -14.384 6.825   1.00 19.00 ? 226 ILE A O   1 
ATOM   776  C  CB  . ILE A 1 91  ? -10.535 -11.597 8.025   1.00 21.57 ? 226 ILE A CB  1 
ATOM   777  C  CG1 . ILE A 1 91  ? -9.018  -11.776 8.116   1.00 27.56 ? 226 ILE A CG1 1 
ATOM   778  C  CG2 . ILE A 1 91  ? -11.243 -12.439 9.072   1.00 39.16 ? 226 ILE A CG2 1 
ATOM   779  C  CD1 . ILE A 1 91  ? -8.439  -11.530 9.478   1.00 44.20 ? 226 ILE A CD1 1 
ATOM   780  N  N   . ASP A 1 92  ? -9.848  -13.548 5.120   1.00 16.23 ? 227 ASP A N   1 
ATOM   781  C  CA  . ASP A 1 92  ? -9.466  -14.853 4.606   1.00 13.83 ? 227 ASP A CA  1 
ATOM   782  C  C   . ASP A 1 92  ? -8.141  -14.874 3.841   1.00 21.67 ? 227 ASP A C   1 
ATOM   783  O  O   . ASP A 1 92  ? -7.808  -15.887 3.221   1.00 18.05 ? 227 ASP A O   1 
ATOM   784  C  CB  . ASP A 1 92  ? -10.595 -15.387 3.690   1.00 10.48 ? 227 ASP A CB  1 
ATOM   785  C  CG  . ASP A 1 92  ? -10.874 -14.471 2.481   1.00 18.76 ? 227 ASP A CG  1 
ATOM   786  O  OD1 . ASP A 1 92  ? -10.267 -13.393 2.397   1.00 16.63 ? 227 ASP A OD1 1 
ATOM   787  O  OD2 . ASP A 1 92  ? -11.690 -14.822 1.605   1.00 13.45 ? 227 ASP A OD2 1 
ATOM   788  N  N   . GLY A 1 93  ? -7.405  -13.759 3.861   1.00 17.70 ? 228 GLY A N   1 
ATOM   789  C  CA  . GLY A 1 93  ? -6.142  -13.664 3.124   1.00 13.77 ? 228 GLY A CA  1 
ATOM   790  C  C   . GLY A 1 93  ? -6.288  -13.321 1.637   1.00 5.91  ? 228 GLY A C   1 
ATOM   791  O  O   . GLY A 1 93  ? -5.333  -13.398 0.876   1.00 13.87 ? 228 GLY A O   1 
ATOM   792  N  N   . TYR A 1 94  ? -7.494  -12.964 1.205   1.00 6.81  ? 229 TYR A N   1 
ATOM   793  C  CA  . TYR A 1 94  ? -7.756  -12.586 -0.185  1.00 8.92  ? 229 TYR A CA  1 
ATOM   794  C  C   . TYR A 1 94  ? -8.578  -11.291 -0.184  1.00 19.59 ? 229 TYR A C   1 
ATOM   795  O  O   . TYR A 1 94  ? -9.257  -10.962 0.798   1.00 18.66 ? 229 TYR A O   1 
ATOM   796  C  CB  . TYR A 1 94  ? -8.585  -13.634 -0.949  1.00 11.47 ? 229 TYR A CB  1 
ATOM   797  C  CG  . TYR A 1 94  ? -7.936  -14.983 -1.011  1.00 18.08 ? 229 TYR A CG  1 
ATOM   798  C  CD1 . TYR A 1 94  ? -8.052  -15.861 0.066   1.00 16.71 ? 229 TYR A CD1 1 
ATOM   799  C  CD2 . TYR A 1 94  ? -7.096  -15.338 -2.081  1.00 16.30 ? 229 TYR A CD2 1 
ATOM   800  C  CE1 . TYR A 1 94  ? -7.337  -17.061 0.096   1.00 23.41 ? 229 TYR A CE1 1 
ATOM   801  C  CE2 . TYR A 1 94  ? -6.367  -16.544 -2.063  1.00 17.61 ? 229 TYR A CE2 1 
ATOM   802  C  CZ  . TYR A 1 94  ? -6.495  -17.398 -0.964  1.00 23.92 ? 229 TYR A CZ  1 
ATOM   803  O  OH  . TYR A 1 94  ? -5.785  -18.576 -0.893  1.00 30.26 ? 229 TYR A OH  1 
ATOM   804  N  N   . LEU A 1 95  ? -8.496  -10.557 -1.285  1.00 16.47 ? 230 LEU A N   1 
ATOM   805  C  CA  . LEU A 1 95  ? -9.252  -9.319  -1.432  1.00 13.70 ? 230 LEU A CA  1 
ATOM   806  C  C   . LEU A 1 95  ? -10.160 -9.460  -2.629  1.00 9.64  ? 230 LEU A C   1 
ATOM   807  O  O   . LEU A 1 95  ? -9.712  -9.721  -3.739  1.00 17.71 ? 230 LEU A O   1 
ATOM   808  C  CB  . LEU A 1 95  ? -8.316  -8.117  -1.617  1.00 13.20 ? 230 LEU A CB  1 
ATOM   809  C  CG  . LEU A 1 95  ? -7.325  -7.744  -0.520  1.00 21.50 ? 230 LEU A CG  1 
ATOM   810  C  CD1 . LEU A 1 95  ? -6.705  -6.413  -0.881  1.00 11.49 ? 230 LEU A CD1 1 
ATOM   811  C  CD2 . LEU A 1 95  ? -8.040  -7.595  0.808   1.00 13.60 ? 230 LEU A CD2 1 
ATOM   812  N  N   . SER A 1 96  ? -11.456 -9.391  -2.385  1.00 12.38 ? 231 SER A N   1 
ATOM   813  C  CA  . SER A 1 96  ? -12.426 -9.476  -3.457  1.00 12.60 ? 231 SER A CA  1 
ATOM   814  C  C   . SER A 1 96  ? -12.586 -8.077  -4.091  1.00 11.88 ? 231 SER A C   1 
ATOM   815  O  O   . SER A 1 96  ? -12.035 -7.084  -3.620  1.00 17.64 ? 231 SER A O   1 
ATOM   816  C  CB  . SER A 1 96  ? -13.780 -9.947  -2.904  1.00 14.65 ? 231 SER A CB  1 
ATOM   817  O  OG  . SER A 1 96  ? -14.360 -8.983  -2.028  1.00 13.81 ? 231 SER A OG  1 
ATOM   818  N  N   . HIS A 1 97  ? -13.370 -7.996  -5.140  1.00 11.39 ? 232 HIS A N   1 
ATOM   819  C  CA  . HIS A 1 97  ? -13.604 -6.728  -5.807  1.00 19.10 ? 232 HIS A CA  1 
ATOM   820  C  C   . HIS A 1 97  ? -14.294 -5.772  -4.839  1.00 24.35 ? 232 HIS A C   1 
ATOM   821  O  O   . HIS A 1 97  ? -14.065 -4.563  -4.851  1.00 23.12 ? 232 HIS A O   1 
ATOM   822  C  CB  . HIS A 1 97  ? -14.496 -6.942  -7.041  1.00 20.87 ? 232 HIS A CB  1 
ATOM   823  C  CG  . HIS A 1 97  ? -14.695 -5.713  -7.874  1.00 27.69 ? 232 HIS A CG  1 
ATOM   824  N  ND1 . HIS A 1 97  ? -13.765 -5.277  -8.795  1.00 39.39 ? 232 HIS A ND1 1 
ATOM   825  C  CD2 . HIS A 1 97  ? -15.693 -4.799  -7.890  1.00 37.10 ? 232 HIS A CD2 1 
ATOM   826  C  CE1 . HIS A 1 97  ? -14.174 -4.143  -9.334  1.00 35.00 ? 232 HIS A CE1 1 
ATOM   827  N  NE2 . HIS A 1 97  ? -15.345 -3.832  -8.804  1.00 22.41 ? 232 HIS A NE2 1 
ATOM   828  N  N   . THR A 1 98  ? -15.172 -6.309  -4.012  1.00 19.12 ? 233 THR A N   1 
ATOM   829  C  CA  . THR A 1 98  ? -15.914 -5.495  -3.066  1.00 17.63 ? 233 THR A CA  1 
ATOM   830  C  C   . THR A 1 98  ? -15.019 -4.960  -1.962  1.00 12.47 ? 233 THR A C   1 
ATOM   831  O  O   . THR A 1 98  ? -15.142 -3.820  -1.538  1.00 18.20 ? 233 THR A O   1 
ATOM   832  C  CB  . THR A 1 98  ? -17.092 -6.299  -2.467  1.00 25.31 ? 233 THR A CB  1 
ATOM   833  O  OG1 . THR A 1 98  ? -17.994 -6.679  -3.519  1.00 27.14 ? 233 THR A OG1 1 
ATOM   834  C  CG2 . THR A 1 98  ? -17.846 -5.460  -1.447  1.00 24.76 ? 233 THR A CG2 1 
ATOM   835  N  N   . GLU A 1 99  ? -14.079 -5.775  -1.529  1.00 10.79 ? 234 GLU A N   1 
ATOM   836  C  CA  . GLU A 1 99  ? -13.182 -5.344  -0.489  1.00 10.82 ? 234 GLU A CA  1 
ATOM   837  C  C   . GLU A 1 99  ? -12.213 -4.272  -1.015  1.00 12.22 ? 234 GLU A C   1 
ATOM   838  O  O   . GLU A 1 99  ? -11.621 -3.524  -0.239  1.00 16.47 ? 234 GLU A O   1 
ATOM   839  C  CB  . GLU A 1 99  ? -12.431 -6.558  0.086   1.00 16.76 ? 234 GLU A CB  1 
ATOM   840  C  CG  . GLU A 1 99  ? -13.240 -7.425  1.107   1.00 14.46 ? 234 GLU A CG  1 
ATOM   841  C  CD  . GLU A 1 99  ? -12.467 -8.668  1.540   1.00 12.03 ? 234 GLU A CD  1 
ATOM   842  O  OE1 . GLU A 1 99  ? -11.892 -9.326  0.650   1.00 16.23 ? 234 GLU A OE1 1 
ATOM   843  O  OE2 . GLU A 1 99  ? -12.435 -8.992  2.750   1.00 11.91 ? 234 GLU A OE2 1 
ATOM   844  N  N   . LEU A 1 100 ? -12.044 -4.197  -2.330  1.00 11.22 ? 235 LEU A N   1 
ATOM   845  C  CA  . LEU A 1 100 ? -11.146 -3.203  -2.930  1.00 14.79 ? 235 LEU A CA  1 
ATOM   846  C  C   . LEU A 1 100 ? -11.819 -1.844  -3.153  1.00 17.56 ? 235 LEU A C   1 
ATOM   847  O  O   . LEU A 1 100 ? -11.147 -0.860  -3.479  1.00 16.78 ? 235 LEU A O   1 
ATOM   848  C  CB  . LEU A 1 100 ? -10.597 -3.708  -4.268  1.00 11.25 ? 235 LEU A CB  1 
ATOM   849  C  CG  . LEU A 1 100 ? -9.475  -4.734  -4.142  1.00 14.83 ? 235 LEU A CG  1 
ATOM   850  C  CD1 . LEU A 1 100 ? -9.248  -5.390  -5.460  1.00 18.29 ? 235 LEU A CD1 1 
ATOM   851  C  CD2 . LEU A 1 100 ? -8.199  -4.099  -3.630  1.00 21.17 ? 235 LEU A CD2 1 
ATOM   852  N  N   . ALA A 1 101 ? -13.124 -1.767  -2.937  1.00 15.02 ? 236 ALA A N   1 
ATOM   853  C  CA  . ALA A 1 101 ? -13.855 -0.513  -3.145  1.00 17.24 ? 236 ALA A CA  1 
ATOM   854  C  C   . ALA A 1 101 ? -13.214 0.790   -2.605  1.00 16.07 ? 236 ALA A C   1 
ATOM   855  O  O   . ALA A 1 101 ? -13.199 1.804   -3.300  1.00 19.45 ? 236 ALA A O   1 
ATOM   856  C  CB  . ALA A 1 101 ? -15.269 -0.659  -2.634  1.00 21.49 ? 236 ALA A CB  1 
ATOM   857  N  N   . PRO A 1 102 ? -12.670 0.775   -1.366  1.00 18.31 ? 237 PRO A N   1 
ATOM   858  C  CA  . PRO A 1 102 ? -12.060 2.008   -0.854  1.00 19.85 ? 237 PRO A CA  1 
ATOM   859  C  C   . PRO A 1 102 ? -10.978 2.563   -1.737  1.00 21.98 ? 237 PRO A C   1 
ATOM   860  O  O   . PRO A 1 102 ? -10.729 3.743   -1.685  1.00 24.08 ? 237 PRO A O   1 
ATOM   861  C  CB  . PRO A 1 102 ? -11.478 1.584   0.498   1.00 17.85 ? 237 PRO A CB  1 
ATOM   862  C  CG  . PRO A 1 102 ? -12.418 0.523   0.942   1.00 20.06 ? 237 PRO A CG  1 
ATOM   863  C  CD  . PRO A 1 102 ? -12.638 -0.274  -0.336  1.00 19.63 ? 237 PRO A CD  1 
ATOM   864  N  N   . LEU A 1 103 ? -10.321 1.712   -2.522  1.00 16.85 ? 238 LEU A N   1 
ATOM   865  C  CA  . LEU A 1 103 ? -9.247  2.169   -3.392  1.00 13.63 ? 238 LEU A CA  1 
ATOM   866  C  C   . LEU A 1 103 ? -9.772  2.703   -4.712  1.00 11.59 ? 238 LEU A C   1 
ATOM   867  O  O   . LEU A 1 103 ? -9.001  3.161   -5.545  1.00 18.03 ? 238 LEU A O   1 
ATOM   868  C  CB  . LEU A 1 103 ? -8.192  1.078   -3.617  1.00 16.11 ? 238 LEU A CB  1 
ATOM   869  C  CG  . LEU A 1 103 ? -7.497  0.619   -2.333  1.00 19.71 ? 238 LEU A CG  1 
ATOM   870  C  CD1 . LEU A 1 103 ? -6.375  -0.375  -2.635  1.00 19.41 ? 238 LEU A CD1 1 
ATOM   871  C  CD2 . LEU A 1 103 ? -6.951  1.843   -1.600  1.00 22.76 ? 238 LEU A CD2 1 
ATOM   872  N  N   . ARG A 1 104 ? -11.081 2.611   -4.908  1.00 10.94 ? 239 ARG A N   1 
ATOM   873  C  CA  . ARG A 1 104 ? -11.721 3.135   -6.111  1.00 19.53 ? 239 ARG A CA  1 
ATOM   874  C  C   . ARG A 1 104 ? -12.412 4.492   -5.816  1.00 17.51 ? 239 ARG A C   1 
ATOM   875  O  O   . ARG A 1 104 ? -13.172 5.022   -6.635  1.00 24.08 ? 239 ARG A O   1 
ATOM   876  C  CB  . ARG A 1 104 ? -12.745 2.137   -6.664  1.00 18.32 ? 239 ARG A CB  1 
ATOM   877  C  CG  . ARG A 1 104 ? -12.117 0.867   -7.203  1.00 19.99 ? 239 ARG A CG  1 
ATOM   878  C  CD  . ARG A 1 104 ? -13.094 0.034   -8.025  1.00 23.34 ? 239 ARG A CD  1 
ATOM   879  N  NE  . ARG A 1 104 ? -14.242 -0.449  -7.243  1.00 26.38 ? 239 ARG A NE  1 
ATOM   880  C  CZ  . ARG A 1 104 ? -14.270 -1.602  -6.578  1.00 20.21 ? 239 ARG A CZ  1 
ATOM   881  N  NH1 . ARG A 1 104 ? -13.211 -2.399  -6.580  1.00 18.23 ? 239 ARG A NH1 1 
ATOM   882  N  NH2 . ARG A 1 104 ? -15.377 -1.985  -5.961  1.00 20.56 ? 239 ARG A NH2 1 
ATOM   883  N  N   . ALA A 1 105 ? -12.143 5.064   -4.650  1.00 19.79 ? 240 ALA A N   1 
ATOM   884  C  CA  . ALA A 1 105 ? -12.719 6.350   -4.271  1.00 24.12 ? 240 ALA A CA  1 
ATOM   885  C  C   . ALA A 1 105 ? -11.924 7.533   -4.888  1.00 24.11 ? 240 ALA A C   1 
ATOM   886  O  O   . ALA A 1 105 ? -10.693 7.456   -5.067  1.00 21.24 ? 240 ALA A O   1 
ATOM   887  C  CB  . ALA A 1 105 ? -12.782 6.454   -2.743  1.00 19.39 ? 240 ALA A CB  1 
ATOM   888  N  N   . PRO A 1 106 ? -12.620 8.625   -5.267  1.00 37.78 ? 241 PRO A N   1 
ATOM   889  C  CA  . PRO A 1 106 ? -12.051 9.831   -5.874  1.00 26.96 ? 241 PRO A CA  1 
ATOM   890  C  C   . PRO A 1 106 ? -10.814 10.397  -5.230  1.00 25.02 ? 241 PRO A C   1 
ATOM   891  O  O   . PRO A 1 106 ? -9.963  10.912  -5.916  1.00 32.47 ? 241 PRO A O   1 
ATOM   892  C  CB  . PRO A 1 106 ? -13.202 10.843  -5.856  1.00 30.21 ? 241 PRO A CB  1 
ATOM   893  C  CG  . PRO A 1 106 ? -14.289 10.186  -5.092  1.00 40.08 ? 241 PRO A CG  1 
ATOM   894  C  CD  . PRO A 1 106 ? -14.095 8.728   -5.285  1.00 38.88 ? 241 PRO A CD  1 
ATOM   895  N  N   . LEU A 1 107 ? -10.649 10.228  -3.938  1.00 27.41 ? 242 LEU A N   1 
ATOM   896  C  CA  . LEU A 1 107 ? -9.466  10.817  -3.354  1.00 38.93 ? 242 LEU A CA  1 
ATOM   897  C  C   . LEU A 1 107 ? -8.195  9.968   -3.421  1.00 35.28 ? 242 LEU A C   1 
ATOM   898  O  O   . LEU A 1 107 ? -7.134  10.343  -2.896  1.00 32.10 ? 242 LEU A O   1 
ATOM   899  C  CB  . LEU A 1 107 ? -9.772  11.344  -1.947  1.00 60.03 ? 242 LEU A CB  1 
ATOM   900  C  CG  . LEU A 1 107 ? -11.071 12.205  -1.925  1.00 73.51 ? 242 LEU A CG  1 
ATOM   901  C  CD1 . LEU A 1 107 ? -10.989 13.235  -0.826  1.00 70.98 ? 242 LEU A CD1 1 
ATOM   902  C  CD2 . LEU A 1 107 ? -11.268 12.937  -3.242  1.00 77.43 ? 242 LEU A CD2 1 
ATOM   903  N  N   . ILE A 1 108 ? -8.281  8.842   -4.124  1.00 32.17 ? 243 ILE A N   1 
ATOM   904  C  CA  . ILE A 1 108 ? -7.123  7.953   -4.276  1.00 28.39 ? 243 ILE A CA  1 
ATOM   905  C  C   . ILE A 1 108 ? -6.393  8.433   -5.523  1.00 17.74 ? 243 ILE A C   1 
ATOM   906  O  O   . ILE A 1 108 ? -7.005  8.661   -6.557  1.00 18.42 ? 243 ILE A O   1 
ATOM   907  C  CB  . ILE A 1 108 ? -7.567  6.470   -4.517  1.00 22.60 ? 243 ILE A CB  1 
ATOM   908  C  CG1 . ILE A 1 108 ? -8.370  5.941   -3.340  1.00 26.20 ? 243 ILE A CG1 1 
ATOM   909  C  CG2 . ILE A 1 108 ? -6.387  5.599   -4.780  1.00 17.03 ? 243 ILE A CG2 1 
ATOM   910  C  CD1 . ILE A 1 108 ? -7.628  5.914   -2.062  1.00 24.26 ? 243 ILE A CD1 1 
ATOM   911  N  N   . PRO A 1 109 ? -5.063  8.563   -5.448  1.00 17.52 ? 244 PRO A N   1 
ATOM   912  C  CA  . PRO A 1 109 ? -4.430  9.019   -6.684  1.00 18.57 ? 244 PRO A CA  1 
ATOM   913  C  C   . PRO A 1 109 ? -4.637  8.014   -7.815  1.00 25.66 ? 244 PRO A C   1 
ATOM   914  O  O   . PRO A 1 109 ? -4.547  6.807   -7.596  1.00 31.25 ? 244 PRO A O   1 
ATOM   915  C  CB  . PRO A 1 109 ? -2.955  9.119   -6.308  1.00 19.69 ? 244 PRO A CB  1 
ATOM   916  C  CG  . PRO A 1 109 ? -2.842  8.644   -4.912  1.00 23.46 ? 244 PRO A CG  1 
ATOM   917  C  CD  . PRO A 1 109 ? -4.163  8.548   -4.296  1.00 15.34 ? 244 PRO A CD  1 
ATOM   918  N  N   . MET A 1 110 ? -4.936  8.509   -9.013  1.00 18.28 ? 245 MET A N   1 
ATOM   919  C  CA  . MET A 1 110 ? -5.147  7.679   -10.191 1.00 14.10 ? 245 MET A CA  1 
ATOM   920  C  C   . MET A 1 110 ? -6.156  6.580   -9.938  1.00 17.62 ? 245 MET A C   1 
ATOM   921  O  O   . MET A 1 110 ? -6.036  5.482   -10.475 1.00 17.88 ? 245 MET A O   1 
ATOM   922  C  CB  . MET A 1 110 ? -3.831  7.047   -10.619 1.00 25.75 ? 245 MET A CB  1 
ATOM   923  C  CG  . MET A 1 110 ? -2.666  8.017   -10.567 1.00 34.56 ? 245 MET A CG  1 
ATOM   924  S  SD  . MET A 1 110 ? -1.221  7.377   -11.395 1.00 35.43 ? 245 MET A SD  1 
ATOM   925  C  CE  . MET A 1 110 ? -1.758  7.491   -13.001 1.00 19.61 ? 245 MET A CE  1 
ATOM   926  N  N   . GLU A 1 111 ? -7.184  6.897   -9.169  1.00 17.84 ? 246 GLU A N   1 
ATOM   927  C  CA  . GLU A 1 111 ? -8.184  5.910   -8.835  1.00 12.21 ? 246 GLU A CA  1 
ATOM   928  C  C   . GLU A 1 111 ? -8.898  5.314   -10.043 1.00 18.32 ? 246 GLU A C   1 
ATOM   929  O  O   . GLU A 1 111 ? -9.552  4.292   -9.907  1.00 22.11 ? 246 GLU A O   1 
ATOM   930  C  CB  . GLU A 1 111 ? -9.180  6.460   -7.793  1.00 14.89 ? 246 GLU A CB  1 
ATOM   931  C  CG  . GLU A 1 111 ? -10.480 7.071   -8.338  1.00 18.27 ? 246 GLU A CG  1 
ATOM   932  C  CD  . GLU A 1 111 ? -10.315 8.444   -9.043  1.00 24.09 ? 246 GLU A CD  1 
ATOM   933  O  OE1 . GLU A 1 111 ? -9.241  9.078   -8.942  1.00 26.69 ? 246 GLU A OE1 1 
ATOM   934  O  OE2 . GLU A 1 111 ? -11.283 8.890   -9.698  1.00 29.86 ? 246 GLU A OE2 1 
ATOM   935  N  N   . HIS A 1 112 ? -8.815  5.945   -11.217 1.00 19.59 ? 247 HIS A N   1 
ATOM   936  C  CA  . HIS A 1 112 ? -9.472  5.388   -12.417 1.00 12.97 ? 247 HIS A CA  1 
ATOM   937  C  C   . HIS A 1 112 ? -8.641  4.210   -12.984 1.00 11.08 ? 247 HIS A C   1 
ATOM   938  O  O   . HIS A 1 112 ? -9.067  3.527   -13.892 1.00 15.94 ? 247 HIS A O   1 
ATOM   939  C  CB  . HIS A 1 112 ? -9.703  6.464   -13.501 1.00 16.59 ? 247 HIS A CB  1 
ATOM   940  C  CG  . HIS A 1 112 ? -8.438  7.007   -14.077 1.00 12.67 ? 247 HIS A CG  1 
ATOM   941  N  ND1 . HIS A 1 112 ? -7.498  7.666   -13.314 1.00 12.93 ? 247 HIS A ND1 1 
ATOM   942  C  CD2 . HIS A 1 112 ? -7.921  6.938   -15.333 1.00 13.53 ? 247 HIS A CD2 1 
ATOM   943  C  CE1 . HIS A 1 112 ? -6.458  7.978   -14.061 1.00 9.29  ? 247 HIS A CE1 1 
ATOM   944  N  NE2 . HIS A 1 112 ? -6.689  7.545   -15.292 1.00 15.44 ? 247 HIS A NE2 1 
ATOM   945  N  N   . CYS A 1 113 ? -7.447  4.018   -12.436 1.00 11.76 ? 248 CYS A N   1 
ATOM   946  C  CA  . CYS A 1 113 ? -6.552  2.931   -12.806 1.00 11.71 ? 248 CYS A CA  1 
ATOM   947  C  C   . CYS A 1 113 ? -6.628  1.735   -11.859 1.00 15.52 ? 248 CYS A C   1 
ATOM   948  O  O   . CYS A 1 113 ? -6.015  0.711   -12.137 1.00 14.61 ? 248 CYS A O   1 
ATOM   949  C  CB  . CYS A 1 113 ? -5.106  3.422   -12.788 1.00 8.43  ? 248 CYS A CB  1 
ATOM   950  S  SG  . CYS A 1 113 ? -4.697  4.449   -14.200 1.00 16.38 ? 248 CYS A SG  1 
ATOM   951  N  N   . THR A 1 114 ? -7.294  1.890   -10.719 1.00 12.10 ? 249 THR A N   1 
ATOM   952  C  CA  . THR A 1 114 ? -7.343  0.812   -9.723  1.00 14.35 ? 249 THR A CA  1 
ATOM   953  C  C   . THR A 1 114 ? -7.751  -0.571  -10.211 1.00 11.96 ? 249 THR A C   1 
ATOM   954  O  O   . THR A 1 114 ? -7.006  -1.544  -10.049 1.00 16.05 ? 249 THR A O   1 
ATOM   955  C  CB  . THR A 1 114 ? -8.176  1.221   -8.494  1.00 16.51 ? 249 THR A CB  1 
ATOM   956  O  OG1 . THR A 1 114 ? -7.468  2.251   -7.789  1.00 16.67 ? 249 THR A OG1 1 
ATOM   957  C  CG2 . THR A 1 114 ? -8.360  0.032   -7.516  1.00 14.97 ? 249 THR A CG2 1 
ATOM   958  N  N   . THR A 1 115 ? -8.900  -0.643  -10.856 1.00 15.71 ? 250 THR A N   1 
ATOM   959  C  CA  . THR A 1 115 ? -9.406  -1.910  -11.322 1.00 18.66 ? 250 THR A CA  1 
ATOM   960  C  C   . THR A 1 115 ? -8.469  -2.533  -12.345 1.00 22.94 ? 250 THR A C   1 
ATOM   961  O  O   . THR A 1 115 ? -8.173  -3.718  -12.281 1.00 20.17 ? 250 THR A O   1 
ATOM   962  C  CB  . THR A 1 115 ? -10.827 -1.760  -11.876 1.00 17.21 ? 250 THR A CB  1 
ATOM   963  O  OG1 . THR A 1 115 ? -11.738 -1.455  -10.809 1.00 26.80 ? 250 THR A OG1 1 
ATOM   964  C  CG2 . THR A 1 115 ? -11.270 -3.046  -12.509 1.00 31.91 ? 250 THR A CG2 1 
ATOM   965  N  N   . ARG A 1 116 ? -7.957  -1.733  -13.267 1.00 19.00 ? 251 ARG A N   1 
ATOM   966  C  CA  . ARG A 1 116 ? -7.057  -2.250  -14.277 1.00 17.63 ? 251 ARG A CA  1 
ATOM   967  C  C   . ARG A 1 116 ? -5.730  -2.728  -13.671 1.00 18.41 ? 251 ARG A C   1 
ATOM   968  O  O   . ARG A 1 116 ? -5.126  -3.705  -14.134 1.00 21.22 ? 251 ARG A O   1 
ATOM   969  C  CB  . ARG A 1 116 ? -6.845  -1.188  -15.374 1.00 19.69 ? 251 ARG A CB  1 
ATOM   970  C  CG  . ARG A 1 116 ? -6.213  -1.759  -16.597 1.00 27.00 ? 251 ARG A CG  1 
ATOM   971  C  CD  . ARG A 1 116 ? -6.237  -0.849  -17.819 1.00 35.97 ? 251 ARG A CD  1 
ATOM   972  N  NE  . ARG A 1 116 ? -5.398  -1.503  -18.821 1.00 36.13 ? 251 ARG A NE  1 
ATOM   973  C  CZ  . ARG A 1 116 ? -4.412  -0.929  -19.504 1.00 41.74 ? 251 ARG A CZ  1 
ATOM   974  N  NH1 . ARG A 1 116 ? -4.119  0.357   -19.348 1.00 26.79 ? 251 ARG A NH1 1 
ATOM   975  N  NH2 . ARG A 1 116 ? -3.611  -1.693  -20.235 1.00 42.56 ? 251 ARG A NH2 1 
ATOM   976  N  N   . PHE A 1 117 ? -5.258  -2.036  -12.641 1.00 17.28 ? 252 PHE A N   1 
ATOM   977  C  CA  . PHE A 1 117 ? -4.017  -2.424  -12.002 1.00 12.73 ? 252 PHE A CA  1 
ATOM   978  C  C   . PHE A 1 117 ? -4.158  -3.763  -11.297 1.00 14.17 ? 252 PHE A C   1 
ATOM   979  O  O   . PHE A 1 117 ? -3.228  -4.566  -11.286 1.00 15.99 ? 252 PHE A O   1 
ATOM   980  C  CB  . PHE A 1 117 ? -3.610  -1.380  -10.962 1.00 9.32  ? 252 PHE A CB  1 
ATOM   981  C  CG  . PHE A 1 117 ? -2.368  -1.744  -10.211 1.00 13.26 ? 252 PHE A CG  1 
ATOM   982  C  CD1 . PHE A 1 117 ? -1.138  -1.737  -10.844 1.00 12.14 ? 252 PHE A CD1 1 
ATOM   983  C  CD2 . PHE A 1 117 ? -2.426  -2.134  -8.880  1.00 18.50 ? 252 PHE A CD2 1 
ATOM   984  C  CE1 . PHE A 1 117 ? 0.010   -2.119  -10.160 1.00 12.10 ? 252 PHE A CE1 1 
ATOM   985  C  CE2 . PHE A 1 117 ? -1.272  -2.513  -8.196  1.00 13.68 ? 252 PHE A CE2 1 
ATOM   986  C  CZ  . PHE A 1 117 ? -0.060  -2.508  -8.833  1.00 14.05 ? 252 PHE A CZ  1 
ATOM   987  N  N   . PHE A 1 118 ? -5.290  -3.964  -10.629 1.00 13.78 ? 253 PHE A N   1 
ATOM   988  C  CA  . PHE A 1 118 ? -5.481  -5.206  -9.899  1.00 20.28 ? 253 PHE A CA  1 
ATOM   989  C  C   . PHE A 1 118 ? -5.711  -6.419  -10.747 1.00 13.54 ? 253 PHE A C   1 
ATOM   990  O  O   . PHE A 1 118 ? -5.265  -7.493  -10.378 1.00 25.27 ? 253 PHE A O   1 
ATOM   991  C  CB  . PHE A 1 118 ? -6.461  -5.056  -8.730  1.00 12.61 ? 253 PHE A CB  1 
ATOM   992  C  CG  . PHE A 1 118 ? -5.847  -4.325  -7.577  1.00 14.00 ? 253 PHE A CG  1 
ATOM   993  C  CD1 . PHE A 1 118 ? -4.711  -4.835  -6.962  1.00 17.48 ? 253 PHE A CD1 1 
ATOM   994  C  CD2 . PHE A 1 118 ? -6.289  -3.061  -7.212  1.00 21.53 ? 253 PHE A CD2 1 
ATOM   995  C  CE1 . PHE A 1 118 ? -4.005  -4.099  -6.012  1.00 14.92 ? 253 PHE A CE1 1 
ATOM   996  C  CE2 . PHE A 1 118 ? -5.595  -2.313  -6.262  1.00 19.49 ? 253 PHE A CE2 1 
ATOM   997  C  CZ  . PHE A 1 118 ? -4.448  -2.836  -5.665  1.00 22.93 ? 253 PHE A CZ  1 
ATOM   998  N  N   . GLU A 1 119 ? -6.316  -6.233  -11.920 1.00 20.40 ? 254 GLU A N   1 
ATOM   999  C  CA  . GLU A 1 119 ? -6.519  -7.343  -12.865 1.00 27.55 ? 254 GLU A CA  1 
ATOM   1000 C  C   . GLU A 1 119 ? -5.109  -7.886  -13.159 1.00 26.78 ? 254 GLU A C   1 
ATOM   1001 O  O   . GLU A 1 119 ? -4.875  -9.084  -13.235 1.00 24.60 ? 254 GLU A O   1 
ATOM   1002 C  CB  . GLU A 1 119 ? -7.163  -6.843  -14.177 1.00 24.18 ? 254 GLU A CB  1 
ATOM   1003 C  CG  . GLU A 1 119 ? -8.541  -6.220  -14.036 0.00 28.58 ? 254 GLU A CG  1 
ATOM   1004 C  CD  . GLU A 1 119 ? -9.067  -5.656  -15.350 0.00 29.58 ? 254 GLU A CD  1 
ATOM   1005 O  OE1 . GLU A 1 119 ? -8.255  -5.192  -16.179 0.00 30.78 ? 254 GLU A OE1 1 
ATOM   1006 O  OE2 . GLU A 1 119 ? -10.301 -5.673  -15.555 0.00 30.77 ? 254 GLU A OE2 1 
ATOM   1007 N  N   . THR A 1 120 ? -4.173  -6.954  -13.239 1.00 23.87 ? 255 THR A N   1 
ATOM   1008 C  CA  . THR A 1 120 ? -2.764  -7.185  -13.500 1.00 22.43 ? 255 THR A CA  1 
ATOM   1009 C  C   . THR A 1 120 ? -2.070  -8.017  -12.408 1.00 23.59 ? 255 THR A C   1 
ATOM   1010 O  O   . THR A 1 120 ? -1.170  -8.802  -12.701 1.00 25.79 ? 255 THR A O   1 
ATOM   1011 C  CB  . THR A 1 120 ? -2.087  -5.785  -13.644 1.00 23.43 ? 255 THR A CB  1 
ATOM   1012 O  OG1 . THR A 1 120 ? -2.076  -5.395  -15.021 1.00 29.48 ? 255 THR A OG1 1 
ATOM   1013 C  CG2 . THR A 1 120 ? -0.711  -5.732  -13.039 1.00 21.65 ? 255 THR A CG2 1 
ATOM   1014 N  N   . CYS A 1 121 ? -2.442  -7.803  -11.149 1.00 19.64 ? 256 CYS A N   1 
ATOM   1015 C  CA  . CYS A 1 121 ? -1.840  -8.535  -10.033 1.00 20.58 ? 256 CYS A CA  1 
ATOM   1016 C  C   . CYS A 1 121 ? -2.483  -9.908  -9.827  1.00 25.37 ? 256 CYS A C   1 
ATOM   1017 O  O   . CYS A 1 121 ? -1.946  -10.737 -9.101  1.00 32.53 ? 256 CYS A O   1 
ATOM   1018 C  CB  . CYS A 1 121 ? -1.978  -7.732  -8.728  1.00 25.46 ? 256 CYS A CB  1 
ATOM   1019 S  SG  . CYS A 1 121 ? -1.684  -5.951  -8.915  1.00 24.48 ? 256 CYS A SG  1 
ATOM   1020 N  N   . ASP A 1 122 ? -3.666  -10.110 -10.398 1.00 21.35 ? 257 ASP A N   1 
ATOM   1021 C  CA  . ASP A 1 122 ? -4.386  -11.375 -10.260 1.00 16.55 ? 257 ASP A CA  1 
ATOM   1022 C  C   . ASP A 1 122 ? -3.782  -12.412 -11.178 1.00 17.10 ? 257 ASP A C   1 
ATOM   1023 O  O   . ASP A 1 122 ? -4.361  -12.742 -12.208 1.00 21.85 ? 257 ASP A O   1 
ATOM   1024 C  CB  . ASP A 1 122 ? -5.855  -11.182 -10.628 1.00 12.59 ? 257 ASP A CB  1 
ATOM   1025 C  CG  . ASP A 1 122 ? -6.697  -12.398 -10.315 1.00 18.26 ? 257 ASP A CG  1 
ATOM   1026 O  OD1 . ASP A 1 122 ? -6.213  -13.291 -9.586  1.00 16.03 ? 257 ASP A OD1 1 
ATOM   1027 O  OD2 . ASP A 1 122 ? -7.845  -12.457 -10.781 1.00 18.22 ? 257 ASP A OD2 1 
ATOM   1028 N  N   . LEU A 1 123 ? -2.658  -12.972 -10.754 1.00 17.24 ? 258 LEU A N   1 
ATOM   1029 C  CA  . LEU A 1 123 ? -1.934  -13.970 -11.536 1.00 30.52 ? 258 LEU A CA  1 
ATOM   1030 C  C   . LEU A 1 123 ? -2.656  -15.286 -11.828 1.00 34.89 ? 258 LEU A C   1 
ATOM   1031 O  O   . LEU A 1 123 ? -2.404  -15.916 -12.860 1.00 37.10 ? 258 LEU A O   1 
ATOM   1032 C  CB  . LEU A 1 123 ? -0.586  -14.238 -10.888 1.00 25.74 ? 258 LEU A CB  1 
ATOM   1033 C  CG  . LEU A 1 123 ? 0.123   -12.905 -10.649 1.00 31.14 ? 258 LEU A CG  1 
ATOM   1034 C  CD1 . LEU A 1 123 ? 1.453   -13.127 -9.984  1.00 33.27 ? 258 LEU A CD1 1 
ATOM   1035 C  CD2 . LEU A 1 123 ? 0.287   -12.137 -11.951 1.00 25.47 ? 258 LEU A CD2 1 
ATOM   1036 N  N   . ASP A 1 124 ? -3.543  -15.711 -10.934 1.00 37.31 ? 259 ASP A N   1 
ATOM   1037 C  CA  . ASP A 1 124 ? -4.270  -16.953 -11.166 1.00 26.95 ? 259 ASP A CA  1 
ATOM   1038 C  C   . ASP A 1 124 ? -5.690  -16.756 -11.687 1.00 25.93 ? 259 ASP A C   1 
ATOM   1039 O  O   . ASP A 1 124 ? -6.437  -17.699 -11.834 1.00 27.49 ? 259 ASP A O   1 
ATOM   1040 C  CB  . ASP A 1 124 ? -4.228  -17.871 -9.940  1.00 28.90 ? 259 ASP A CB  1 
ATOM   1041 C  CG  . ASP A 1 124 ? -4.875  -17.262 -8.728  1.00 27.09 ? 259 ASP A CG  1 
ATOM   1042 O  OD1 . ASP A 1 124 ? -5.506  -16.194 -8.850  1.00 28.56 ? 259 ASP A OD1 1 
ATOM   1043 O  OD2 . ASP A 1 124 ? -4.757  -17.865 -7.650  1.00 27.80 ? 259 ASP A OD2 1 
ATOM   1044 N  N   . ASN A 1 125 ? -6.070  -15.518 -11.958 1.00 21.68 ? 260 ASN A N   1 
ATOM   1045 C  CA  . ASN A 1 125 ? -7.381  -15.276 -12.524 1.00 24.06 ? 260 ASN A CA  1 
ATOM   1046 C  C   . ASN A 1 125 ? -8.614  -15.647 -11.748 1.00 23.48 ? 260 ASN A C   1 
ATOM   1047 O  O   . ASN A 1 125 ? -9.681  -15.713 -12.343 1.00 24.80 ? 260 ASN A O   1 
ATOM   1048 C  CB  . ASN A 1 125 ? -7.487  -15.937 -13.897 1.00 35.65 ? 260 ASN A CB  1 
ATOM   1049 C  CG  . ASN A 1 125 ? -7.037  -15.024 -15.021 1.00 62.56 ? 260 ASN A CG  1 
ATOM   1050 O  OD1 . ASN A 1 125 ? -5.834  -14.828 -15.238 1.00 63.61 ? 260 ASN A OD1 1 
ATOM   1051 N  ND2 . ASN A 1 125 ? -8.006  -14.484 -15.774 1.00 71.42 ? 260 ASN A ND2 1 
ATOM   1052 N  N   . ASP A 1 126 ? -8.520  -15.796 -10.434 1.00 24.43 ? 261 ASP A N   1 
ATOM   1053 C  CA  . ASP A 1 126 ? -9.723  -16.130 -9.663  1.00 20.72 ? 261 ASP A CA  1 
ATOM   1054 C  C   . ASP A 1 126 ? -10.522 -14.886 -9.273  1.00 24.01 ? 261 ASP A C   1 
ATOM   1055 O  O   . ASP A 1 126 ? -11.503 -14.995 -8.542  1.00 15.07 ? 261 ASP A O   1 
ATOM   1056 C  CB  . ASP A 1 126 ? -9.379  -16.952 -8.417  1.00 14.26 ? 261 ASP A CB  1 
ATOM   1057 C  CG  . ASP A 1 126 ? -8.492  -16.224 -7.449  1.00 15.24 ? 261 ASP A CG  1 
ATOM   1058 O  OD1 . ASP A 1 126 ? -7.977  -15.123 -7.741  1.00 20.20 ? 261 ASP A OD1 1 
ATOM   1059 O  OD2 . ASP A 1 126 ? -8.279  -16.797 -6.366  1.00 20.52 ? 261 ASP A OD2 1 
ATOM   1060 N  N   . LYS A 1 127 ? -10.083 -13.706 -9.733  1.00 23.10 ? 262 LYS A N   1 
ATOM   1061 C  CA  . LYS A 1 127 ? -10.766 -12.439 -9.423  1.00 25.63 ? 262 LYS A CA  1 
ATOM   1062 C  C   . LYS A 1 127 ? -10.611 -11.971 -7.955  1.00 23.43 ? 262 LYS A C   1 
ATOM   1063 O  O   . LYS A 1 127 ? -11.330 -11.090 -7.493  1.00 20.82 ? 262 LYS A O   1 
ATOM   1064 C  CB  . LYS A 1 127 ? -12.261 -12.530 -9.784  1.00 31.57 ? 262 LYS A CB  1 
ATOM   1065 C  CG  . LYS A 1 127 ? -12.622 -12.198 -11.238 1.00 52.11 ? 262 LYS A CG  1 
ATOM   1066 C  CD  . LYS A 1 127 ? -12.008 -13.135 -12.278 1.00 59.15 ? 262 LYS A CD  1 
ATOM   1067 C  CE  . LYS A 1 127 ? -12.917 -14.323 -12.609 1.00 70.26 ? 262 LYS A CE  1 
ATOM   1068 N  NZ  . LYS A 1 127 ? -12.360 -15.135 -13.746 1.00 49.65 ? 262 LYS A NZ  1 
ATOM   1069 N  N   . TYR A 1 128 ? -9.702  -12.598 -7.219  1.00 12.92 ? 263 TYR A N   1 
ATOM   1070 C  CA  . TYR A 1 128 ? -9.445  -12.225 -5.838  1.00 12.78 ? 263 TYR A CA  1 
ATOM   1071 C  C   . TYR A 1 128 ? -7.973  -11.935 -5.776  1.00 13.82 ? 263 TYR A C   1 
ATOM   1072 O  O   . TYR A 1 128 ? -7.205  -12.485 -6.560  1.00 15.39 ? 263 TYR A O   1 
ATOM   1073 C  CB  . TYR A 1 128 ? -9.779  -13.375 -4.873  1.00 9.65  ? 263 TYR A CB  1 
ATOM   1074 C  CG  . TYR A 1 128 ? -11.252 -13.443 -4.500  1.00 13.62 ? 263 TYR A CG  1 
ATOM   1075 C  CD1 . TYR A 1 128 ? -12.206 -13.752 -5.452  1.00 8.67  ? 263 TYR A CD1 1 
ATOM   1076 C  CD2 . TYR A 1 128 ? -11.668 -13.241 -3.181  1.00 14.96 ? 263 TYR A CD2 1 
ATOM   1077 C  CE1 . TYR A 1 128 ? -13.531 -13.859 -5.114  1.00 13.39 ? 263 TYR A CE1 1 
ATOM   1078 C  CE2 . TYR A 1 128 ? -12.983 -13.343 -2.834  1.00 10.66 ? 263 TYR A CE2 1 
ATOM   1079 C  CZ  . TYR A 1 128 ? -13.910 -13.662 -3.798  1.00 19.43 ? 263 TYR A CZ  1 
ATOM   1080 O  OH  . TYR A 1 128 ? -15.221 -13.821 -3.431  1.00 17.99 ? 263 TYR A OH  1 
ATOM   1081 N  N   . ILE A 1 129 ? -7.553  -11.079 -4.859  1.00 14.33 ? 264 ILE A N   1 
ATOM   1082 C  CA  . ILE A 1 129 ? -6.132  -10.780 -4.767  1.00 12.58 ? 264 ILE A CA  1 
ATOM   1083 C  C   . ILE A 1 129 ? -5.587  -11.407 -3.484  1.00 15.54 ? 264 ILE A C   1 
ATOM   1084 O  O   . ILE A 1 129 ? -5.951  -10.988 -2.390  1.00 20.58 ? 264 ILE A O   1 
ATOM   1085 C  CB  . ILE A 1 129 ? -5.862  -9.210  -4.792  1.00 9.20  ? 264 ILE A CB  1 
ATOM   1086 C  CG1 . ILE A 1 129 ? -6.475  -8.548  -6.034  1.00 15.17 ? 264 ILE A CG1 1 
ATOM   1087 C  CG2 . ILE A 1 129 ? -4.366  -8.908  -4.731  1.00 10.85 ? 264 ILE A CG2 1 
ATOM   1088 C  CD1 . ILE A 1 129 ? -5.949  -9.012  -7.367  1.00 15.38 ? 264 ILE A CD1 1 
ATOM   1089 N  N   . ALA A 1 130 ? -4.689  -12.378 -3.608  1.00 14.96 ? 265 ALA A N   1 
ATOM   1090 C  CA  . ALA A 1 130 ? -4.095  -13.021 -2.432  1.00 17.48 ? 265 ALA A CA  1 
ATOM   1091 C  C   . ALA A 1 130 ? -3.003  -12.096 -1.900  1.00 18.19 ? 265 ALA A C   1 
ATOM   1092 O  O   . ALA A 1 130 ? -2.520  -11.242 -2.631  1.00 12.63 ? 265 ALA A O   1 
ATOM   1093 C  CB  . ALA A 1 130 ? -3.482  -14.383 -2.837  1.00 15.71 ? 265 ALA A CB  1 
ATOM   1094 N  N   . LEU A 1 131 ? -2.607  -12.263 -0.645  1.00 12.16 ? 266 LEU A N   1 
ATOM   1095 C  CA  . LEU A 1 131 ? -1.549  -11.439 -0.078  1.00 16.05 ? 266 LEU A CA  1 
ATOM   1096 C  C   . LEU A 1 131 ? -0.267  -11.466 -0.904  1.00 24.36 ? 266 LEU A C   1 
ATOM   1097 O  O   . LEU A 1 131 ? 0.407   -10.442 -1.057  1.00 18.20 ? 266 LEU A O   1 
ATOM   1098 C  CB  . LEU A 1 131 ? -1.205  -11.864 1.355   1.00 13.70 ? 266 LEU A CB  1 
ATOM   1099 C  CG  . LEU A 1 131 ? 0.017   -11.159 1.980   1.00 19.45 ? 266 LEU A CG  1 
ATOM   1100 C  CD1 . LEU A 1 131 ? -0.263  -9.668  2.192   1.00 16.19 ? 266 LEU A CD1 1 
ATOM   1101 C  CD2 . LEU A 1 131 ? 0.406   -11.819 3.282   1.00 21.22 ? 266 LEU A CD2 1 
ATOM   1102 N  N   . ASP A 1 132 ? 0.110   -12.635 -1.399  1.00 19.45 ? 267 ASP A N   1 
ATOM   1103 C  CA  . ASP A 1 132 ? 1.343   -12.689 -2.165  1.00 19.37 ? 267 ASP A CA  1 
ATOM   1104 C  C   . ASP A 1 132 ? 1.188   -12.006 -3.526  1.00 15.53 ? 267 ASP A C   1 
ATOM   1105 O  O   . ASP A 1 132 ? 2.153   -11.463 -4.033  1.00 23.88 ? 267 ASP A O   1 
ATOM   1106 C  CB  . ASP A 1 132 ? 1.856   -14.129 -2.300  1.00 30.28 ? 267 ASP A CB  1 
ATOM   1107 C  CG  . ASP A 1 132 ? 0.981   -14.982 -3.204  1.00 44.08 ? 267 ASP A CG  1 
ATOM   1108 O  OD1 . ASP A 1 132 ? 1.147   -14.894 -4.443  1.00 71.72 ? 267 ASP A OD1 1 
ATOM   1109 O  OD2 . ASP A 1 132 ? 0.148   -15.759 -2.687  1.00 69.19 ? 267 ASP A OD2 1 
ATOM   1110 N  N   . GLU A 1 133 ? -0.011  -12.034 -4.113  1.00 11.86 ? 268 GLU A N   1 
ATOM   1111 C  CA  . GLU A 1 133 ? -0.219  -11.365 -5.394  1.00 11.59 ? 268 GLU A CA  1 
ATOM   1112 C  C   . GLU A 1 133 ? -0.209  -9.843  -5.129  1.00 20.50 ? 268 GLU A C   1 
ATOM   1113 O  O   . GLU A 1 133 ? 0.143   -9.055  -5.995  1.00 22.70 ? 268 GLU A O   1 
ATOM   1114 C  CB  . GLU A 1 133 ? -1.551  -11.758 -6.025  1.00 12.73 ? 268 GLU A CB  1 
ATOM   1115 C  CG  . GLU A 1 133 ? -1.662  -13.210 -6.534  1.00 15.04 ? 268 GLU A CG  1 
ATOM   1116 C  CD  . GLU A 1 133 ? -3.064  -13.558 -7.054  1.00 21.43 ? 268 GLU A CD  1 
ATOM   1117 O  OE1 . GLU A 1 133 ? -4.081  -13.135 -6.441  1.00 18.28 ? 268 GLU A OE1 1 
ATOM   1118 O  OE2 . GLU A 1 133 ? -3.159  -14.266 -8.078  1.00 23.43 ? 268 GLU A OE2 1 
ATOM   1119 N  N   . TRP A 1 134 ? -0.640  -9.438  -3.938  1.00 15.09 ? 269 TRP A N   1 
ATOM   1120 C  CA  . TRP A 1 134 ? -0.682  -8.025  -3.555  1.00 17.78 ? 269 TRP A CA  1 
ATOM   1121 C  C   . TRP A 1 134 ? 0.710   -7.483  -3.316  1.00 16.56 ? 269 TRP A C   1 
ATOM   1122 O  O   . TRP A 1 134 ? 1.099   -6.454  -3.891  1.00 17.70 ? 269 TRP A O   1 
ATOM   1123 C  CB  . TRP A 1 134 ? -1.524  -7.833  -2.291  1.00 12.50 ? 269 TRP A CB  1 
ATOM   1124 C  CG  . TRP A 1 134 ? -1.402  -6.461  -1.618  1.00 10.87 ? 269 TRP A CG  1 
ATOM   1125 C  CD1 . TRP A 1 134 ? -0.458  -6.080  -0.689  1.00 7.54  ? 269 TRP A CD1 1 
ATOM   1126 C  CD2 . TRP A 1 134 ? -2.342  -5.368  -1.690  1.00 7.09  ? 269 TRP A CD2 1 
ATOM   1127 N  NE1 . TRP A 1 134 ? -0.770  -4.850  -0.170  1.00 10.60 ? 269 TRP A NE1 1 
ATOM   1128 C  CE2 . TRP A 1 134 ? -1.908  -4.391  -0.775  1.00 7.44  ? 269 TRP A CE2 1 
ATOM   1129 C  CE3 . TRP A 1 134 ? -3.496  -5.135  -2.434  1.00 5.60  ? 269 TRP A CE3 1 
ATOM   1130 C  CZ2 . TRP A 1 134 ? -2.608  -3.197  -0.576  1.00 13.56 ? 269 TRP A CZ2 1 
ATOM   1131 C  CZ3 . TRP A 1 134 ? -4.183  -3.955  -2.228  1.00 12.57 ? 269 TRP A CZ3 1 
ATOM   1132 C  CH2 . TRP A 1 134 ? -3.736  -3.001  -1.316  1.00 10.98 ? 269 TRP A CH2 1 
ATOM   1133 N  N   . ALA A 1 135 ? 1.448   -8.160  -2.442  1.00 20.19 ? 270 ALA A N   1 
ATOM   1134 C  CA  . ALA A 1 135 ? 2.798   -7.750  -2.098  1.00 17.59 ? 270 ALA A CA  1 
ATOM   1135 C  C   . ALA A 1 135 ? 3.689   -7.742  -3.335  1.00 21.11 ? 270 ALA A C   1 
ATOM   1136 O  O   . ALA A 1 135 ? 4.437   -6.797  -3.550  1.00 19.49 ? 270 ALA A O   1 
ATOM   1137 C  CB  . ALA A 1 135 ? 3.374   -8.651  -1.002  1.00 17.60 ? 270 ALA A CB  1 
ATOM   1138 N  N   . GLY A 1 136 ? 3.561   -8.772  -4.164  1.00 22.31 ? 271 GLY A N   1 
ATOM   1139 C  CA  . GLY A 1 136 ? 4.361   -8.872  -5.376  1.00 19.42 ? 271 GLY A CA  1 
ATOM   1140 C  C   . GLY A 1 136 ? 4.126   -7.727  -6.343  1.00 16.91 ? 271 GLY A C   1 
ATOM   1141 O  O   . GLY A 1 136 ? 5.037   -7.218  -6.992  1.00 21.90 ? 271 GLY A O   1 
ATOM   1142 N  N   . CYS A 1 137 ? 2.882   -7.325  -6.458  1.00 13.91 ? 272 CYS A N   1 
ATOM   1143 C  CA  . CYS A 1 137 ? 2.527   -6.239  -7.346  1.00 14.82 ? 272 CYS A CA  1 
ATOM   1144 C  C   . CYS A 1 137 ? 3.110   -4.898  -6.898  1.00 19.68 ? 272 CYS A C   1 
ATOM   1145 O  O   . CYS A 1 137 ? 3.324   -3.999  -7.708  1.00 20.76 ? 272 CYS A O   1 
ATOM   1146 C  CB  . CYS A 1 137 ? 1.027   -6.141  -7.376  1.00 15.73 ? 272 CYS A CB  1 
ATOM   1147 S  SG  . CYS A 1 137 ? 0.452   -6.162  -9.040  1.00 29.77 ? 272 CYS A SG  1 
ATOM   1148 N  N   . PHE A 1 138 ? 3.306   -4.741  -5.593  1.00 14.61 ? 273 PHE A N   1 
ATOM   1149 C  CA  . PHE A 1 138 ? 3.861   -3.514  -5.059  1.00 11.83 ? 273 PHE A CA  1 
ATOM   1150 C  C   . PHE A 1 138 ? 5.374   -3.613  -4.885  1.00 17.11 ? 273 PHE A C   1 
ATOM   1151 O  O   . PHE A 1 138 ? 5.990   -2.782  -4.212  1.00 18.14 ? 273 PHE A O   1 
ATOM   1152 C  CB  . PHE A 1 138 ? 3.157   -3.137  -3.749  1.00 14.11 ? 273 PHE A CB  1 
ATOM   1153 C  CG  . PHE A 1 138 ? 1.793   -2.506  -3.960  1.00 21.36 ? 273 PHE A CG  1 
ATOM   1154 C  CD1 . PHE A 1 138 ? 1.666   -1.267  -4.603  1.00 15.44 ? 273 PHE A CD1 1 
ATOM   1155 C  CD2 . PHE A 1 138 ? 0.637   -3.164  -3.563  1.00 15.11 ? 273 PHE A CD2 1 
ATOM   1156 C  CE1 . PHE A 1 138 ? 0.402   -0.710  -4.851  1.00 11.48 ? 273 PHE A CE1 1 
ATOM   1157 C  CE2 . PHE A 1 138 ? -0.626  -2.614  -3.806  1.00 14.27 ? 273 PHE A CE2 1 
ATOM   1158 C  CZ  . PHE A 1 138 ? -0.747  -1.386  -4.450  1.00 13.90 ? 273 PHE A CZ  1 
ATOM   1159 N  N   . GLY A 1 139 ? 5.974   -4.628  -5.503  1.00 15.07 ? 274 GLY A N   1 
ATOM   1160 C  CA  . GLY A 1 139 ? 7.413   -4.796  -5.432  1.00 10.24 ? 274 GLY A CA  1 
ATOM   1161 C  C   . GLY A 1 139 ? 8.043   -5.304  -4.158  1.00 18.11 ? 274 GLY A C   1 
ATOM   1162 O  O   . GLY A 1 139 ? 9.232   -5.088  -3.946  1.00 19.97 ? 274 GLY A O   1 
ATOM   1163 N  N   . ILE A 1 140 ? 7.274   -5.914  -3.263  1.00 15.71 ? 275 ILE A N   1 
ATOM   1164 C  CA  . ILE A 1 140 ? 7.869   -6.447  -2.036  1.00 14.28 ? 275 ILE A CA  1 
ATOM   1165 C  C   . ILE A 1 140 ? 8.561   -7.792  -2.379  1.00 17.17 ? 275 ILE A C   1 
ATOM   1166 O  O   . ILE A 1 140 ? 7.974   -8.610  -3.050  1.00 21.32 ? 275 ILE A O   1 
ATOM   1167 C  CB  . ILE A 1 140 ? 6.801   -6.637  -0.941  1.00 17.06 ? 275 ILE A CB  1 
ATOM   1168 C  CG1 . ILE A 1 140 ? 6.108   -5.291  -0.685  1.00 17.11 ? 275 ILE A CG1 1 
ATOM   1169 C  CG2 . ILE A 1 140 ? 7.454   -7.180  0.354   1.00 13.77 ? 275 ILE A CG2 1 
ATOM   1170 C  CD1 . ILE A 1 140 ? 7.091   -4.173  -0.245  1.00 13.86 ? 275 ILE A CD1 1 
ATOM   1171 N  N   . LYS A 1 141 ? 9.795   -8.015  -1.932  1.00 18.19 ? 276 LYS A N   1 
ATOM   1172 C  CA  . LYS A 1 141 ? 10.480  -9.264  -2.265  1.00 20.23 ? 276 LYS A CA  1 
ATOM   1173 C  C   . LYS A 1 141 ? 9.860   -10.445 -1.544  1.00 26.55 ? 276 LYS A C   1 
ATOM   1174 O  O   . LYS A 1 141 ? 9.409   -10.312 -0.416  1.00 28.94 ? 276 LYS A O   1 
ATOM   1175 C  CB  . LYS A 1 141 ? 11.944  -9.159  -1.928  1.00 18.91 ? 276 LYS A CB  1 
ATOM   1176 C  CG  . LYS A 1 141 ? 12.650  -8.000  -2.614  1.00 27.60 ? 276 LYS A CG  1 
ATOM   1177 C  CD  . LYS A 1 141 ? 13.942  -7.678  -1.857  1.00 32.87 ? 276 LYS A CD  1 
ATOM   1178 C  CE  . LYS A 1 141 ? 14.469  -6.285  -2.147  0.00 34.50 ? 276 LYS A CE  1 
ATOM   1179 N  NZ  . LYS A 1 141 ? 15.553  -5.927  -1.187  0.00 36.69 ? 276 LYS A NZ  1 
ATOM   1180 N  N   . GLN A 1 142 ? 9.871   -11.602 -2.195  1.00 32.51 ? 277 GLN A N   1 
ATOM   1181 C  CA  . GLN A 1 142 ? 9.275   -12.827 -1.669  1.00 32.76 ? 277 GLN A CA  1 
ATOM   1182 C  C   . GLN A 1 142 ? 9.658   -13.153 -0.241  1.00 26.03 ? 277 GLN A C   1 
ATOM   1183 O  O   . GLN A 1 142 ? 8.816   -13.596 0.533   1.00 35.19 ? 277 GLN A O   1 
ATOM   1184 C  CB  . GLN A 1 142 ? 9.596   -14.030 -2.571  1.00 31.05 ? 277 GLN A CB  1 
ATOM   1185 C  CG  . GLN A 1 142 ? 8.846   -15.300 -2.199  0.00 37.31 ? 277 GLN A CG  1 
ATOM   1186 C  CD  . GLN A 1 142 ? 9.157   -16.469 -3.114  0.00 39.46 ? 277 GLN A CD  1 
ATOM   1187 O  OE1 . GLN A 1 142 ? 9.897   -16.347 -4.091  0.00 41.38 ? 277 GLN A OE1 1 
ATOM   1188 N  NE2 . GLN A 1 142 ? 8.585   -17.622 -2.799  0.00 41.36 ? 277 GLN A NE2 1 
ATOM   1189 N  N   . LYS A 1 143 ? 10.911  -12.928 0.111   1.00 28.96 ? 278 LYS A N   1 
ATOM   1190 C  CA  . LYS A 1 143 ? 11.414  -13.208 1.447   1.00 31.60 ? 278 LYS A CA  1 
ATOM   1191 C  C   . LYS A 1 143 ? 10.876  -12.257 2.511   1.00 32.48 ? 278 LYS A C   1 
ATOM   1192 O  O   . LYS A 1 143 ? 11.039  -12.516 3.700   1.00 28.68 ? 278 LYS A O   1 
ATOM   1193 C  CB  . LYS A 1 143 ? 12.944  -13.111 1.453   1.00 40.48 ? 278 LYS A CB  1 
ATOM   1194 C  CG  . LYS A 1 143 ? 13.468  -11.724 1.040   1.00 55.97 ? 278 LYS A CG  1 
ATOM   1195 C  CD  . LYS A 1 143 ? 14.986  -11.659 0.945   1.00 60.60 ? 278 LYS A CD  1 
ATOM   1196 C  CE  . LYS A 1 143 ? 15.458  -10.314 0.422   0.00 63.44 ? 278 LYS A CE  1 
ATOM   1197 N  NZ  . LYS A 1 143 ? 16.923  -10.318 0.144   0.00 67.32 ? 278 LYS A NZ  1 
ATOM   1198 N  N   . ASP A 1 144 ? 10.270  -11.153 2.085   1.00 27.41 ? 279 ASP A N   1 
ATOM   1199 C  CA  . ASP A 1 144 ? 9.788   -10.164 3.036   1.00 22.23 ? 279 ASP A CA  1 
ATOM   1200 C  C   . ASP A 1 144 ? 8.293   -10.206 3.290   1.00 23.88 ? 279 ASP A C   1 
ATOM   1201 O  O   . ASP A 1 144 ? 7.783   -9.456  4.123   1.00 23.61 ? 279 ASP A O   1 
ATOM   1202 C  CB  . ASP A 1 144 ? 10.220  -8.782  2.569   1.00 24.81 ? 279 ASP A CB  1 
ATOM   1203 C  CG  . ASP A 1 144 ? 11.721  -8.617  2.555   1.00 27.48 ? 279 ASP A CG  1 
ATOM   1204 O  OD1 . ASP A 1 144 ? 12.373  -8.937  3.571   1.00 39.40 ? 279 ASP A OD1 1 
ATOM   1205 O  OD2 . ASP A 1 144 ? 12.248  -8.160  1.526   1.00 23.78 ? 279 ASP A OD2 1 
ATOM   1206 N  N   . ILE A 1 145 ? 7.583   -11.029 2.525   1.00 20.35 ? 280 ILE A N   1 
ATOM   1207 C  CA  . ILE A 1 145 ? 6.147   -11.174 2.702   1.00 19.79 ? 280 ILE A CA  1 
ATOM   1208 C  C   . ILE A 1 145 ? 5.971   -11.896 4.048   1.00 27.73 ? 280 ILE A C   1 
ATOM   1209 O  O   . ILE A 1 145 ? 6.613   -12.907 4.302   1.00 32.80 ? 280 ILE A O   1 
ATOM   1210 C  CB  . ILE A 1 145 ? 5.497   -11.942 1.514   1.00 23.18 ? 280 ILE A CB  1 
ATOM   1211 C  CG1 . ILE A 1 145 ? 5.734   -11.183 0.203   1.00 19.99 ? 280 ILE A CG1 1 
ATOM   1212 C  CG2 . ILE A 1 145 ? 3.993   -12.089 1.722   1.00 28.18 ? 280 ILE A CG2 1 
ATOM   1213 C  CD1 . ILE A 1 145 ? 5.134   -11.867 -1.001  1.00 22.87 ? 280 ILE A CD1 1 
ATOM   1214 N  N   . ASP A 1 146 ? 5.082   -11.385 4.895   1.00 25.54 ? 281 ASP A N   1 
ATOM   1215 C  CA  . ASP A 1 146 ? 4.892   -11.948 6.218   1.00 21.32 ? 281 ASP A CA  1 
ATOM   1216 C  C   . ASP A 1 146 ? 3.489   -11.668 6.756   1.00 32.82 ? 281 ASP A C   1 
ATOM   1217 O  O   . ASP A 1 146 ? 3.185   -10.542 7.182   1.00 25.51 ? 281 ASP A O   1 
ATOM   1218 C  CB  . ASP A 1 146 ? 5.960   -11.348 7.123   1.00 26.17 ? 281 ASP A CB  1 
ATOM   1219 C  CG  . ASP A 1 146 ? 5.892   -11.845 8.563   1.00 30.90 ? 281 ASP A CG  1 
ATOM   1220 O  OD1 . ASP A 1 146 ? 5.083   -12.741 8.888   1.00 38.85 ? 281 ASP A OD1 1 
ATOM   1221 O  OD2 . ASP A 1 146 ? 6.685   -11.325 9.376   1.00 38.47 ? 281 ASP A OD2 1 
ATOM   1222 N  N   . LYS A 1 147 ? 2.657   -12.718 6.765   1.00 35.62 ? 282 LYS A N   1 
ATOM   1223 C  CA  . LYS A 1 147 ? 1.261   -12.660 7.221   1.00 31.03 ? 282 LYS A CA  1 
ATOM   1224 C  C   . LYS A 1 147 ? 1.113   -11.994 8.586   1.00 26.23 ? 282 LYS A C   1 
ATOM   1225 O  O   . LYS A 1 147 ? 0.021   -11.533 8.935   1.00 28.12 ? 282 LYS A O   1 
ATOM   1226 C  CB  . LYS A 1 147 ? 0.618   -14.063 7.306   1.00 38.48 ? 282 LYS A CB  1 
ATOM   1227 C  CG  . LYS A 1 147 ? 1.059   -15.116 6.286   1.00 44.84 ? 282 LYS A CG  1 
ATOM   1228 C  CD  . LYS A 1 147 ? 0.408   -14.967 4.920   1.00 59.52 ? 282 LYS A CD  1 
ATOM   1229 C  CE  . LYS A 1 147 ? 1.079   -15.875 3.891   0.00 49.49 ? 282 LYS A CE  1 
ATOM   1230 N  NZ  . LYS A 1 147 ? 0.592   -15.607 2.510   0.00 48.59 ? 282 LYS A NZ  1 
ATOM   1231 N  N   . ASP A 1 148 ? 2.177   -12.017 9.389   1.00 20.43 ? 283 ASP A N   1 
ATOM   1232 C  CA  . ASP A 1 148 ? 2.158   -11.393 10.725  1.00 30.36 ? 283 ASP A CA  1 
ATOM   1233 C  C   . ASP A 1 148 ? 2.057   -9.870  10.762  1.00 32.27 ? 283 ASP A C   1 
ATOM   1234 O  O   . ASP A 1 148 ? 1.730   -9.324  11.810  1.00 35.36 ? 283 ASP A O   1 
ATOM   1235 C  CB  . ASP A 1 148 ? 3.385   -11.800 11.551  1.00 38.15 ? 283 ASP A CB  1 
ATOM   1236 C  CG  . ASP A 1 148 ? 3.426   -13.293 11.846  1.00 44.72 ? 283 ASP A CG  1 
ATOM   1237 O  OD1 . ASP A 1 148 ? 2.354   -13.884 12.106  0.00 37.98 ? 283 ASP A OD1 1 
ATOM   1238 O  OD2 . ASP A 1 148 ? 4.540   -13.855 11.817  0.00 37.98 ? 283 ASP A OD2 1 
ATOM   1239 N  N   . LEU A 1 149 ? 2.427   -9.192  9.670   1.00 29.08 ? 284 LEU A N   1 
ATOM   1240 C  CA  . LEU A 1 149 ? 2.351   -7.721  9.604   1.00 23.49 ? 284 LEU A CA  1 
ATOM   1241 C  C   . LEU A 1 149 ? 0.988   -7.266  9.088   1.00 29.31 ? 284 LEU A C   1 
ATOM   1242 O  O   . LEU A 1 149 ? 0.800   -6.096  8.773   1.00 24.89 ? 284 LEU A O   1 
ATOM   1243 C  CB  . LEU A 1 149 ? 3.405   -7.195  8.641   1.00 22.85 ? 284 LEU A CB  1 
ATOM   1244 C  CG  . LEU A 1 149 ? 4.816   -7.654  8.921   1.00 24.98 ? 284 LEU A CG  1 
ATOM   1245 C  CD1 . LEU A 1 149 ? 5.684   -7.259  7.750   1.00 26.53 ? 284 LEU A CD1 1 
ATOM   1246 C  CD2 . LEU A 1 149 ? 5.274   -7.012  10.197  1.00 14.81 ? 284 LEU A CD2 1 
ATOM   1247 N  N   . VAL A 1 150 ? 0.116   -8.240  8.833   1.00 24.02 ? 285 VAL A N   1 
ATOM   1248 C  CA  . VAL A 1 150 ? -1.221  -7.999  8.302   1.00 18.80 ? 285 VAL A CA  1 
ATOM   1249 C  C   . VAL A 1 150 ? -2.221  -7.939  9.465   1.00 25.44 ? 285 VAL A C   1 
ATOM   1250 O  O   . VAL A 1 150 ? -3.384  -7.600  9.292   1.00 28.07 ? 285 VAL A O   1 
ATOM   1251 C  CB  . VAL A 1 150 ? -1.559  -9.142  7.294   1.00 22.90 ? 285 VAL A CB  1 
ATOM   1252 C  CG1 . VAL A 1 150 ? -2.982  -9.140  6.907   1.00 28.83 ? 285 VAL A CG1 1 
ATOM   1253 C  CG2 . VAL A 1 150 ? -0.698  -9.000  6.060   1.00 24.93 ? 285 VAL A CG2 1 
ATOM   1254 N  N   . ILE A 1 151 ? -1.755  -8.315  10.647  1.00 29.68 ? 286 ILE A N   1 
ATOM   1255 C  CA  . ILE A 1 151 ? -2.595  -8.335  11.847  1.00 43.14 ? 286 ILE A CA  1 
ATOM   1256 C  C   . ILE A 1 151 ? -2.729  -6.950  12.505  1.00 46.82 ? 286 ILE A C   1 
ATOM   1257 O  O   . ILE A 1 151 ? -3.855  -6.545  12.876  1.00 50.48 ? 286 ILE A O   1 
ATOM   1258 C  CB  . ILE A 1 151 ? -2.022  -9.340  12.883  1.00 42.15 ? 286 ILE A CB  1 
ATOM   1259 C  CG1 . ILE A 1 151 ? -2.026  -10.754 12.304  1.00 43.54 ? 286 ILE A CG1 1 
ATOM   1260 C  CG2 . ILE A 1 151 ? -2.839  -9.312  14.154  1.00 47.59 ? 286 ILE A CG2 1 
ATOM   1261 C  CD1 . ILE A 1 151 ? -3.393  -11.224 11.974  1.00 39.01 ? 286 ILE A CD1 1 
ATOM   1262 O  OXT . ILE A 1 151 ? -1.681  -6.314  12.706  1.00 48.64 ? 286 ILE A OXT 1 
HETATM 1263 CA CA  . CA  B 2 .   ? -11.161 -11.160 2.317   1.00 12.27 ? 301 CA  A CA  1 
HETATM 1264 CA CA  . CA  C 2 .   ? -5.848  -14.253 -7.539  1.00 19.73 ? 302 CA  A CA  1 
HETATM 1265 CA CA  . CA  D 2 .   ? -8.235  10.811  -7.412  1.00 48.99 ? 303 CA  A CA  1 
HETATM 1266 O  O   . HOH E 3 .   ? -3.761  -3.777  8.890   1.00 15.92 ? 401 HOH A O   1 
HETATM 1267 O  O   . HOH E 3 .   ? 6.874   4.191   -4.691  1.00 16.12 ? 402 HOH A O   1 
HETATM 1268 O  O   . HOH E 3 .   ? 10.794  7.256   2.460   1.00 17.69 ? 403 HOH A O   1 
HETATM 1269 O  O   . HOH E 3 .   ? -13.955 -10.446 -6.639  1.00 18.17 ? 404 HOH A O   1 
HETATM 1270 O  O   . HOH E 3 .   ? -6.217  -15.561 -5.541  1.00 18.98 ? 405 HOH A O   1 
HETATM 1271 O  O   . HOH E 3 .   ? -14.915 -11.059 -0.192  1.00 19.92 ? 406 HOH A O   1 
HETATM 1272 O  O   . HOH E 3 .   ? 8.479   5.895   -3.400  1.00 20.47 ? 407 HOH A O   1 
HETATM 1273 O  O   . HOH E 3 .   ? -12.387 -12.315 0.937   1.00 20.55 ? 408 HOH A O   1 
HETATM 1274 O  O   . HOH E 3 .   ? -0.424  4.765   -23.033 1.00 22.20 ? 409 HOH A O   1 
HETATM 1275 O  O   . HOH E 3 .   ? 0.744   -10.301 -8.319  1.00 22.44 ? 410 HOH A O   1 
HETATM 1276 O  O   . HOH E 3 .   ? -9.229  0.639   -14.065 1.00 23.31 ? 411 HOH A O   1 
HETATM 1277 O  O   . HOH E 3 .   ? 7.048   11.026  0.173   1.00 23.45 ? 412 HOH A O   1 
HETATM 1278 O  O   . HOH E 3 .   ? 1.288   11.006  -1.061  1.00 23.63 ? 413 HOH A O   1 
HETATM 1279 O  O   . HOH E 3 .   ? -3.273  3.136   -23.375 1.00 23.70 ? 414 HOH A O   1 
HETATM 1280 O  O   . HOH E 3 .   ? 8.295   -1.082  6.942   1.00 24.28 ? 415 HOH A O   1 
HETATM 1281 O  O   . HOH E 3 .   ? -6.542  11.918  -5.458  1.00 25.87 ? 416 HOH A O   1 
HETATM 1282 O  O   . HOH E 3 .   ? -1.482  -16.438 -8.170  1.00 26.49 ? 417 HOH A O   1 
HETATM 1283 O  O   . HOH E 3 .   ? -0.108  7.501   -23.604 1.00 26.53 ? 418 HOH A O   1 
HETATM 1284 O  O   . HOH E 3 .   ? -4.922  -11.572 -14.695 1.00 27.03 ? 419 HOH A O   1 
HETATM 1285 O  O   . HOH E 3 .   ? -11.300 -17.171 -0.159  1.00 27.72 ? 420 HOH A O   1 
HETATM 1286 O  O   . HOH E 3 .   ? -4.087  -17.508 -5.257  1.00 28.81 ? 421 HOH A O   1 
HETATM 1287 O  O   . HOH E 3 .   ? 6.995   10.443  4.743   1.00 28.95 ? 422 HOH A O   1 
HETATM 1288 O  O   . HOH E 3 .   ? -10.848 1.796   -11.011 1.00 29.02 ? 423 HOH A O   1 
HETATM 1289 O  O   . HOH E 3 .   ? 1.915   -1.226  -13.278 1.00 29.12 ? 424 HOH A O   1 
HETATM 1290 O  O   . HOH E 3 .   ? -1.858  5.728   -7.142  1.00 29.14 ? 425 HOH A O   1 
HETATM 1291 O  O   . HOH E 3 .   ? 14.980  6.596   -10.707 1.00 29.77 ? 426 HOH A O   1 
HETATM 1292 O  O   . HOH E 3 .   ? -1.239  12.381  -2.025  1.00 30.61 ? 427 HOH A O   1 
HETATM 1293 O  O   . HOH E 3 .   ? -12.276 -3.854  2.465   1.00 30.87 ? 428 HOH A O   1 
HETATM 1294 O  O   . HOH E 3 .   ? -11.013 -2.449  -8.039  1.00 31.70 ? 429 HOH A O   1 
HETATM 1295 O  O   . HOH E 3 .   ? -0.479  -15.654 -0.087  1.00 31.87 ? 430 HOH A O   1 
HETATM 1296 O  O   . HOH E 3 .   ? -3.454  -15.331 1.056   1.00 32.38 ? 431 HOH A O   1 
HETATM 1297 O  O   . HOH E 3 .   ? -10.030 -8.490  -6.627  1.00 32.85 ? 432 HOH A O   1 
HETATM 1298 O  O   . HOH E 3 .   ? 1.666   9.450   -4.429  1.00 33.17 ? 433 HOH A O   1 
HETATM 1299 O  O   . HOH E 3 .   ? -0.622  -4.356  10.386  1.00 33.96 ? 434 HOH A O   1 
HETATM 1300 O  O   . HOH E 3 .   ? 9.151   -8.446  6.320   1.00 34.82 ? 435 HOH A O   1 
HETATM 1301 O  O   . HOH E 3 .   ? -9.362  11.819  14.614  1.00 35.01 ? 436 HOH A O   1 
HETATM 1302 O  O   . HOH E 3 .   ? -7.261  11.023  16.939  1.00 35.64 ? 437 HOH A O   1 
HETATM 1303 O  O   . HOH E 3 .   ? 13.008  -13.090 -1.890  1.00 35.86 ? 438 HOH A O   1 
HETATM 1304 O  O   . HOH E 3 .   ? -7.386  -8.375  8.223   1.00 36.10 ? 439 HOH A O   1 
HETATM 1305 O  O   . HOH E 3 .   ? -16.962 -8.257  1.196   1.00 36.42 ? 440 HOH A O   1 
HETATM 1306 O  O   . HOH E 3 .   ? 6.675   12.261  -12.526 1.00 37.06 ? 441 HOH A O   1 
HETATM 1307 O  O   . HOH E 3 .   ? -9.346  1.570   -18.236 1.00 38.61 ? 442 HOH A O   1 
HETATM 1308 O  O   . HOH E 3 .   ? 4.836   12.458  -2.189  1.00 38.81 ? 443 HOH A O   1 
HETATM 1309 O  O   . HOH E 3 .   ? 9.324   0.797   -8.506  1.00 38.87 ? 444 HOH A O   1 
HETATM 1310 O  O   . HOH E 3 .   ? -8.063  9.788   -11.737 1.00 39.28 ? 445 HOH A O   1 
HETATM 1311 O  O   . HOH E 3 .   ? -11.261 3.609   -15.761 1.00 39.73 ? 446 HOH A O   1 
HETATM 1312 O  O   . HOH E 3 .   ? -5.428  -10.923 6.166   1.00 39.77 ? 447 HOH A O   1 
HETATM 1313 O  O   . HOH E 3 .   ? 0.988   -0.963  -18.580 1.00 39.95 ? 448 HOH A O   1 
HETATM 1314 O  O   . HOH E 3 .   ? 2.430   12.033  5.474   1.00 39.98 ? 449 HOH A O   1 
HETATM 1315 O  O   . HOH E 3 .   ? 5.728   0.214   -13.024 1.00 40.50 ? 450 HOH A O   1 
HETATM 1316 O  O   . HOH E 3 .   ? -3.783  -1.752  20.935  1.00 40.72 ? 451 HOH A O   1 
HETATM 1317 O  O   . HOH E 3 .   ? -2.085  -5.425  15.878  1.00 41.10 ? 452 HOH A O   1 
HETATM 1318 O  O   . HOH E 3 .   ? -11.092 5.263   0.846   1.00 41.17 ? 453 HOH A O   1 
HETATM 1319 O  O   . HOH E 3 .   ? -2.676  -12.630 5.105   1.00 41.41 ? 454 HOH A O   1 
HETATM 1320 O  O   . HOH E 3 .   ? -6.671  8.845   6.547   1.00 41.81 ? 455 HOH A O   1 
HETATM 1321 O  O   . HOH E 3 .   ? -8.055  -21.289 -0.683  1.00 43.36 ? 456 HOH A O   1 
HETATM 1322 O  O   . HOH E 3 .   ? 4.599   -12.461 -4.874  1.00 44.37 ? 457 HOH A O   1 
HETATM 1323 O  O   . HOH E 3 .   ? 3.074   -8.896  -10.441 1.00 45.21 ? 458 HOH A O   1 
HETATM 1324 O  O   . HOH E 3 .   ? 11.676  11.956  9.508   1.00 45.89 ? 459 HOH A O   1 
HETATM 1325 O  O   . HOH E 3 .   ? -16.937 -8.552  -5.148  1.00 45.93 ? 460 HOH A O   1 
HETATM 1326 O  O   . HOH E 3 .   ? 12.567  1.238   -7.989  1.00 46.50 ? 461 HOH A O   1 
HETATM 1327 O  O   . HOH E 3 .   ? 10.367  16.732  -5.191  1.00 47.11 ? 462 HOH A O   1 
HETATM 1328 O  O   . HOH E 3 .   ? 0.755   -5.503  13.365  1.00 47.33 ? 463 HOH A O   1 
HETATM 1329 O  O   . HOH E 3 .   ? 19.090  7.393   0.995   1.00 47.53 ? 464 HOH A O   1 
HETATM 1330 O  O   . HOH E 3 .   ? 18.131  4.891   -9.230  1.00 47.93 ? 465 HOH A O   1 
HETATM 1331 O  O   . HOH E 3 .   ? 14.004  -1.959  -3.870  1.00 48.24 ? 466 HOH A O   1 
HETATM 1332 O  O   . HOH E 3 .   ? -0.263  11.270  18.470  1.00 48.80 ? 467 HOH A O   1 
HETATM 1333 O  O   . HOH E 3 .   ? 7.273   7.491   -0.382  1.00 49.24 ? 468 HOH A O   1 
HETATM 1334 O  O   . HOH E 3 .   ? -3.874  13.379  18.241  1.00 49.47 ? 469 HOH A O   1 
HETATM 1335 O  O   . HOH E 3 .   ? -10.908 -5.610  -8.972  1.00 49.53 ? 470 HOH A O   1 
HETATM 1336 O  O   . HOH E 3 .   ? -3.452  -4.463  -18.840 1.00 49.85 ? 471 HOH A O   1 
HETATM 1337 O  O   . HOH E 3 .   ? -3.727  12.911  -6.924  1.00 50.43 ? 472 HOH A O   1 
HETATM 1338 O  O   . HOH E 3 .   ? -7.545  13.329  19.319  1.00 50.52 ? 473 HOH A O   1 
HETATM 1339 O  O   . HOH E 3 .   ? 6.632   19.343  -2.620  1.00 51.39 ? 474 HOH A O   1 
HETATM 1340 O  O   . HOH E 3 .   ? 4.608   12.490  -5.684  1.00 51.69 ? 475 HOH A O   1 
HETATM 1341 O  O   . HOH E 3 .   ? -4.401  -19.587 -3.189  1.00 52.01 ? 476 HOH A O   1 
HETATM 1342 O  O   . HOH E 3 .   ? -14.297 -15.000 -9.110  1.00 52.16 ? 477 HOH A O   1 
HETATM 1343 O  O   . HOH E 3 .   ? -1.638  -4.232  19.920  1.00 53.70 ? 478 HOH A O   1 
HETATM 1344 O  O   . HOH E 3 .   ? -9.358  13.607  -8.711  1.00 53.90 ? 479 HOH A O   1 
HETATM 1345 O  O   . HOH E 3 .   ? -5.184  0.946   11.493  1.00 54.61 ? 480 HOH A O   1 
HETATM 1346 O  O   . HOH E 3 .   ? -14.308 8.713   -21.022 1.00 56.14 ? 481 HOH A O   1 
HETATM 1347 O  O   . HOH E 3 .   ? 2.292   14.493  -1.035  1.00 56.61 ? 482 HOH A O   1 
HETATM 1348 O  O   . HOH E 3 .   ? 7.300   -11.187 -4.526  1.00 56.63 ? 483 HOH A O   1 
HETATM 1349 O  O   . HOH E 3 .   ? -4.787  14.862  20.998  1.00 57.08 ? 484 HOH A O   1 
HETATM 1350 O  O   . HOH E 3 .   ? 3.117   -14.246 -6.851  1.00 57.62 ? 485 HOH A O   1 
HETATM 1351 O  O   . HOH E 3 .   ? 4.558   11.728  -14.829 1.00 58.40 ? 486 HOH A O   1 
HETATM 1352 O  O   . HOH E 3 .   ? 17.376  8.475   11.727  1.00 58.60 ? 487 HOH A O   1 
HETATM 1353 O  O   . HOH E 3 .   ? -6.153  11.165  -9.502  1.00 58.90 ? 488 HOH A O   1 
HETATM 1354 O  O   . HOH E 3 .   ? -5.793  -5.605  10.184  1.00 59.14 ? 489 HOH A O   1 
HETATM 1355 O  O   . HOH E 3 .   ? 11.842  14.900  1.850   1.00 59.26 ? 490 HOH A O   1 
HETATM 1356 O  O   . HOH E 3 .   ? 14.089  5.140   12.821  1.00 59.44 ? 491 HOH A O   1 
HETATM 1357 O  O   . HOH E 3 .   ? -8.561  9.308   3.816   1.00 59.56 ? 492 HOH A O   1 
HETATM 1358 O  O   . HOH E 3 .   ? -9.011  14.328  -5.380  1.00 60.17 ? 493 HOH A O   1 
HETATM 1359 O  O   . HOH E 3 .   ? 1.065   2.820   21.404  1.00 60.29 ? 494 HOH A O   1 
HETATM 1360 O  O   . HOH E 3 .   ? 7.917   10.045  16.704  1.00 60.38 ? 495 HOH A O   1 
HETATM 1361 O  O   . HOH E 3 .   ? -15.753 -1.840  0.637   1.00 60.63 ? 496 HOH A O   1 
HETATM 1362 O  O   . HOH E 3 .   ? -2.066  11.584  -9.778  1.00 60.68 ? 497 HOH A O   1 
HETATM 1363 O  O   . HOH E 3 .   ? -11.773 11.565  -9.495  1.00 60.75 ? 498 HOH A O   1 
HETATM 1364 O  O   . HOH E 3 .   ? -3.728  9.422   27.644  1.00 62.23 ? 499 HOH A O   1 
HETATM 1365 O  O   . HOH E 3 .   ? -12.257 -1.142  4.751   1.00 62.56 ? 500 HOH A O   1 
HETATM 1366 O  O   . HOH E 3 .   ? -15.567 -4.144  2.716   1.00 63.60 ? 501 HOH A O   1 
HETATM 1367 O  O   . HOH E 3 .   ? 8.926   13.608  -14.506 1.00 64.14 ? 502 HOH A O   1 
HETATM 1368 O  O   . HOH E 3 .   ? -14.675 12.170  -9.317  1.00 64.81 ? 503 HOH A O   1 
HETATM 1369 O  O   . HOH E 3 .   ? 2.047   14.817  7.930   1.00 65.46 ? 504 HOH A O   1 
HETATM 1370 O  O   . HOH E 3 .   ? -6.366  0.089   18.892  1.00 67.24 ? 505 HOH A O   1 
HETATM 1371 O  O   . HOH E 3 .   ? 8.990   -12.875 6.009   1.00 67.89 ? 506 HOH A O   1 
HETATM 1372 O  O   . HOH E 3 .   ? -0.741  -16.426 -5.275  1.00 67.99 ? 507 HOH A O   1 
HETATM 1373 O  O   . HOH E 3 .   ? 3.521   -4.018  -10.500 1.00 68.24 ? 508 HOH A O   1 
HETATM 1374 O  O   . HOH E 3 .   ? -15.392 3.230   -3.969  1.00 68.35 ? 509 HOH A O   1 
HETATM 1375 O  O   . HOH E 3 .   ? 4.949   6.277   -17.916 1.00 68.41 ? 510 HOH A O   1 
HETATM 1376 O  O   . HOH E 3 .   ? 1.351   9.112   -16.527 1.00 72.33 ? 511 HOH A O   1 
HETATM 1377 O  O   . HOH E 3 .   ? 11.824  -4.714  -5.275  1.00 72.66 ? 512 HOH A O   1 
# 
